data_6LCK
#
_entry.id   6LCK
#
_cell.length_a   118.631
_cell.length_b   205.288
_cell.length_c   163.898
_cell.angle_alpha   90.000
_cell.angle_beta   90.000
_cell.angle_gamma   90.000
#
_symmetry.space_group_name_H-M   'C 2 2 21'
#
loop_
_entity.id
_entity.type
_entity.pdbx_description
1 polymer Alpha-galactosidase
2 non-polymer '4-nitrophenyl alpha-D-galactopyranoside'
#
_entity_poly.entity_id   1
_entity_poly.type   'polypeptide(L)'
_entity_poly.pdbx_seq_one_letter_code
;GSHMRLNLGGAEVFLRAEGLEEAPGGVRLWGREVRVFPPFPAKGFFRHGWQSWSLAAWVDPAQAPTPLLPEARRPQADDP
FLLEAGAWWGSGVGALRGPDGRALLLGALDLGARVLGREDLLLGRYAGKGGAWFLAYGPEEEVFAAYARLLPRRLSGRPP
RVWCSWYSFYTRIGEDLLLRVLDEVAAFSFEVFQIDDGWQRALGDWEPNDRFPRGMAFLAERIRERGLRAGLWFAPFLVT
ADSPLFQKRPDWVLRDGEGRPVRAGFNWGRPLYALDAGNEEVVEWAADLVRKALAWGYDYLKLDFLYAAALPGAEGEARY
RKAMARLREAAGEAYLLFCGAPVLASLGLADGLRVGPDVAPYWDNEERSFWLADPTGPGLRNALRSTLHRLWLMENVHVD
PDVVYFRTRFNLLSPEEMRLQEALAHFTGFKATSDPPSWLLPEEKGRLEAFLAREVPVRRLGPYRFRVGEEEVDYAPLL
;
_entity_poly.pdbx_strand_id   A,B,C
#
loop_
_chem_comp.id
_chem_comp.type
_chem_comp.name
_chem_comp.formula
9PG D-saccharide '4-nitrophenyl alpha-D-galactopyranoside' 'C12 H15 N O8'
#
# COMPACT_ATOMS: atom_id res chain seq x y z
N GLY A 1 58.78 34.95 -25.93
CA GLY A 1 59.78 35.42 -24.97
C GLY A 1 61.19 34.90 -25.22
N SER A 2 61.81 34.36 -24.16
CA SER A 2 63.20 33.91 -24.22
C SER A 2 63.30 32.46 -24.71
N HIS A 3 64.33 32.17 -25.49
CA HIS A 3 64.60 30.80 -25.90
C HIS A 3 65.31 30.03 -24.78
N MET A 4 64.93 28.77 -24.61
CA MET A 4 65.52 27.90 -23.59
C MET A 4 65.64 26.49 -24.15
N ARG A 5 66.52 25.69 -23.53
CA ARG A 5 66.75 24.30 -23.90
C ARG A 5 66.78 23.45 -22.64
N LEU A 6 66.28 22.22 -22.78
CA LEU A 6 66.00 21.42 -21.60
C LEU A 6 66.16 19.94 -21.87
N ASN A 7 66.56 19.22 -20.81
CA ASN A 7 66.58 17.76 -20.75
C ASN A 7 65.28 17.33 -20.06
N LEU A 8 64.35 16.79 -20.85
CA LEU A 8 63.04 16.37 -20.39
C LEU A 8 62.84 14.93 -20.79
N GLY A 9 62.54 14.07 -19.84
CA GLY A 9 62.42 12.65 -20.16
C GLY A 9 63.59 12.12 -20.94
N GLY A 10 64.80 12.60 -20.63
CA GLY A 10 66.01 12.14 -21.28
C GLY A 10 66.11 12.50 -22.75
N ALA A 11 65.30 13.45 -23.21
CA ALA A 11 65.38 13.99 -24.55
C ALA A 11 65.68 15.49 -24.46
N GLU A 12 66.13 16.06 -25.57
CA GLU A 12 66.41 17.48 -25.64
C GLU A 12 65.25 18.20 -26.30
N VAL A 13 64.71 19.19 -25.60
CA VAL A 13 63.46 19.85 -25.97
C VAL A 13 63.71 21.35 -26.00
N PHE A 14 63.46 21.97 -27.14
CA PHE A 14 63.63 23.41 -27.25
C PHE A 14 62.29 24.11 -27.03
N LEU A 15 62.34 25.26 -26.37
CA LEU A 15 61.11 25.91 -25.98
C LEU A 15 61.32 27.41 -25.90
N ARG A 16 60.20 28.12 -25.76
CA ARG A 16 60.18 29.57 -25.70
C ARG A 16 59.15 29.96 -24.65
N ALA A 17 59.58 30.63 -23.57
CA ALA A 17 58.70 31.04 -22.48
C ALA A 17 59.33 32.24 -21.80
N GLU A 18 58.60 32.83 -20.84
CA GLU A 18 59.18 33.92 -20.07
C GLU A 18 59.82 33.46 -18.77
N GLY A 19 59.83 32.16 -18.51
CA GLY A 19 60.29 31.65 -17.23
C GLY A 19 60.17 30.15 -17.18
N LEU A 20 61.01 29.54 -16.36
CA LEU A 20 61.03 28.08 -16.21
C LEU A 20 61.58 27.72 -14.84
N GLU A 21 60.88 26.85 -14.11
CA GLU A 21 61.43 26.26 -12.89
C GLU A 21 61.11 24.76 -12.82
N GLU A 22 61.73 24.08 -11.85
CA GLU A 22 61.52 22.65 -11.67
C GLU A 22 60.16 22.39 -11.06
N ALA A 23 59.62 21.20 -11.32
CA ALA A 23 58.31 20.83 -10.81
C ALA A 23 58.19 19.32 -10.85
N PRO A 24 57.34 18.73 -10.00
CA PRO A 24 57.32 17.25 -9.90
C PRO A 24 56.82 16.59 -11.17
N GLY A 25 57.69 15.85 -11.86
CA GLY A 25 57.31 15.16 -13.08
C GLY A 25 57.72 15.85 -14.37
N GLY A 26 58.14 17.13 -14.29
CA GLY A 26 58.51 17.93 -15.44
C GLY A 26 58.98 19.32 -15.06
N VAL A 27 58.46 20.36 -15.71
CA VAL A 27 58.89 21.74 -15.45
C VAL A 27 57.68 22.68 -15.45
N ARG A 28 57.86 23.82 -14.81
CA ARG A 28 56.85 24.86 -14.72
C ARG A 28 57.29 26.01 -15.61
N LEU A 29 56.53 26.27 -16.67
CA LEU A 29 56.80 27.39 -17.55
C LEU A 29 55.89 28.56 -17.19
N TRP A 30 56.32 29.75 -17.57
CA TRP A 30 55.51 30.92 -17.40
C TRP A 30 55.52 31.69 -18.73
N GLY A 31 54.45 32.44 -18.98
CA GLY A 31 54.28 33.19 -20.21
C GLY A 31 52.83 33.20 -20.68
N ARG A 32 52.36 34.32 -21.23
CA ARG A 32 51.03 34.34 -21.82
C ARG A 32 50.95 33.45 -23.05
N GLU A 33 52.03 33.39 -23.85
CA GLU A 33 52.14 32.41 -24.92
C GLU A 33 53.48 31.71 -24.78
N VAL A 34 53.49 30.38 -24.89
CA VAL A 34 54.70 29.59 -24.83
C VAL A 34 54.68 28.58 -25.98
N ARG A 35 55.87 28.24 -26.46
CA ARG A 35 56.02 27.30 -27.58
C ARG A 35 57.00 26.22 -27.17
N VAL A 36 56.70 24.99 -27.55
CA VAL A 36 57.47 23.81 -27.18
C VAL A 36 57.64 22.98 -28.45
N PHE A 37 58.87 22.53 -28.72
CA PHE A 37 59.15 21.86 -29.99
C PHE A 37 59.51 20.41 -29.73
N PRO A 38 58.77 19.46 -30.28
CA PRO A 38 59.00 18.06 -29.94
C PRO A 38 60.28 17.56 -30.56
N PRO A 39 61.07 16.77 -29.82
CA PRO A 39 62.28 16.16 -30.40
C PRO A 39 61.96 14.90 -31.18
N PHE A 40 60.92 14.93 -32.00
CA PHE A 40 60.50 13.76 -32.76
C PHE A 40 59.46 14.21 -33.78
N PRO A 41 59.26 13.42 -34.83
CA PRO A 41 58.07 13.64 -35.69
C PRO A 41 56.81 13.17 -34.95
N ALA A 42 55.89 14.10 -34.71
CA ALA A 42 54.75 13.85 -33.84
C ALA A 42 53.64 13.10 -34.59
N LYS A 43 53.32 11.89 -34.15
CA LYS A 43 52.30 11.18 -34.89
C LYS A 43 50.87 11.55 -34.50
N GLY A 44 50.66 12.10 -33.30
CA GLY A 44 49.31 12.38 -32.84
C GLY A 44 49.25 13.54 -31.86
N PHE A 45 48.11 14.24 -31.88
CA PHE A 45 47.86 15.37 -31.00
C PHE A 45 46.67 15.03 -30.11
N PHE A 46 46.79 15.32 -28.81
CA PHE A 46 45.67 15.11 -27.90
C PHE A 46 44.80 16.37 -27.94
N ARG A 47 43.62 16.25 -28.53
CA ARG A 47 42.75 17.40 -28.67
C ARG A 47 41.71 17.29 -27.57
N HIS A 48 41.80 18.18 -26.59
CA HIS A 48 40.95 18.16 -25.42
C HIS A 48 39.86 19.21 -25.59
N GLY A 49 38.62 18.77 -25.76
CA GLY A 49 37.52 19.71 -25.88
C GLY A 49 37.29 20.49 -24.59
N TRP A 50 36.45 21.51 -24.69
CA TRP A 50 36.29 22.47 -23.59
C TRP A 50 35.46 21.89 -22.45
N GLN A 51 34.25 21.45 -22.73
CA GLN A 51 33.33 21.07 -21.68
C GLN A 51 33.12 19.56 -21.65
N SER A 52 32.14 19.15 -20.84
CA SER A 52 31.83 17.73 -20.64
C SER A 52 31.56 17.01 -21.95
N TRP A 53 30.75 17.63 -22.81
CA TRP A 53 30.27 16.95 -24.00
C TRP A 53 31.23 17.08 -25.18
N SER A 54 32.21 17.97 -25.08
CA SER A 54 33.14 18.22 -26.16
C SER A 54 33.99 16.98 -26.45
N LEU A 55 34.64 16.98 -27.60
CA LEU A 55 35.41 15.82 -28.01
C LEU A 55 36.76 15.82 -27.34
N ALA A 56 37.14 14.66 -26.81
CA ALA A 56 38.45 14.45 -26.19
C ALA A 56 39.03 13.17 -26.78
N ALA A 57 40.03 13.32 -27.64
CA ALA A 57 40.67 12.17 -28.28
C ALA A 57 42.00 12.60 -28.88
N TRP A 58 42.76 11.60 -29.32
CA TRP A 58 43.95 11.82 -30.12
C TRP A 58 43.55 11.96 -31.58
N VAL A 59 44.10 12.97 -32.25
CA VAL A 59 43.80 13.23 -33.64
C VAL A 59 45.10 13.27 -34.42
N ASP A 60 44.93 13.24 -35.74
CA ASP A 60 45.97 13.47 -36.73
C ASP A 60 46.11 14.97 -36.97
N PRO A 61 47.18 15.59 -36.48
CA PRO A 61 47.33 17.05 -36.69
C PRO A 61 47.47 17.40 -38.16
N ALA A 62 47.86 16.44 -39.01
CA ALA A 62 48.08 16.72 -40.43
C ALA A 62 46.77 17.06 -41.13
N GLN A 63 45.74 16.23 -40.95
CA GLN A 63 44.45 16.46 -41.60
C GLN A 63 43.73 17.63 -40.93
N ALA A 64 42.83 18.27 -41.68
CA ALA A 64 42.17 19.46 -41.17
C ALA A 64 40.95 19.08 -40.31
N PRO A 65 40.62 19.89 -39.30
CA PRO A 65 39.35 19.69 -38.59
C PRO A 65 38.13 19.91 -39.50
N THR A 66 37.10 19.10 -39.26
CA THR A 66 35.87 19.21 -40.04
C THR A 66 34.90 20.15 -39.33
N PRO A 67 34.21 21.03 -40.07
CA PRO A 67 33.25 21.92 -39.41
C PRO A 67 32.06 21.16 -38.82
N LEU A 68 31.72 21.51 -37.58
CA LEU A 68 30.59 20.92 -36.87
C LEU A 68 29.30 21.62 -37.30
N LEU A 69 28.27 20.82 -37.53
CA LEU A 69 27.00 21.32 -38.04
C LEU A 69 25.86 20.76 -37.22
N PRO A 70 24.72 21.47 -37.16
CA PRO A 70 24.51 22.79 -37.76
C PRO A 70 25.11 23.90 -36.91
N GLU A 71 25.34 25.10 -37.47
CA GLU A 71 25.97 26.19 -36.73
C GLU A 71 25.18 26.59 -35.47
N ALA A 72 23.86 26.39 -35.46
CA ALA A 72 23.06 26.75 -34.30
C ALA A 72 23.45 25.96 -33.03
N ARG A 73 24.12 24.81 -33.18
CA ARG A 73 24.45 23.93 -32.06
C ARG A 73 25.88 24.06 -31.57
N ARG A 74 26.70 24.86 -32.25
CA ARG A 74 28.09 24.98 -31.83
C ARG A 74 28.26 25.47 -30.39
N PRO A 75 27.54 26.48 -29.89
CA PRO A 75 27.79 26.94 -28.52
C PRO A 75 27.52 25.89 -27.45
N GLN A 76 26.75 24.85 -27.73
CA GLN A 76 26.53 23.79 -26.76
C GLN A 76 27.41 22.56 -27.02
N ALA A 77 28.25 22.59 -28.04
CA ALA A 77 29.19 21.50 -28.31
C ALA A 77 30.59 21.75 -27.76
N ASP A 78 31.08 22.99 -27.78
CA ASP A 78 32.47 23.24 -27.44
C ASP A 78 32.72 24.74 -27.26
N ASP A 79 33.96 25.07 -26.96
CA ASP A 79 34.46 26.43 -27.05
C ASP A 79 34.29 26.88 -28.49
N PRO A 80 33.47 27.90 -28.78
CA PRO A 80 33.25 28.31 -30.17
C PRO A 80 34.55 28.53 -30.92
N PHE A 81 35.58 29.03 -30.23
CA PHE A 81 36.87 29.21 -30.89
C PHE A 81 37.42 27.90 -31.43
N LEU A 82 37.36 26.81 -30.65
CA LEU A 82 37.98 25.56 -31.10
C LEU A 82 37.27 24.95 -32.30
N LEU A 83 36.03 25.35 -32.56
CA LEU A 83 35.29 24.87 -33.71
C LEU A 83 35.48 25.79 -34.93
N GLU A 84 35.49 27.12 -34.73
CA GLU A 84 35.67 28.12 -35.78
C GLU A 84 37.04 28.08 -36.44
N ALA A 85 38.06 27.55 -35.77
CA ALA A 85 39.40 27.64 -36.31
C ALA A 85 39.66 26.56 -37.34
N GLY A 86 40.56 26.86 -38.27
CA GLY A 86 41.08 25.94 -39.26
C GLY A 86 42.32 25.19 -38.82
N ALA A 87 42.71 25.29 -37.54
CA ALA A 87 43.75 24.47 -36.92
C ALA A 87 43.18 23.66 -35.75
N TRP A 88 44.02 22.80 -35.19
CA TRP A 88 43.63 21.99 -34.04
C TRP A 88 43.97 22.74 -32.77
N TRP A 89 42.96 23.31 -32.13
CA TRP A 89 43.10 23.85 -30.79
C TRP A 89 42.39 22.96 -29.77
N GLY A 90 42.97 22.91 -28.57
CA GLY A 90 42.33 22.29 -27.43
C GLY A 90 42.23 23.27 -26.26
N SER A 91 41.48 22.84 -25.24
CA SER A 91 41.17 23.65 -24.07
C SER A 91 42.08 23.26 -22.90
N GLY A 92 42.85 24.22 -22.39
CA GLY A 92 43.65 24.00 -21.21
C GLY A 92 44.87 23.11 -21.37
N VAL A 93 44.75 21.95 -22.05
CA VAL A 93 45.85 21.00 -22.11
C VAL A 93 45.91 20.34 -23.48
N GLY A 94 47.13 20.07 -23.94
CA GLY A 94 47.35 19.42 -25.21
C GLY A 94 48.61 18.61 -25.15
N ALA A 95 48.80 17.78 -26.16
CA ALA A 95 49.89 16.81 -26.08
C ALA A 95 50.21 16.27 -27.47
N LEU A 96 51.50 15.98 -27.66
CA LEU A 96 52.02 15.39 -28.89
C LEU A 96 52.56 14.01 -28.59
N ARG A 97 52.33 13.09 -29.51
CA ARG A 97 52.63 11.68 -29.30
C ARG A 97 53.81 11.28 -30.19
N GLY A 98 54.89 10.81 -29.55
CA GLY A 98 56.06 10.34 -30.26
C GLY A 98 55.84 9.02 -30.98
N PRO A 99 56.83 8.60 -31.78
CA PRO A 99 56.74 7.25 -32.39
C PRO A 99 56.82 6.11 -31.36
N ASP A 100 57.20 6.41 -30.12
CA ASP A 100 57.47 5.41 -29.09
C ASP A 100 56.36 5.29 -28.05
N GLY A 101 55.16 5.79 -28.34
CA GLY A 101 54.07 5.73 -27.38
C GLY A 101 54.32 6.53 -26.11
N ARG A 102 54.98 7.67 -26.24
CA ARG A 102 55.17 8.61 -25.14
C ARG A 102 54.57 9.93 -25.55
N ALA A 103 54.35 10.80 -24.57
CA ALA A 103 53.65 12.05 -24.81
C ALA A 103 54.47 13.26 -24.37
N LEU A 104 54.43 14.30 -25.19
CA LEU A 104 54.90 15.63 -24.80
C LEU A 104 53.65 16.41 -24.38
N LEU A 105 53.54 16.73 -23.10
CA LEU A 105 52.34 17.34 -22.55
C LEU A 105 52.61 18.79 -22.18
N LEU A 106 51.70 19.67 -22.57
CA LEU A 106 51.72 21.07 -22.17
C LEU A 106 50.35 21.40 -21.59
N GLY A 107 50.32 21.75 -20.32
CA GLY A 107 49.04 21.97 -19.68
C GLY A 107 49.04 23.23 -18.87
N ALA A 108 47.96 24.01 -18.93
CA ALA A 108 47.92 25.23 -18.14
C ALA A 108 47.69 24.92 -16.66
N LEU A 109 48.06 25.87 -15.81
CA LEU A 109 47.75 25.77 -14.40
C LEU A 109 46.86 26.92 -13.95
N ASP A 110 46.21 27.61 -14.88
CA ASP A 110 45.32 28.72 -14.56
C ASP A 110 44.21 28.74 -15.60
N LEU A 111 43.08 29.33 -15.22
CA LEU A 111 41.91 29.43 -16.10
C LEU A 111 42.25 30.13 -17.41
N GLY A 112 41.59 29.70 -18.48
CA GLY A 112 41.52 30.50 -19.69
C GLY A 112 42.58 30.26 -20.73
N ALA A 113 43.17 29.06 -20.79
CA ALA A 113 44.19 28.77 -21.78
C ALA A 113 43.65 27.89 -22.91
N ARG A 114 44.33 27.96 -24.05
CA ARG A 114 44.14 27.00 -25.12
C ARG A 114 45.51 26.53 -25.57
N VAL A 115 45.55 25.35 -26.17
CA VAL A 115 46.79 24.76 -26.65
C VAL A 115 46.60 24.33 -28.09
N LEU A 116 47.51 24.76 -28.96
CA LEU A 116 47.49 24.47 -30.38
C LEU A 116 48.47 23.35 -30.68
N GLY A 117 48.02 22.37 -31.46
CA GLY A 117 48.86 21.26 -31.86
C GLY A 117 49.18 21.19 -33.34
N ARG A 118 50.46 21.27 -33.67
CA ARG A 118 50.96 20.91 -34.98
C ARG A 118 51.83 19.67 -34.83
N GLU A 119 52.16 19.06 -35.95
CA GLU A 119 53.12 17.98 -35.87
C GLU A 119 54.51 18.47 -35.45
N ASP A 120 54.79 19.77 -35.58
CA ASP A 120 56.10 20.29 -35.21
C ASP A 120 56.07 21.23 -34.02
N LEU A 121 54.92 21.38 -33.33
CA LEU A 121 54.78 22.43 -32.32
C LEU A 121 53.61 22.18 -31.36
N LEU A 122 53.83 22.52 -30.09
CA LEU A 122 52.77 22.72 -29.12
C LEU A 122 52.78 24.19 -28.71
N LEU A 123 51.70 24.91 -28.95
CA LEU A 123 51.65 26.33 -28.66
C LEU A 123 50.59 26.57 -27.60
N GLY A 124 51.00 27.13 -26.45
CA GLY A 124 50.09 27.44 -25.40
C GLY A 124 49.79 28.94 -25.40
N ARG A 125 48.51 29.27 -25.34
CA ARG A 125 48.11 30.67 -25.29
C ARG A 125 47.00 30.86 -24.27
N TYR A 126 47.19 31.83 -23.36
CA TYR A 126 46.14 32.29 -22.46
C TYR A 126 45.29 33.35 -23.16
N ALA A 127 43.98 33.22 -23.04
CA ALA A 127 43.11 34.21 -23.66
C ALA A 127 43.16 35.54 -22.94
N GLY A 128 43.21 35.52 -21.61
CA GLY A 128 43.34 36.75 -20.85
C GLY A 128 44.78 37.05 -20.46
N LYS A 129 45.00 37.40 -19.21
CA LYS A 129 46.37 37.62 -18.75
C LYS A 129 47.07 36.28 -18.56
N GLY A 130 48.38 36.29 -18.85
CA GLY A 130 49.21 35.10 -18.83
C GLY A 130 49.16 34.27 -17.56
N GLY A 131 49.99 33.24 -17.50
CA GLY A 131 49.98 32.36 -16.36
C GLY A 131 50.97 31.21 -16.53
N ALA A 132 50.84 30.23 -15.63
CA ALA A 132 51.77 29.12 -15.49
C ALA A 132 51.39 27.94 -16.38
N TRP A 133 52.37 27.06 -16.58
CA TRP A 133 52.22 25.91 -17.46
C TRP A 133 52.96 24.74 -16.85
N PHE A 134 52.54 23.54 -17.23
CA PHE A 134 53.23 22.33 -16.82
C PHE A 134 53.67 21.63 -18.10
N LEU A 135 54.96 21.41 -18.22
CA LEU A 135 55.51 20.68 -19.35
C LEU A 135 56.03 19.34 -18.86
N ALA A 136 55.86 18.30 -19.67
CA ALA A 136 56.38 17.00 -19.28
C ALA A 136 56.53 16.15 -20.52
N TYR A 137 57.52 15.27 -20.49
CA TYR A 137 57.71 14.31 -21.56
C TYR A 137 57.96 12.97 -20.88
N GLY A 138 57.17 11.97 -21.23
CA GLY A 138 57.31 10.66 -20.65
C GLY A 138 56.23 9.71 -21.11
N PRO A 139 56.06 8.60 -20.39
CA PRO A 139 54.96 7.66 -20.71
C PRO A 139 53.61 8.35 -20.61
N GLU A 140 52.71 8.01 -21.55
CA GLU A 140 51.43 8.72 -21.67
C GLU A 140 50.74 8.89 -20.32
N GLU A 141 50.59 7.80 -19.57
CA GLU A 141 49.81 7.90 -18.35
C GLU A 141 50.52 8.70 -17.27
N GLU A 142 51.84 8.60 -17.18
CA GLU A 142 52.56 9.30 -16.11
C GLU A 142 52.45 10.81 -16.28
N VAL A 143 52.54 11.31 -17.51
CA VAL A 143 52.55 12.76 -17.69
C VAL A 143 51.17 13.34 -17.39
N PHE A 144 50.10 12.70 -17.85
CA PHE A 144 48.77 13.19 -17.49
C PHE A 144 48.51 13.06 -16.00
N ALA A 145 49.07 12.03 -15.35
CA ALA A 145 48.94 11.94 -13.90
C ALA A 145 49.70 13.05 -13.21
N ALA A 146 50.97 13.25 -13.59
CA ALA A 146 51.76 14.37 -13.08
C ALA A 146 51.04 15.71 -13.28
N TYR A 147 50.35 15.89 -14.39
CA TYR A 147 49.66 17.16 -14.64
C TYR A 147 48.46 17.31 -13.72
N ALA A 148 47.68 16.25 -13.54
CA ALA A 148 46.50 16.38 -12.69
C ALA A 148 46.87 16.65 -11.24
N ARG A 149 48.05 16.20 -10.79
CA ARG A 149 48.45 16.47 -9.41
C ARG A 149 48.58 17.95 -9.15
N LEU A 150 48.90 18.71 -10.20
CA LEU A 150 49.07 20.16 -10.11
C LEU A 150 47.75 20.91 -10.20
N LEU A 151 46.67 20.23 -10.42
CA LEU A 151 45.41 20.93 -10.44
C LEU A 151 44.65 20.73 -9.13
N PRO A 152 43.65 21.57 -8.82
CA PRO A 152 42.90 21.38 -7.59
C PRO A 152 42.23 20.02 -7.53
N ARG A 153 41.81 19.69 -6.32
CA ARG A 153 41.19 18.41 -6.07
C ARG A 153 40.06 18.56 -5.07
N ARG A 154 38.95 17.87 -5.31
CA ARG A 154 37.94 17.67 -4.28
C ARG A 154 37.45 16.23 -4.39
N LEU A 155 37.96 15.35 -3.50
CA LEU A 155 37.64 13.92 -3.51
C LEU A 155 36.85 13.57 -2.23
N SER A 156 35.53 13.51 -2.37
CA SER A 156 34.58 13.36 -1.24
C SER A 156 34.15 11.90 -1.08
N GLY A 157 35.07 11.08 -0.55
CA GLY A 157 34.74 9.67 -0.37
C GLY A 157 34.55 8.98 -1.70
N ARG A 158 33.60 8.05 -1.75
CA ARG A 158 33.22 7.31 -2.94
C ARG A 158 31.96 7.91 -3.55
N PRO A 159 31.78 7.84 -4.86
CA PRO A 159 30.60 8.48 -5.48
C PRO A 159 29.32 7.73 -5.14
N PRO A 160 28.25 8.46 -4.86
CA PRO A 160 26.97 7.82 -4.51
C PRO A 160 26.42 7.04 -5.69
N ARG A 161 25.54 6.09 -5.36
CA ARG A 161 24.88 5.25 -6.36
C ARG A 161 23.54 5.90 -6.68
N VAL A 162 23.33 6.25 -7.94
CA VAL A 162 22.23 7.15 -8.31
C VAL A 162 21.27 6.43 -9.24
N TRP A 163 19.98 6.51 -8.93
CA TRP A 163 18.96 6.31 -9.94
C TRP A 163 18.49 7.67 -10.42
N CYS A 164 18.54 7.88 -11.74
CA CYS A 164 18.34 9.16 -12.39
C CYS A 164 17.14 9.04 -13.33
N SER A 165 16.29 10.04 -13.39
CA SER A 165 15.07 9.81 -14.17
C SER A 165 15.23 10.03 -15.67
N TRP A 166 16.40 10.50 -16.15
CA TRP A 166 16.43 11.09 -17.49
C TRP A 166 16.46 10.03 -18.59
N TYR A 167 17.31 9.02 -18.47
CA TYR A 167 17.60 8.16 -19.62
C TYR A 167 16.57 7.04 -19.77
N SER A 168 15.34 7.35 -19.41
CA SER A 168 14.22 6.46 -19.66
C SER A 168 12.99 7.29 -19.96
N PHE A 169 12.67 8.24 -19.08
CA PHE A 169 11.46 9.04 -19.18
C PHE A 169 11.69 10.39 -19.85
N TYR A 170 12.94 10.83 -19.93
CA TYR A 170 13.28 12.11 -20.52
C TYR A 170 12.39 13.18 -19.87
N THR A 171 11.89 14.15 -20.62
CA THR A 171 11.16 15.23 -19.96
C THR A 171 9.79 14.81 -19.49
N ARG A 172 9.34 13.62 -19.89
CA ARG A 172 7.96 13.25 -19.66
C ARG A 172 7.86 12.53 -18.30
N ILE A 173 8.09 13.32 -17.23
CA ILE A 173 8.09 12.85 -15.85
C ILE A 173 7.01 13.59 -15.07
N GLY A 174 6.56 12.97 -13.98
CA GLY A 174 5.57 13.62 -13.14
C GLY A 174 5.55 13.04 -11.74
N GLU A 175 4.90 13.78 -10.85
CA GLU A 175 4.85 13.40 -9.43
C GLU A 175 4.29 11.99 -9.25
N ASP A 176 3.17 11.66 -9.91
CA ASP A 176 2.58 10.34 -9.76
C ASP A 176 3.47 9.26 -10.35
N LEU A 177 3.97 9.47 -11.57
CA LEU A 177 4.84 8.47 -12.16
C LEU A 177 6.07 8.19 -11.29
N LEU A 178 6.72 9.23 -10.79
CA LEU A 178 7.98 9.00 -10.06
C LEU A 178 7.73 8.38 -8.69
N LEU A 179 6.60 8.66 -8.05
CA LEU A 179 6.31 7.93 -6.82
C LEU A 179 6.19 6.43 -7.10
N ARG A 180 5.56 6.06 -8.22
CA ARG A 180 5.49 4.65 -8.57
C ARG A 180 6.89 4.09 -8.76
N VAL A 181 7.77 4.84 -9.43
CA VAL A 181 9.10 4.33 -9.72
C VAL A 181 9.94 4.28 -8.45
N LEU A 182 9.80 5.30 -7.59
CA LEU A 182 10.51 5.31 -6.31
C LEU A 182 10.23 4.04 -5.50
N ASP A 183 9.00 3.52 -5.58
CA ASP A 183 8.68 2.30 -4.83
C ASP A 183 9.37 1.07 -5.43
N GLU A 184 9.58 1.01 -6.75
CA GLU A 184 10.37 -0.12 -7.26
C GLU A 184 11.85 0.09 -7.01
N VAL A 185 12.32 1.33 -7.20
CA VAL A 185 13.75 1.64 -7.09
C VAL A 185 14.27 1.41 -5.68
N ALA A 186 13.44 1.71 -4.68
CA ALA A 186 13.88 1.56 -3.30
C ALA A 186 14.14 0.10 -2.93
N ALA A 187 13.72 -0.86 -3.75
CA ALA A 187 14.09 -2.25 -3.52
C ALA A 187 15.57 -2.53 -3.79
N PHE A 188 16.33 -1.54 -4.26
CA PHE A 188 17.70 -1.75 -4.67
C PHE A 188 18.67 -0.89 -3.86
N SER A 189 19.95 -1.27 -3.91
CA SER A 189 21.00 -0.57 -3.17
C SER A 189 21.43 0.70 -3.90
N PHE A 190 20.49 1.63 -4.04
CA PHE A 190 20.81 2.99 -4.46
C PHE A 190 21.05 3.84 -3.22
N GLU A 191 21.69 4.98 -3.42
CA GLU A 191 21.86 5.95 -2.37
C GLU A 191 21.15 7.26 -2.64
N VAL A 192 20.87 7.57 -3.91
CA VAL A 192 20.24 8.83 -4.31
C VAL A 192 19.14 8.54 -5.31
N PHE A 193 17.97 9.14 -5.10
CA PHE A 193 16.93 9.18 -6.12
C PHE A 193 16.91 10.57 -6.71
N GLN A 194 17.34 10.69 -7.98
CA GLN A 194 17.59 11.99 -8.59
C GLN A 194 16.57 12.26 -9.68
N ILE A 195 15.75 13.28 -9.46
CA ILE A 195 14.81 13.76 -10.47
C ILE A 195 15.56 14.64 -11.46
N ASP A 196 15.46 14.34 -12.75
CA ASP A 196 16.19 15.08 -13.76
C ASP A 196 15.30 16.15 -14.42
N ASP A 197 15.69 16.62 -15.60
CA ASP A 197 14.92 17.64 -16.32
C ASP A 197 13.48 17.19 -16.54
N GLY A 198 12.54 18.09 -16.29
CA GLY A 198 11.13 17.82 -16.55
C GLY A 198 10.15 18.27 -15.48
N TRP A 199 10.67 18.66 -14.31
CA TRP A 199 9.85 19.03 -13.15
C TRP A 199 9.55 20.52 -13.08
N GLN A 200 10.33 21.34 -13.77
CA GLN A 200 10.27 22.80 -13.71
C GLN A 200 9.26 23.37 -14.74
N ARG A 201 8.80 24.59 -14.44
CA ARG A 201 7.85 25.24 -15.36
C ARG A 201 8.56 25.81 -16.59
N ALA A 202 9.79 26.28 -16.45
CA ALA A 202 10.58 26.75 -17.59
C ALA A 202 12.00 26.96 -17.10
N LEU A 203 12.93 27.10 -18.05
CA LEU A 203 14.28 27.51 -17.69
C LEU A 203 14.24 28.91 -17.10
N GLY A 204 14.87 29.08 -15.94
CA GLY A 204 14.74 30.31 -15.20
C GLY A 204 13.53 30.40 -14.30
N ASP A 205 12.57 29.48 -14.43
CA ASP A 205 11.36 29.43 -13.60
C ASP A 205 11.41 28.12 -12.84
N TRP A 206 12.28 28.07 -11.82
CA TRP A 206 12.63 26.82 -11.17
C TRP A 206 11.68 26.54 -10.01
N GLU A 207 10.44 26.35 -10.42
CA GLU A 207 9.33 25.96 -9.57
C GLU A 207 8.64 24.76 -10.20
N PRO A 208 7.95 23.95 -9.40
CA PRO A 208 7.30 22.75 -9.94
C PRO A 208 6.14 23.07 -10.88
N ASN A 209 5.98 22.24 -11.92
CA ASN A 209 4.95 22.48 -12.91
C ASN A 209 3.68 21.70 -12.56
N ASP A 210 2.69 21.76 -13.47
CA ASP A 210 1.36 21.22 -13.21
C ASP A 210 1.41 19.72 -12.88
N ARG A 211 2.37 18.99 -13.45
CA ARG A 211 2.50 17.56 -13.19
C ARG A 211 3.21 17.25 -11.87
N PHE A 212 3.62 18.27 -11.11
CA PHE A 212 4.16 18.08 -9.76
C PHE A 212 3.32 18.86 -8.74
N PRO A 213 2.02 18.57 -8.64
CA PRO A 213 1.12 19.48 -7.91
C PRO A 213 1.48 19.70 -6.46
N ARG A 214 1.96 18.66 -5.77
CA ARG A 214 2.23 18.78 -4.34
C ARG A 214 3.60 19.40 -4.05
N GLY A 215 4.34 19.84 -5.07
CA GLY A 215 5.61 20.50 -4.87
C GLY A 215 6.80 19.54 -4.74
N MET A 216 7.98 20.13 -4.65
CA MET A 216 9.21 19.36 -4.67
C MET A 216 9.71 19.01 -3.27
N ALA A 217 9.29 19.73 -2.23
CA ALA A 217 9.65 19.29 -0.88
C ALA A 217 8.84 18.04 -0.49
N PHE A 218 7.59 17.96 -0.93
CA PHE A 218 6.82 16.74 -0.78
C PHE A 218 7.55 15.55 -1.37
N LEU A 219 8.13 15.74 -2.56
CA LEU A 219 8.82 14.64 -3.25
C LEU A 219 10.12 14.27 -2.56
N ALA A 220 10.84 15.25 -2.02
CA ALA A 220 12.05 14.91 -1.28
C ALA A 220 11.72 14.17 0.00
N GLU A 221 10.59 14.49 0.63
CA GLU A 221 10.23 13.79 1.86
C GLU A 221 9.94 12.32 1.58
N ARG A 222 9.16 12.04 0.53
CA ARG A 222 8.88 10.65 0.18
C ARG A 222 10.17 9.87 -0.10
N ILE A 223 11.14 10.50 -0.74
CA ILE A 223 12.39 9.81 -1.06
C ILE A 223 13.16 9.48 0.21
N ARG A 224 13.19 10.40 1.17
CA ARG A 224 13.93 10.17 2.41
C ARG A 224 13.20 9.18 3.31
N GLU A 225 11.89 9.05 3.15
CA GLU A 225 11.14 8.06 3.91
C GLU A 225 11.45 6.65 3.48
N ARG A 226 12.32 6.48 2.48
CA ARG A 226 12.79 5.18 2.05
C ARG A 226 14.28 5.03 2.29
N GLY A 227 14.85 5.93 3.08
CA GLY A 227 16.27 5.91 3.35
C GLY A 227 17.13 6.28 2.17
N LEU A 228 16.59 7.05 1.23
CA LEU A 228 17.31 7.56 0.08
C LEU A 228 17.57 9.07 0.20
N ARG A 229 18.64 9.54 -0.41
CA ARG A 229 18.87 10.97 -0.57
C ARG A 229 18.17 11.48 -1.83
N ALA A 230 17.58 12.67 -1.73
CA ALA A 230 16.87 13.26 -2.85
C ALA A 230 17.82 14.08 -3.73
N GLY A 231 17.70 13.90 -5.05
CA GLY A 231 18.53 14.62 -6.01
C GLY A 231 17.68 15.39 -7.00
N LEU A 232 18.17 16.58 -7.39
CA LEU A 232 17.43 17.47 -8.28
C LEU A 232 18.33 18.06 -9.36
N TRP A 233 17.74 18.32 -10.52
CA TRP A 233 18.42 18.86 -11.70
C TRP A 233 18.06 20.32 -11.89
N PHE A 234 19.06 21.15 -12.22
CA PHE A 234 18.88 22.53 -12.66
C PHE A 234 19.81 22.81 -13.84
N ALA A 235 19.43 23.79 -14.67
CA ALA A 235 20.33 24.43 -15.64
C ALA A 235 20.36 25.91 -15.30
N PRO A 236 21.07 26.27 -14.23
CA PRO A 236 20.78 27.54 -13.55
C PRO A 236 20.98 28.78 -14.42
N PHE A 237 22.00 28.80 -15.29
CA PHE A 237 22.30 29.96 -16.12
C PHE A 237 21.75 29.86 -17.53
N LEU A 238 20.73 29.04 -17.76
CA LEU A 238 20.15 28.85 -19.07
C LEU A 238 18.77 29.50 -19.12
N VAL A 239 18.42 30.05 -20.28
CA VAL A 239 17.10 30.65 -20.44
C VAL A 239 16.72 30.61 -21.91
N THR A 240 15.41 30.61 -22.20
CA THR A 240 14.90 30.72 -23.56
C THR A 240 14.04 31.97 -23.72
N ALA A 241 13.69 32.27 -24.97
CA ALA A 241 12.97 33.52 -25.23
C ALA A 241 11.57 33.50 -24.61
N ASP A 242 10.99 32.32 -24.41
CA ASP A 242 9.67 32.21 -23.84
C ASP A 242 9.66 31.98 -22.34
N SER A 243 10.85 32.06 -21.67
CA SER A 243 10.87 31.98 -20.21
C SER A 243 10.47 33.32 -19.60
N PRO A 244 9.63 33.30 -18.57
CA PRO A 244 9.20 34.57 -17.96
C PRO A 244 10.36 35.42 -17.47
N LEU A 245 11.48 34.80 -17.08
CA LEU A 245 12.60 35.55 -16.53
C LEU A 245 13.38 36.27 -17.63
N PHE A 246 13.39 35.71 -18.84
CA PHE A 246 13.90 36.44 -19.99
C PHE A 246 13.18 37.77 -20.17
N GLN A 247 11.85 37.78 -19.98
CA GLN A 247 11.07 39.00 -20.18
C GLN A 247 11.06 39.90 -18.93
N LYS A 248 11.04 39.32 -17.73
CA LYS A 248 10.92 40.13 -16.53
C LYS A 248 12.25 40.77 -16.11
N ARG A 249 13.39 40.20 -16.52
CA ARG A 249 14.69 40.79 -16.24
C ARG A 249 15.55 40.72 -17.49
N PRO A 250 15.22 41.48 -18.55
CA PRO A 250 16.10 41.50 -19.73
C PRO A 250 17.53 41.94 -19.41
N ASP A 251 17.76 42.62 -18.28
CA ASP A 251 19.10 43.05 -17.93
C ASP A 251 19.94 41.91 -17.36
N TRP A 252 19.37 40.72 -17.17
CA TRP A 252 20.11 39.54 -16.70
C TRP A 252 20.67 38.70 -17.85
N VAL A 253 20.15 38.88 -19.07
CA VAL A 253 20.60 38.11 -20.22
C VAL A 253 21.99 38.52 -20.62
N LEU A 254 22.84 37.53 -20.89
CA LEU A 254 24.22 37.81 -21.32
C LEU A 254 24.20 38.24 -22.79
N ARG A 255 24.75 39.43 -23.06
CA ARG A 255 24.61 40.08 -24.35
C ARG A 255 25.97 40.43 -24.91
N ASP A 256 26.02 40.66 -26.23
CA ASP A 256 27.28 40.94 -26.92
C ASP A 256 27.53 42.45 -27.04
N GLY A 257 28.58 42.82 -27.78
CA GLY A 257 28.94 44.23 -27.90
C GLY A 257 27.83 45.13 -28.39
N GLU A 258 26.86 44.57 -29.12
CA GLU A 258 25.73 45.33 -29.64
C GLU A 258 24.44 45.08 -28.88
N GLY A 259 24.52 44.50 -27.69
CA GLY A 259 23.32 44.28 -26.89
C GLY A 259 22.44 43.13 -27.33
N ARG A 260 22.81 42.37 -28.38
CA ARG A 260 22.05 41.19 -28.68
C ARG A 260 22.37 40.06 -27.68
N PRO A 261 21.41 39.20 -27.36
CA PRO A 261 21.72 38.06 -26.47
C PRO A 261 22.69 37.08 -27.13
N VAL A 262 23.71 36.67 -26.36
CA VAL A 262 24.61 35.60 -26.78
C VAL A 262 23.83 34.30 -26.98
N ARG A 263 24.06 33.66 -28.13
CA ARG A 263 23.35 32.42 -28.46
C ARG A 263 24.04 31.25 -27.75
N ALA A 264 23.30 30.53 -26.91
CA ALA A 264 23.88 29.45 -26.11
C ALA A 264 23.61 28.08 -26.70
N GLY A 265 22.85 28.00 -27.81
CA GLY A 265 22.63 26.77 -28.56
C GLY A 265 21.16 26.58 -28.89
N PHE A 266 20.83 25.35 -29.27
CA PHE A 266 19.50 24.96 -29.72
C PHE A 266 19.13 23.65 -29.01
N ASN A 267 18.04 23.67 -28.25
CA ASN A 267 17.59 22.46 -27.56
C ASN A 267 16.12 22.62 -27.19
N TRP A 268 15.46 21.50 -26.90
CA TRP A 268 14.02 21.49 -26.68
C TRP A 268 13.32 22.20 -27.83
N GLY A 269 13.90 22.07 -29.03
CA GLY A 269 13.39 22.70 -30.23
C GLY A 269 13.24 24.21 -30.21
N ARG A 270 14.08 24.94 -29.47
CA ARG A 270 14.07 26.39 -29.53
C ARG A 270 15.47 26.91 -29.28
N PRO A 271 15.73 28.19 -29.59
CA PRO A 271 17.06 28.77 -29.31
C PRO A 271 17.28 28.98 -27.83
N LEU A 272 18.53 28.76 -27.40
CA LEU A 272 18.94 28.89 -26.01
C LEU A 272 19.76 30.17 -25.81
N TYR A 273 19.56 30.79 -24.64
CA TYR A 273 20.31 31.97 -24.21
C TYR A 273 20.87 31.73 -22.79
N ALA A 274 21.74 32.64 -22.36
CA ALA A 274 22.48 32.48 -21.11
C ALA A 274 22.27 33.66 -20.18
N LEU A 275 22.05 33.39 -18.89
CA LEU A 275 22.14 34.45 -17.90
C LEU A 275 23.60 34.84 -17.68
N ASP A 276 23.81 36.14 -17.46
CA ASP A 276 25.13 36.75 -17.37
C ASP A 276 25.75 36.39 -16.03
N ALA A 277 26.78 35.53 -16.06
CA ALA A 277 27.43 35.05 -14.84
C ALA A 277 28.43 36.05 -14.29
N GLY A 278 28.71 37.13 -15.02
CA GLY A 278 29.41 38.27 -14.44
C GLY A 278 28.53 39.20 -13.64
N ASN A 279 27.20 39.02 -13.70
CA ASN A 279 26.26 39.89 -13.02
C ASN A 279 26.05 39.36 -11.59
N GLU A 280 26.40 40.20 -10.61
CA GLU A 280 26.35 39.77 -9.21
C GLU A 280 24.94 39.44 -8.78
N GLU A 281 23.96 40.20 -9.26
CA GLU A 281 22.57 39.91 -8.94
C GLU A 281 22.16 38.54 -9.48
N VAL A 282 22.68 38.16 -10.66
CA VAL A 282 22.38 36.85 -11.20
C VAL A 282 23.00 35.77 -10.32
N VAL A 283 24.28 35.93 -9.99
CA VAL A 283 24.97 34.90 -9.22
C VAL A 283 24.22 34.60 -7.91
N GLU A 284 23.73 35.64 -7.22
CA GLU A 284 23.03 35.36 -5.96
C GLU A 284 21.69 34.67 -6.21
N TRP A 285 20.99 35.04 -7.27
CA TRP A 285 19.78 34.31 -7.65
C TRP A 285 20.08 32.83 -7.90
N ALA A 286 21.16 32.54 -8.63
CA ALA A 286 21.58 31.15 -8.84
C ALA A 286 21.95 30.49 -7.52
N ALA A 287 22.75 31.16 -6.69
CA ALA A 287 23.04 30.63 -5.37
C ALA A 287 21.76 30.35 -4.58
N ASP A 288 20.76 31.24 -4.68
CA ASP A 288 19.50 31.02 -4.00
C ASP A 288 18.79 29.78 -4.51
N LEU A 289 18.97 29.43 -5.79
CA LEU A 289 18.40 28.19 -6.30
C LEU A 289 19.00 27.00 -5.55
N VAL A 290 20.31 27.02 -5.31
CA VAL A 290 20.93 25.99 -4.50
C VAL A 290 20.35 25.99 -3.09
N ARG A 291 20.17 27.19 -2.51
CA ARG A 291 19.68 27.28 -1.15
C ARG A 291 18.24 26.79 -1.05
N LYS A 292 17.42 27.14 -2.05
CA LYS A 292 16.03 26.68 -2.09
C LYS A 292 15.97 25.16 -2.17
N ALA A 293 16.78 24.55 -3.03
CA ALA A 293 16.73 23.10 -3.20
C ALA A 293 17.18 22.39 -1.94
N LEU A 294 18.14 22.97 -1.22
CA LEU A 294 18.58 22.39 0.04
C LEU A 294 17.48 22.46 1.10
N ALA A 295 16.75 23.58 1.14
CA ALA A 295 15.60 23.74 2.00
C ALA A 295 14.50 22.75 1.66
N TRP A 296 14.40 22.39 0.38
CA TRP A 296 13.36 21.48 -0.06
C TRP A 296 13.62 20.05 0.37
N GLY A 297 14.86 19.69 0.70
CA GLY A 297 15.23 18.33 1.08
C GLY A 297 16.26 17.65 0.20
N TYR A 298 16.72 18.28 -0.89
CA TYR A 298 17.66 17.68 -1.83
C TYR A 298 19.07 18.03 -1.42
N ASP A 299 19.92 17.01 -1.22
CA ASP A 299 21.32 17.25 -0.93
C ASP A 299 22.23 16.69 -2.03
N TYR A 300 21.66 16.47 -3.22
CA TYR A 300 22.39 16.06 -4.42
C TYR A 300 21.83 16.87 -5.58
N LEU A 301 22.70 17.54 -6.31
CA LEU A 301 22.27 18.51 -7.31
C LEU A 301 23.01 18.24 -8.60
N LYS A 302 22.26 18.01 -9.66
CA LYS A 302 22.84 17.95 -11.00
C LYS A 302 22.72 19.34 -11.63
N LEU A 303 23.83 20.06 -11.70
CA LEU A 303 23.85 21.39 -12.28
C LEU A 303 24.32 21.26 -13.72
N ASP A 304 23.41 21.57 -14.65
CA ASP A 304 23.57 21.26 -16.07
C ASP A 304 23.79 22.51 -16.91
N PHE A 305 24.31 22.27 -18.11
CA PHE A 305 24.48 23.30 -19.14
C PHE A 305 25.41 24.42 -18.64
N LEU A 306 26.35 24.02 -17.79
CA LEU A 306 27.14 25.00 -17.06
C LEU A 306 28.03 25.85 -17.97
N TYR A 307 28.27 25.40 -19.20
CA TYR A 307 29.08 26.19 -20.13
C TYR A 307 28.49 27.59 -20.33
N ALA A 308 27.16 27.73 -20.14
CA ALA A 308 26.51 29.03 -20.29
C ALA A 308 27.13 30.10 -19.39
N ALA A 309 27.61 29.72 -18.23
CA ALA A 309 28.17 30.70 -17.33
C ALA A 309 29.62 31.00 -17.63
N ALA A 310 30.18 30.35 -18.66
CA ALA A 310 31.55 30.56 -19.10
C ALA A 310 31.61 30.98 -20.56
N LEU A 311 30.47 31.25 -21.19
CA LEU A 311 30.48 31.74 -22.56
C LEU A 311 31.31 33.01 -22.56
N PRO A 312 32.03 33.32 -23.66
CA PRO A 312 32.03 32.58 -24.92
C PRO A 312 33.15 31.56 -25.10
N GLY A 313 33.77 31.11 -24.02
CA GLY A 313 34.85 30.15 -24.11
C GLY A 313 35.88 30.41 -23.02
N ALA A 314 37.14 30.09 -23.32
CA ALA A 314 38.23 30.34 -22.39
C ALA A 314 38.19 31.75 -21.78
N GLU A 315 37.75 32.76 -22.51
CA GLU A 315 37.70 34.12 -21.94
C GLU A 315 36.70 34.22 -20.79
N GLY A 316 35.75 33.30 -20.72
CA GLY A 316 34.72 33.34 -19.71
C GLY A 316 34.97 32.47 -18.51
N GLU A 317 36.15 31.84 -18.42
CA GLU A 317 36.38 30.91 -17.32
C GLU A 317 36.59 31.65 -16.00
N ALA A 318 37.17 32.85 -16.03
CA ALA A 318 37.30 33.62 -14.79
C ALA A 318 35.94 33.90 -14.19
N ARG A 319 35.00 34.42 -15.00
CA ARG A 319 33.65 34.64 -14.53
C ARG A 319 33.02 33.34 -14.05
N TYR A 320 33.12 32.29 -14.88
CA TYR A 320 32.63 30.97 -14.51
C TYR A 320 33.11 30.59 -13.12
N ARG A 321 34.42 30.65 -12.91
CA ARG A 321 34.97 30.14 -11.65
C ARG A 321 34.43 30.90 -10.45
N LYS A 322 34.29 32.23 -10.58
CA LYS A 322 33.78 33.01 -9.46
C LYS A 322 32.34 32.64 -9.14
N ALA A 323 31.50 32.48 -10.17
CA ALA A 323 30.10 32.15 -9.96
C ALA A 323 29.94 30.75 -9.39
N MET A 324 30.69 29.78 -9.94
CA MET A 324 30.59 28.42 -9.47
C MET A 324 31.10 28.31 -8.04
N ALA A 325 32.08 29.14 -7.68
CA ALA A 325 32.55 29.14 -6.29
C ALA A 325 31.45 29.58 -5.34
N ARG A 326 30.54 30.45 -5.80
CA ARG A 326 29.46 30.89 -4.92
C ARG A 326 28.40 29.82 -4.77
N LEU A 327 28.04 29.15 -5.87
CA LEU A 327 27.13 28.01 -5.77
C LEU A 327 27.70 26.95 -4.84
N ARG A 328 29.03 26.72 -4.90
CA ARG A 328 29.67 25.75 -4.02
C ARG A 328 29.55 26.17 -2.56
N GLU A 329 29.70 27.46 -2.27
CA GLU A 329 29.46 27.93 -0.92
C GLU A 329 28.00 27.72 -0.52
N ALA A 330 27.05 27.94 -1.45
CA ALA A 330 25.65 27.79 -1.09
C ALA A 330 25.29 26.34 -0.86
N ALA A 331 25.93 25.41 -1.55
CA ALA A 331 25.60 24.00 -1.42
C ALA A 331 26.15 23.38 -0.14
N GLY A 332 27.07 24.05 0.53
CA GLY A 332 27.68 23.44 1.70
C GLY A 332 28.40 22.17 1.32
N GLU A 333 28.01 21.07 1.96
CA GLU A 333 28.55 19.76 1.65
C GLU A 333 27.55 18.89 0.90
N ALA A 334 26.50 19.50 0.35
CA ALA A 334 25.67 18.81 -0.62
C ALA A 334 26.55 18.37 -1.77
N TYR A 335 26.08 17.36 -2.50
CA TYR A 335 26.86 16.81 -3.59
C TYR A 335 26.46 17.53 -4.89
N LEU A 336 27.47 18.05 -5.59
CA LEU A 336 27.27 18.80 -6.82
C LEU A 336 27.85 18.01 -7.97
N LEU A 337 26.99 17.64 -8.92
CA LEU A 337 27.41 16.95 -10.14
C LEU A 337 27.38 17.98 -11.26
N PHE A 338 28.56 18.30 -11.79
CA PHE A 338 28.67 19.28 -12.88
C PHE A 338 28.43 18.57 -14.21
N CYS A 339 27.53 19.12 -15.01
CA CYS A 339 27.21 18.54 -16.30
C CYS A 339 27.27 19.62 -17.36
N GLY A 340 27.78 19.26 -18.55
CA GLY A 340 27.91 20.23 -19.63
C GLY A 340 28.77 21.40 -19.23
N ALA A 341 29.84 21.13 -18.50
CA ALA A 341 30.63 22.09 -17.74
C ALA A 341 32.02 22.16 -18.31
N PRO A 342 32.65 23.34 -18.27
CA PRO A 342 34.10 23.43 -18.58
C PRO A 342 34.89 22.50 -17.66
N VAL A 343 35.53 21.49 -18.25
CA VAL A 343 36.15 20.40 -17.50
C VAL A 343 37.20 20.92 -16.51
N LEU A 344 38.32 21.44 -17.02
CA LEU A 344 39.42 21.83 -16.13
C LEU A 344 39.06 22.97 -15.20
N ALA A 345 38.25 23.93 -15.66
CA ALA A 345 37.87 25.05 -14.81
C ALA A 345 36.96 24.65 -13.65
N SER A 346 36.44 23.42 -13.63
CA SER A 346 35.54 23.03 -12.55
C SER A 346 36.26 22.28 -11.45
N LEU A 347 37.50 21.87 -11.65
CA LEU A 347 38.20 21.08 -10.65
C LEU A 347 38.37 21.84 -9.33
N GLY A 348 38.21 21.12 -8.23
CA GLY A 348 38.17 21.70 -6.91
C GLY A 348 36.82 22.23 -6.50
N LEU A 349 35.92 22.51 -7.44
CA LEU A 349 34.55 22.91 -7.11
C LEU A 349 33.57 21.74 -7.18
N ALA A 350 33.62 20.96 -8.26
CA ALA A 350 32.63 19.90 -8.43
C ALA A 350 32.98 18.71 -7.57
N ASP A 351 31.94 18.03 -7.08
CA ASP A 351 32.14 16.71 -6.47
C ASP A 351 32.16 15.63 -7.55
N GLY A 352 31.24 15.71 -8.49
CA GLY A 352 31.27 14.85 -9.67
C GLY A 352 31.22 15.68 -10.93
N LEU A 353 31.85 15.15 -11.98
CA LEU A 353 31.97 15.86 -13.24
C LEU A 353 31.64 14.92 -14.38
N ARG A 354 30.64 15.28 -15.20
CA ARG A 354 30.40 14.55 -16.44
C ARG A 354 31.57 14.83 -17.40
N VAL A 355 32.11 13.79 -18.02
CA VAL A 355 33.30 13.94 -18.83
C VAL A 355 33.09 13.54 -20.29
N GLY A 356 31.86 13.24 -20.69
CA GLY A 356 31.57 12.88 -22.05
C GLY A 356 30.18 13.28 -22.47
N PRO A 357 29.91 13.22 -23.77
CA PRO A 357 28.52 13.29 -24.25
C PRO A 357 27.58 12.36 -23.49
N ASP A 358 26.29 12.71 -23.50
CA ASP A 358 25.23 11.81 -23.07
C ASP A 358 25.37 10.42 -23.68
N VAL A 359 25.12 9.41 -22.85
CA VAL A 359 24.85 8.08 -23.37
C VAL A 359 23.45 8.11 -23.98
N ALA A 360 23.06 7.02 -24.64
CA ALA A 360 21.78 6.95 -25.34
C ALA A 360 21.45 5.48 -25.56
N PRO A 361 20.18 5.16 -25.77
CA PRO A 361 19.84 3.74 -26.02
C PRO A 361 20.22 3.31 -27.44
N TYR A 362 21.37 3.75 -27.93
CA TYR A 362 21.89 3.29 -29.22
C TYR A 362 23.39 3.61 -29.29
N TRP A 363 24.07 2.95 -30.22
CA TRP A 363 25.52 3.09 -30.32
C TRP A 363 25.93 4.43 -30.96
N ASP A 364 25.43 4.72 -32.16
CA ASP A 364 25.74 5.98 -32.80
C ASP A 364 24.60 6.38 -33.72
N ASN A 365 24.33 7.68 -33.76
CA ASN A 365 23.46 8.30 -34.76
C ASN A 365 24.41 8.83 -35.84
N GLU A 366 24.64 8.01 -36.85
CA GLU A 366 25.65 8.33 -37.85
C GLU A 366 25.32 9.64 -38.60
N GLU A 367 24.04 9.99 -38.75
CA GLU A 367 23.68 11.26 -39.37
C GLU A 367 24.19 12.46 -38.58
N ARG A 368 24.10 12.40 -37.25
CA ARG A 368 24.63 13.49 -36.44
C ARG A 368 26.15 13.41 -36.37
N SER A 369 26.68 12.21 -36.16
CA SER A 369 28.10 12.05 -35.87
C SER A 369 28.96 12.27 -37.11
N PHE A 370 28.51 11.77 -38.25
CA PHE A 370 29.30 11.79 -39.49
C PHE A 370 28.86 12.87 -40.47
N TRP A 371 27.60 12.84 -40.92
CA TRP A 371 27.16 13.81 -41.91
C TRP A 371 27.16 15.23 -41.33
N LEU A 372 26.73 15.39 -40.09
CA LEU A 372 26.78 16.66 -39.40
C LEU A 372 28.09 16.86 -38.65
N ALA A 373 28.99 15.87 -38.67
CA ALA A 373 30.31 15.95 -38.05
C ALA A 373 30.26 16.49 -36.61
N ASP A 374 29.33 15.96 -35.81
CA ASP A 374 29.08 16.40 -34.44
C ASP A 374 29.28 15.26 -33.43
N PRO A 375 30.50 15.04 -32.95
CA PRO A 375 30.73 13.98 -31.96
C PRO A 375 30.25 14.32 -30.56
N THR A 376 29.48 15.37 -30.35
CA THR A 376 29.05 15.74 -29.01
C THR A 376 27.63 15.30 -28.71
N GLY A 377 26.95 14.71 -29.69
CA GLY A 377 25.59 14.31 -29.52
C GLY A 377 25.46 13.01 -28.75
N PRO A 378 24.26 12.77 -28.24
CA PRO A 378 24.02 11.54 -27.49
C PRO A 378 24.36 10.30 -28.30
N GLY A 379 24.92 9.33 -27.62
CA GLY A 379 25.29 8.07 -28.24
C GLY A 379 26.35 7.40 -27.41
N LEU A 380 26.29 6.08 -27.26
CA LEU A 380 27.22 5.42 -26.36
C LEU A 380 28.64 5.49 -26.90
N ARG A 381 28.81 5.36 -28.21
CA ARG A 381 30.15 5.51 -28.76
C ARG A 381 30.69 6.91 -28.48
N ASN A 382 29.89 7.95 -28.70
CA ASN A 382 30.37 9.30 -28.43
C ASN A 382 30.67 9.47 -26.95
N ALA A 383 29.90 8.82 -26.10
CA ALA A 383 30.11 8.92 -24.67
C ALA A 383 31.41 8.25 -24.26
N LEU A 384 31.64 7.03 -24.74
CA LEU A 384 32.81 6.27 -24.34
C LEU A 384 34.09 6.94 -24.80
N ARG A 385 34.09 7.50 -26.01
CA ARG A 385 35.34 8.00 -26.57
C ARG A 385 35.88 9.16 -25.74
N SER A 386 35.07 10.19 -25.49
CA SER A 386 35.54 11.28 -24.65
C SER A 386 35.83 10.85 -23.20
N THR A 387 35.05 9.91 -22.67
CA THR A 387 35.31 9.51 -21.29
C THR A 387 36.67 8.83 -21.17
N LEU A 388 37.02 7.97 -22.12
CA LEU A 388 38.27 7.23 -22.02
C LEU A 388 39.46 8.19 -21.94
N HIS A 389 39.30 9.37 -22.52
CA HIS A 389 40.35 10.36 -22.59
C HIS A 389 40.26 11.39 -21.46
N ARG A 390 39.42 11.15 -20.43
CA ARG A 390 39.41 12.00 -19.25
C ARG A 390 39.44 11.21 -17.95
N LEU A 391 39.70 9.91 -18.00
CA LEU A 391 39.80 9.15 -16.76
C LEU A 391 40.97 9.61 -15.89
N TRP A 392 41.96 10.29 -16.47
CA TRP A 392 43.09 10.78 -15.69
C TRP A 392 42.69 11.87 -14.71
N LEU A 393 41.46 12.36 -14.77
CA LEU A 393 40.97 13.33 -13.80
C LEU A 393 40.44 12.69 -12.53
N MET A 394 40.51 11.36 -12.41
CA MET A 394 39.86 10.64 -11.31
C MET A 394 40.42 10.98 -9.94
N GLU A 395 41.65 11.44 -9.85
CA GLU A 395 42.20 11.89 -8.57
C GLU A 395 42.05 13.39 -8.37
N ASN A 396 41.14 14.03 -9.13
CA ASN A 396 40.76 15.41 -8.92
C ASN A 396 39.29 15.59 -8.66
N VAL A 397 38.46 14.60 -9.02
CA VAL A 397 37.02 14.74 -8.93
C VAL A 397 36.44 13.33 -9.12
N HIS A 398 35.16 13.14 -8.82
CA HIS A 398 34.50 11.90 -9.20
C HIS A 398 34.22 11.98 -10.70
N VAL A 399 34.66 10.98 -11.45
CA VAL A 399 34.50 11.03 -12.90
C VAL A 399 33.24 10.27 -13.27
N ASP A 400 32.23 10.99 -13.76
CA ASP A 400 30.95 10.42 -14.15
C ASP A 400 31.01 9.98 -15.61
N PRO A 401 30.94 8.69 -15.91
CA PRO A 401 30.87 8.23 -17.32
C PRO A 401 29.46 8.23 -17.91
N ASP A 402 28.47 8.73 -17.15
CA ASP A 402 27.04 8.72 -17.42
C ASP A 402 26.43 7.37 -17.08
N VAL A 403 25.11 7.27 -17.16
CA VAL A 403 24.41 6.13 -16.58
C VAL A 403 24.77 4.84 -17.31
N VAL A 404 24.48 3.72 -16.67
CA VAL A 404 24.66 2.39 -17.22
C VAL A 404 23.30 1.81 -17.57
N TYR A 405 23.21 1.13 -18.71
CA TYR A 405 21.98 0.48 -19.13
C TYR A 405 22.01 -0.99 -18.73
N PHE A 406 20.92 -1.47 -18.13
CA PHE A 406 20.77 -2.90 -17.90
C PHE A 406 19.62 -3.48 -18.70
N ARG A 407 18.65 -2.67 -19.08
CA ARG A 407 17.47 -3.12 -19.77
C ARG A 407 17.80 -3.45 -21.22
N THR A 408 17.04 -4.40 -21.78
CA THR A 408 16.99 -4.50 -23.23
C THR A 408 15.67 -4.02 -23.81
N ARG A 409 14.64 -3.83 -22.98
CA ARG A 409 13.43 -3.20 -23.47
C ARG A 409 13.65 -1.69 -23.60
N PHE A 410 13.10 -1.12 -24.67
CA PHE A 410 13.28 0.30 -24.96
C PHE A 410 14.75 0.67 -24.90
N ASN A 411 15.56 -0.14 -25.60
CA ASN A 411 16.99 0.09 -25.72
C ASN A 411 17.50 -0.61 -26.96
N LEU A 412 18.29 0.10 -27.81
CA LEU A 412 18.83 -0.54 -29.02
C LEU A 412 20.24 -1.12 -28.83
N LEU A 413 20.91 -0.79 -27.73
CA LEU A 413 22.26 -1.30 -27.49
C LEU A 413 22.29 -2.83 -27.39
N SER A 414 23.40 -3.41 -27.80
CA SER A 414 23.61 -4.84 -27.65
C SER A 414 24.26 -5.14 -26.30
N PRO A 415 24.11 -6.37 -25.79
CA PRO A 415 24.78 -6.72 -24.52
C PRO A 415 26.27 -6.42 -24.49
N GLU A 416 26.99 -6.70 -25.58
CA GLU A 416 28.43 -6.44 -25.56
C GLU A 416 28.70 -4.94 -25.44
N GLU A 417 27.93 -4.12 -26.14
CA GLU A 417 28.07 -2.67 -26.01
C GLU A 417 27.72 -2.21 -24.59
N MET A 418 26.62 -2.71 -24.03
CA MET A 418 26.25 -2.33 -22.68
C MET A 418 27.36 -2.66 -21.67
N ARG A 419 28.13 -3.72 -21.91
CA ARG A 419 29.16 -4.10 -20.95
C ARG A 419 30.34 -3.14 -20.98
N LEU A 420 30.59 -2.47 -22.11
CA LEU A 420 31.66 -1.48 -22.15
C LEU A 420 31.36 -0.32 -21.23
N GLN A 421 30.09 0.11 -21.18
CA GLN A 421 29.70 1.23 -20.33
C GLN A 421 29.73 0.82 -18.86
N GLU A 422 29.16 -0.35 -18.54
CA GLU A 422 29.20 -0.90 -17.19
C GLU A 422 30.64 -0.98 -16.64
N ALA A 423 31.61 -1.36 -17.48
CA ALA A 423 32.98 -1.45 -16.99
C ALA A 423 33.50 -0.08 -16.55
N LEU A 424 33.18 0.97 -17.32
CA LEU A 424 33.72 2.28 -16.96
C LEU A 424 33.08 2.79 -15.66
N ALA A 425 31.84 2.37 -15.40
CA ALA A 425 31.21 2.66 -14.11
C ALA A 425 31.96 1.99 -12.95
N HIS A 426 32.38 0.74 -13.13
CA HIS A 426 33.18 0.06 -12.11
C HIS A 426 34.56 0.68 -11.96
N PHE A 427 35.18 1.08 -13.08
CA PHE A 427 36.49 1.72 -13.02
C PHE A 427 36.41 3.02 -12.25
N THR A 428 35.48 3.91 -12.64
CA THR A 428 35.39 5.20 -11.97
C THR A 428 34.70 5.11 -10.64
N GLY A 429 33.96 4.03 -10.39
CA GLY A 429 33.15 3.89 -9.20
C GLY A 429 31.88 4.71 -9.20
N PHE A 430 31.60 5.42 -10.29
CA PHE A 430 30.41 6.25 -10.41
C PHE A 430 29.30 5.40 -11.00
N LYS A 431 28.32 5.01 -10.20
CA LYS A 431 27.33 4.02 -10.63
C LYS A 431 25.94 4.64 -10.66
N ALA A 432 25.37 4.77 -11.86
CA ALA A 432 24.04 5.33 -12.00
C ALA A 432 23.29 4.57 -13.08
N THR A 433 21.97 4.62 -13.02
CA THR A 433 21.14 4.09 -14.09
C THR A 433 19.88 4.93 -14.16
N SER A 434 19.16 4.80 -15.28
CA SER A 434 17.83 5.36 -15.40
C SER A 434 16.79 4.28 -15.63
N ASP A 435 17.20 3.03 -15.60
CA ASP A 435 16.30 1.95 -15.95
C ASP A 435 15.19 1.86 -14.91
N PRO A 436 13.93 2.04 -15.30
CA PRO A 436 12.82 1.76 -14.40
C PRO A 436 12.73 0.26 -14.15
N PRO A 437 12.71 -0.19 -12.89
CA PRO A 437 12.68 -1.64 -12.64
C PRO A 437 11.58 -2.41 -13.35
N SER A 438 10.41 -1.82 -13.56
CA SER A 438 9.36 -2.53 -14.26
C SER A 438 9.66 -2.74 -15.74
N TRP A 439 10.68 -2.08 -16.30
CA TRP A 439 11.14 -2.33 -17.67
C TRP A 439 12.17 -3.44 -17.75
N LEU A 440 12.57 -3.99 -16.61
CA LEU A 440 13.66 -4.96 -16.54
C LEU A 440 13.09 -6.37 -16.40
N LEU A 441 13.65 -7.30 -17.16
CA LEU A 441 13.40 -8.72 -16.97
C LEU A 441 14.05 -9.18 -15.66
N PRO A 442 13.58 -10.31 -15.08
CA PRO A 442 14.23 -10.88 -13.87
C PRO A 442 15.75 -10.97 -13.93
N GLU A 443 16.31 -11.66 -14.94
CA GLU A 443 17.76 -11.66 -15.18
C GLU A 443 18.39 -10.29 -14.99
N GLU A 444 17.76 -9.26 -15.55
CA GLU A 444 18.31 -7.92 -15.54
C GLU A 444 18.25 -7.29 -14.13
N LYS A 445 17.16 -7.53 -13.38
CA LYS A 445 17.11 -7.04 -12.00
C LYS A 445 18.28 -7.59 -11.19
N GLY A 446 18.65 -8.85 -11.43
CA GLY A 446 19.77 -9.41 -10.71
C GLY A 446 21.09 -8.73 -11.06
N ARG A 447 21.33 -8.49 -12.34
CA ARG A 447 22.53 -7.77 -12.75
C ARG A 447 22.57 -6.35 -12.17
N LEU A 448 21.41 -5.69 -12.10
CA LEU A 448 21.41 -4.33 -11.57
C LEU A 448 21.82 -4.34 -10.12
N GLU A 449 21.25 -5.24 -9.33
CA GLU A 449 21.55 -5.22 -7.91
C GLU A 449 22.95 -5.73 -7.64
N ALA A 450 23.42 -6.71 -8.41
CA ALA A 450 24.80 -7.16 -8.28
C ALA A 450 25.79 -6.07 -8.68
N PHE A 451 25.36 -5.18 -9.57
CA PHE A 451 26.19 -4.05 -9.98
C PHE A 451 26.29 -3.02 -8.85
N LEU A 452 25.19 -2.80 -8.13
CA LEU A 452 25.19 -1.83 -7.05
C LEU A 452 25.84 -2.35 -5.77
N ALA A 453 25.73 -3.64 -5.50
CA ALA A 453 26.09 -4.13 -4.17
C ALA A 453 27.51 -4.69 -4.07
N ARG A 454 28.18 -4.96 -5.18
CA ARG A 454 29.56 -5.45 -5.15
C ARG A 454 30.52 -4.41 -5.73
N GLU A 455 31.63 -4.19 -5.04
CA GLU A 455 32.70 -3.35 -5.56
C GLU A 455 33.64 -4.26 -6.34
N VAL A 456 33.59 -4.16 -7.67
CA VAL A 456 34.45 -5.00 -8.52
C VAL A 456 35.81 -4.33 -8.66
N PRO A 457 36.91 -5.06 -8.44
CA PRO A 457 38.24 -4.49 -8.69
C PRO A 457 38.49 -4.40 -10.19
N VAL A 458 39.20 -3.36 -10.59
CA VAL A 458 39.37 -3.08 -12.01
C VAL A 458 40.70 -2.38 -12.22
N ARG A 459 41.36 -2.80 -13.27
CA ARG A 459 42.74 -2.44 -13.48
C ARG A 459 42.87 -2.04 -14.93
N ARG A 460 43.54 -0.93 -15.20
CA ARG A 460 43.80 -0.56 -16.58
C ARG A 460 45.19 -1.02 -16.99
N LEU A 461 45.25 -1.62 -18.17
CA LEU A 461 46.45 -2.23 -18.71
C LEU A 461 47.10 -1.39 -19.80
N GLY A 462 46.36 -0.47 -20.39
CA GLY A 462 46.90 0.41 -21.38
C GLY A 462 45.89 1.51 -21.59
N PRO A 463 46.12 2.38 -22.58
CA PRO A 463 45.12 3.42 -22.87
C PRO A 463 43.68 2.90 -22.91
N TYR A 464 43.42 1.79 -23.64
CA TYR A 464 42.05 1.34 -23.91
C TYR A 464 41.82 -0.14 -23.56
N ARG A 465 42.66 -0.74 -22.72
CA ARG A 465 42.41 -2.10 -22.27
C ARG A 465 42.28 -2.08 -20.76
N PHE A 466 41.19 -2.64 -20.26
CA PHE A 466 40.94 -2.78 -18.84
C PHE A 466 40.67 -4.25 -18.53
N ARG A 467 40.99 -4.66 -17.31
CA ARG A 467 40.58 -5.97 -16.81
C ARG A 467 39.61 -5.74 -15.65
N VAL A 468 38.32 -5.98 -15.90
CA VAL A 468 37.27 -5.75 -14.93
C VAL A 468 36.99 -7.09 -14.24
N GLY A 469 37.23 -7.14 -12.93
CA GLY A 469 37.38 -8.41 -12.25
C GLY A 469 38.47 -9.22 -12.94
N GLU A 470 38.12 -10.23 -13.76
CA GLU A 470 39.09 -10.78 -14.72
C GLU A 470 38.59 -10.86 -16.18
N GLU A 471 37.51 -10.20 -16.52
CA GLU A 471 37.21 -10.01 -17.93
C GLU A 471 38.20 -9.01 -18.47
N GLU A 472 38.73 -9.26 -19.64
CA GLU A 472 39.52 -8.27 -20.32
C GLU A 472 38.60 -7.53 -21.27
N VAL A 473 38.58 -6.21 -21.15
CA VAL A 473 37.68 -5.32 -21.87
C VAL A 473 38.52 -4.40 -22.75
N ASP A 474 38.40 -4.53 -24.07
CA ASP A 474 39.19 -3.71 -24.99
C ASP A 474 38.29 -2.74 -25.75
N TYR A 475 38.64 -1.45 -25.68
CA TYR A 475 37.90 -0.35 -26.30
C TYR A 475 38.49 0.10 -27.63
N ALA A 476 39.70 -0.36 -27.98
CA ALA A 476 40.40 0.15 -29.16
C ALA A 476 39.61 0.08 -30.47
N PRO A 477 38.81 -0.98 -30.78
CA PRO A 477 38.00 -0.95 -32.02
C PRO A 477 37.14 0.30 -32.23
N LEU A 478 36.48 0.80 -31.17
CA LEU A 478 35.51 1.89 -31.33
C LEU A 478 36.12 3.14 -31.97
N LEU A 479 37.33 3.56 -31.56
CA LEU A 479 37.86 4.83 -32.09
C LEU A 479 38.17 4.87 -33.61
N GLY B 1 -27.14 24.32 42.42
CA GLY B 1 -26.97 25.40 43.37
C GLY B 1 -27.26 26.81 42.85
N SER B 2 -26.26 27.67 42.92
CA SER B 2 -26.41 29.11 42.68
C SER B 2 -26.29 29.48 41.19
N HIS B 3 -27.13 30.43 40.75
CA HIS B 3 -27.05 30.99 39.40
C HIS B 3 -25.93 32.03 39.31
N MET B 4 -25.12 31.94 38.26
CA MET B 4 -23.94 32.81 38.13
C MET B 4 -23.77 33.28 36.69
N ARG B 5 -23.28 34.51 36.54
CA ARG B 5 -23.03 35.15 35.27
C ARG B 5 -21.53 35.36 35.10
N LEU B 6 -21.05 35.20 33.87
CA LEU B 6 -19.62 35.15 33.64
C LEU B 6 -19.28 35.64 32.24
N ASN B 7 -18.12 36.27 32.11
CA ASN B 7 -17.57 36.68 30.83
C ASN B 7 -16.39 35.76 30.51
N LEU B 8 -16.55 34.97 29.45
CA LEU B 8 -15.60 33.92 29.09
C LEU B 8 -15.36 33.97 27.59
N GLY B 9 -14.11 34.09 27.18
CA GLY B 9 -13.81 34.19 25.75
C GLY B 9 -14.50 35.35 25.04
N GLY B 10 -14.69 36.47 25.74
CA GLY B 10 -15.41 37.58 25.13
C GLY B 10 -16.88 37.33 24.90
N ALA B 11 -17.46 36.31 25.53
CA ALA B 11 -18.89 36.05 25.47
C ALA B 11 -19.47 36.06 26.87
N GLU B 12 -20.74 36.39 26.97
CA GLU B 12 -21.48 36.23 28.22
C GLU B 12 -21.97 34.79 28.30
N VAL B 13 -21.67 34.13 29.41
CA VAL B 13 -22.05 32.74 29.61
C VAL B 13 -22.82 32.66 30.93
N PHE B 14 -23.89 31.89 30.95
CA PHE B 14 -24.66 31.67 32.16
C PHE B 14 -24.46 30.23 32.65
N LEU B 15 -24.39 30.05 33.97
CA LEU B 15 -24.15 28.73 34.53
C LEU B 15 -24.84 28.56 35.87
N ARG B 16 -24.91 27.32 36.33
CA ARG B 16 -25.40 26.98 37.67
C ARG B 16 -24.32 26.17 38.36
N ALA B 17 -23.74 26.71 39.44
CA ALA B 17 -22.70 25.99 40.16
C ALA B 17 -22.72 26.40 41.63
N GLU B 18 -22.12 25.56 42.47
CA GLU B 18 -22.03 25.85 43.89
C GLU B 18 -20.89 26.81 44.21
N GLY B 19 -19.92 26.95 43.31
CA GLY B 19 -18.82 27.86 43.55
C GLY B 19 -18.02 28.05 42.28
N LEU B 20 -17.34 29.20 42.22
CA LEU B 20 -16.60 29.58 41.03
C LEU B 20 -15.35 30.35 41.43
N GLU B 21 -14.22 29.98 40.82
CA GLU B 21 -12.92 30.60 41.02
C GLU B 21 -12.31 30.88 39.65
N GLU B 22 -11.25 31.68 39.62
CA GLU B 22 -10.50 31.89 38.40
C GLU B 22 -9.53 30.74 38.15
N ALA B 23 -9.04 30.64 36.91
CA ALA B 23 -8.19 29.51 36.54
C ALA B 23 -7.55 29.76 35.17
N PRO B 24 -6.38 29.17 34.88
CA PRO B 24 -5.67 29.53 33.65
C PRO B 24 -6.42 29.03 32.42
N GLY B 25 -6.88 29.95 31.57
CA GLY B 25 -7.57 29.58 30.36
C GLY B 25 -9.09 29.59 30.45
N GLY B 26 -9.64 29.70 31.65
CA GLY B 26 -11.07 29.69 31.89
C GLY B 26 -11.35 29.84 33.37
N VAL B 27 -12.23 29.02 33.91
CA VAL B 27 -12.61 29.12 35.32
C VAL B 27 -12.67 27.74 35.93
N ARG B 28 -12.74 27.71 37.25
CA ARG B 28 -12.88 26.49 38.01
C ARG B 28 -14.24 26.54 38.68
N LEU B 29 -15.06 25.52 38.44
CA LEU B 29 -16.37 25.41 39.05
C LEU B 29 -16.33 24.30 40.10
N TRP B 30 -17.27 24.34 41.05
CA TRP B 30 -17.46 23.25 42.00
C TRP B 30 -18.93 22.89 42.07
N GLY B 31 -19.21 21.59 42.26
CA GLY B 31 -20.57 21.12 42.48
C GLY B 31 -20.77 19.69 42.02
N ARG B 32 -21.60 18.91 42.72
CA ARG B 32 -21.88 17.56 42.24
C ARG B 32 -22.50 17.59 40.85
N GLU B 33 -23.36 18.58 40.60
CA GLU B 33 -23.92 18.83 39.28
C GLU B 33 -23.80 20.31 38.94
N VAL B 34 -23.30 20.60 37.74
CA VAL B 34 -23.20 21.95 37.21
C VAL B 34 -23.86 21.99 35.85
N ARG B 35 -24.40 23.17 35.49
CA ARG B 35 -25.09 23.37 34.23
C ARG B 35 -24.51 24.63 33.59
N VAL B 36 -24.16 24.52 32.32
CA VAL B 36 -23.50 25.59 31.59
C VAL B 36 -24.26 25.79 30.29
N PHE B 37 -24.71 27.03 30.03
CA PHE B 37 -25.54 27.30 28.87
C PHE B 37 -24.74 28.05 27.83
N PRO B 38 -24.74 27.58 26.60
CA PRO B 38 -23.97 28.22 25.52
C PRO B 38 -24.59 29.55 25.13
N PRO B 39 -23.76 30.54 24.77
CA PRO B 39 -24.30 31.81 24.25
C PRO B 39 -24.40 31.78 22.74
N PHE B 40 -24.74 30.62 22.20
CA PHE B 40 -24.91 30.43 20.76
C PHE B 40 -25.84 29.26 20.53
N PRO B 41 -26.34 29.08 19.31
CA PRO B 41 -26.97 27.80 18.98
C PRO B 41 -25.86 26.79 18.77
N ALA B 42 -25.93 25.67 19.48
CA ALA B 42 -24.85 24.69 19.42
C ALA B 42 -25.04 23.74 18.26
N LYS B 43 -24.01 23.62 17.42
CA LYS B 43 -24.03 22.73 16.27
C LYS B 43 -23.42 21.36 16.54
N GLY B 44 -22.42 21.25 17.40
CA GLY B 44 -21.82 19.97 17.70
C GLY B 44 -21.61 19.76 19.18
N PHE B 45 -21.65 18.48 19.58
CA PHE B 45 -21.31 18.05 20.94
C PHE B 45 -20.10 17.13 20.87
N PHE B 46 -19.12 17.36 21.74
CA PHE B 46 -17.98 16.47 21.86
C PHE B 46 -18.34 15.33 22.83
N ARG B 47 -18.55 14.15 22.28
CA ARG B 47 -18.93 12.99 23.05
C ARG B 47 -17.65 12.21 23.28
N HIS B 48 -17.18 12.23 24.53
CA HIS B 48 -15.95 11.54 24.89
C HIS B 48 -16.30 10.22 25.58
N GLY B 49 -15.91 9.12 24.94
CA GLY B 49 -16.13 7.81 25.52
C GLY B 49 -15.25 7.59 26.73
N TRP B 50 -15.47 6.43 27.35
CA TRP B 50 -14.95 6.20 28.68
C TRP B 50 -13.53 5.68 28.66
N GLN B 51 -13.28 4.69 27.83
CA GLN B 51 -12.05 3.93 27.84
C GLN B 51 -11.42 3.94 26.46
N SER B 52 -10.27 3.27 26.35
CA SER B 52 -9.44 3.33 25.15
C SER B 52 -10.25 3.09 23.89
N TRP B 53 -10.98 1.98 23.85
CA TRP B 53 -11.68 1.61 22.63
C TRP B 53 -12.94 2.43 22.39
N SER B 54 -13.31 3.33 23.31
CA SER B 54 -14.58 4.02 23.23
C SER B 54 -14.57 5.16 22.21
N LEU B 55 -15.73 5.38 21.60
CA LEU B 55 -15.88 6.42 20.59
C LEU B 55 -15.58 7.78 21.19
N ALA B 56 -14.69 8.53 20.53
CA ALA B 56 -14.43 9.93 20.87
C ALA B 56 -14.59 10.75 19.60
N ALA B 57 -15.67 11.53 19.54
CA ALA B 57 -16.02 12.20 18.28
C ALA B 57 -17.04 13.29 18.54
N TRP B 58 -17.07 14.26 17.61
CA TRP B 58 -18.11 15.29 17.58
C TRP B 58 -19.37 14.69 16.96
N VAL B 59 -20.52 14.92 17.59
CA VAL B 59 -21.76 14.31 17.16
C VAL B 59 -22.87 15.34 17.11
N ASP B 60 -23.89 15.02 16.31
CA ASP B 60 -25.08 15.86 16.23
C ASP B 60 -25.93 15.64 17.48
N PRO B 61 -26.00 16.62 18.39
CA PRO B 61 -26.78 16.40 19.62
C PRO B 61 -28.26 16.27 19.35
N ALA B 62 -28.71 16.73 18.18
CA ALA B 62 -30.14 16.75 17.89
C ALA B 62 -30.67 15.35 17.62
N GLN B 63 -29.94 14.57 16.81
CA GLN B 63 -30.38 13.22 16.51
C GLN B 63 -29.96 12.27 17.62
N ALA B 64 -30.74 11.20 17.80
CA ALA B 64 -30.62 10.31 18.95
C ALA B 64 -29.49 9.29 18.75
N PRO B 65 -28.84 8.85 19.83
CA PRO B 65 -27.80 7.81 19.70
C PRO B 65 -28.36 6.45 19.33
N THR B 66 -27.54 5.68 18.65
CA THR B 66 -27.95 4.36 18.16
C THR B 66 -27.49 3.27 19.11
N PRO B 67 -28.39 2.39 19.56
CA PRO B 67 -27.96 1.30 20.46
C PRO B 67 -26.85 0.47 19.84
N LEU B 68 -25.86 0.17 20.65
CA LEU B 68 -24.72 -0.64 20.25
C LEU B 68 -25.06 -2.11 20.47
N LEU B 69 -24.75 -2.96 19.49
CA LEU B 69 -25.11 -4.36 19.56
C LEU B 69 -23.85 -5.22 19.38
N PRO B 70 -23.88 -6.45 19.89
CA PRO B 70 -24.93 -7.07 20.71
C PRO B 70 -24.79 -6.66 22.17
N GLU B 71 -25.86 -6.77 22.97
CA GLU B 71 -25.80 -6.34 24.36
C GLU B 71 -24.63 -6.98 25.11
N ALA B 72 -24.28 -8.23 24.77
CA ALA B 72 -23.17 -8.91 25.42
C ALA B 72 -21.86 -8.12 25.37
N ARG B 73 -21.72 -7.21 24.42
CA ARG B 73 -20.45 -6.59 24.18
C ARG B 73 -20.36 -5.16 24.69
N ARG B 74 -21.45 -4.60 25.24
CA ARG B 74 -21.39 -3.22 25.72
C ARG B 74 -20.42 -3.00 26.85
N PRO B 75 -20.30 -3.88 27.85
CA PRO B 75 -19.31 -3.67 28.92
C PRO B 75 -17.87 -3.48 28.45
N GLN B 76 -17.49 -4.00 27.28
CA GLN B 76 -16.16 -3.78 26.74
C GLN B 76 -16.14 -2.71 25.66
N ALA B 77 -17.26 -1.99 25.45
CA ALA B 77 -17.28 -0.89 24.48
C ALA B 77 -17.14 0.47 25.16
N ASP B 78 -17.91 0.73 26.20
CA ASP B 78 -17.89 2.03 26.84
C ASP B 78 -18.30 1.86 28.31
N ASP B 79 -18.47 2.98 28.98
CA ASP B 79 -19.23 3.04 30.22
C ASP B 79 -20.65 2.55 29.96
N PRO B 80 -21.10 1.49 30.64
CA PRO B 80 -22.47 0.98 30.41
C PRO B 80 -23.54 2.04 30.47
N PHE B 81 -23.35 3.07 31.28
CA PHE B 81 -24.35 4.13 31.35
C PHE B 81 -24.41 4.93 30.05
N LEU B 82 -23.27 5.27 29.45
CA LEU B 82 -23.34 6.11 28.25
C LEU B 82 -24.03 5.41 27.09
N LEU B 83 -24.09 4.08 27.12
CA LEU B 83 -24.71 3.33 26.03
C LEU B 83 -26.19 3.03 26.29
N GLU B 84 -26.58 2.78 27.54
CA GLU B 84 -28.00 2.57 27.86
C GLU B 84 -28.81 3.86 27.72
N ALA B 85 -28.16 5.01 27.64
CA ALA B 85 -28.87 6.28 27.72
C ALA B 85 -29.51 6.64 26.38
N GLY B 86 -30.67 7.29 26.48
CA GLY B 86 -31.35 7.88 25.35
C GLY B 86 -30.89 9.28 25.01
N ALA B 87 -30.02 9.87 25.83
CA ALA B 87 -29.42 11.16 25.58
C ALA B 87 -27.92 11.01 25.34
N TRP B 88 -27.26 12.11 25.01
CA TRP B 88 -25.84 12.07 24.66
C TRP B 88 -25.01 12.35 25.91
N TRP B 89 -24.50 11.30 26.53
CA TRP B 89 -23.59 11.47 27.64
C TRP B 89 -22.17 11.13 27.22
N GLY B 90 -21.19 11.74 27.89
CA GLY B 90 -19.80 11.41 27.70
C GLY B 90 -19.08 11.28 29.03
N SER B 91 -17.88 10.69 28.99
CA SER B 91 -17.09 10.49 30.20
C SER B 91 -16.11 11.64 30.42
N GLY B 92 -16.15 12.19 31.63
CA GLY B 92 -15.18 13.19 32.03
C GLY B 92 -15.33 14.57 31.43
N VAL B 93 -15.27 14.73 30.11
CA VAL B 93 -15.26 16.05 29.47
C VAL B 93 -16.30 16.10 28.36
N GLY B 94 -16.99 17.24 28.25
CA GLY B 94 -17.82 17.51 27.10
C GLY B 94 -17.48 18.86 26.49
N ALA B 95 -18.00 19.10 25.29
CA ALA B 95 -17.79 20.39 24.64
C ALA B 95 -18.90 20.64 23.64
N LEU B 96 -19.35 21.88 23.58
CA LEU B 96 -20.30 22.31 22.56
C LEU B 96 -19.59 23.23 21.58
N ARG B 97 -20.03 23.19 20.33
CA ARG B 97 -19.33 23.84 19.23
C ARG B 97 -20.19 24.99 18.68
N GLY B 98 -19.66 26.21 18.79
CA GLY B 98 -20.33 27.37 18.22
C GLY B 98 -20.17 27.41 16.72
N PRO B 99 -21.02 28.23 16.07
CA PRO B 99 -20.93 28.31 14.60
C PRO B 99 -19.59 28.86 14.08
N ASP B 100 -18.77 29.48 14.94
CA ASP B 100 -17.51 30.10 14.53
C ASP B 100 -16.30 29.21 14.69
N GLY B 101 -16.49 27.91 14.97
CA GLY B 101 -15.37 27.02 15.20
C GLY B 101 -14.74 27.10 16.58
N ARG B 102 -15.45 27.66 17.56
CA ARG B 102 -14.94 27.69 18.92
C ARG B 102 -15.78 26.73 19.75
N ALA B 103 -15.23 26.33 20.90
CA ALA B 103 -15.85 25.30 21.73
C ALA B 103 -16.01 25.78 23.15
N LEU B 104 -17.20 25.57 23.70
CA LEU B 104 -17.43 25.67 25.14
C LEU B 104 -17.14 24.30 25.72
N LEU B 105 -16.14 24.21 26.60
CA LEU B 105 -15.66 22.96 27.18
C LEU B 105 -16.00 22.90 28.66
N LEU B 106 -16.54 21.78 29.11
CA LEU B 106 -16.75 21.52 30.53
C LEU B 106 -16.05 20.21 30.88
N GLY B 107 -15.06 20.28 31.77
CA GLY B 107 -14.27 19.09 32.06
C GLY B 107 -13.99 18.82 33.53
N ALA B 108 -14.19 17.58 33.95
CA ALA B 108 -13.96 17.24 35.34
C ALA B 108 -12.46 17.30 35.68
N LEU B 109 -12.17 17.69 36.93
CA LEU B 109 -10.83 17.64 37.49
C LEU B 109 -10.68 16.55 38.55
N ASP B 110 -11.74 15.83 38.86
CA ASP B 110 -11.71 14.67 39.73
C ASP B 110 -12.32 13.48 39.02
N LEU B 111 -12.23 12.32 39.67
CA LEU B 111 -12.68 11.05 39.15
C LEU B 111 -14.21 10.95 39.14
N GLY B 112 -14.72 10.12 38.23
CA GLY B 112 -16.10 9.67 38.31
C GLY B 112 -17.14 10.68 37.88
N ALA B 113 -16.84 11.48 36.86
CA ALA B 113 -17.79 12.45 36.32
C ALA B 113 -18.27 12.01 34.94
N ARG B 114 -19.45 12.53 34.58
CA ARG B 114 -19.97 12.46 33.23
C ARG B 114 -20.46 13.83 32.81
N VAL B 115 -20.48 14.08 31.50
CA VAL B 115 -20.99 15.33 30.96
C VAL B 115 -22.10 15.01 29.95
N LEU B 116 -23.24 15.73 30.09
CA LEU B 116 -24.38 15.65 29.18
C LEU B 116 -24.31 16.78 28.17
N GLY B 117 -24.67 16.48 26.93
CA GLY B 117 -24.67 17.50 25.89
C GLY B 117 -26.01 17.61 25.20
N ARG B 118 -26.64 18.78 25.30
CA ARG B 118 -27.78 19.13 24.46
C ARG B 118 -27.42 20.37 23.66
N GLU B 119 -28.28 20.70 22.69
CA GLU B 119 -27.98 21.86 21.87
C GLU B 119 -28.01 23.14 22.68
N ASP B 120 -28.67 23.14 23.85
CA ASP B 120 -28.80 24.34 24.67
C ASP B 120 -28.10 24.22 26.04
N LEU B 121 -27.34 23.15 26.28
CA LEU B 121 -26.87 22.90 27.64
C LEU B 121 -25.69 21.95 27.64
N LEU B 122 -24.75 22.19 28.57
CA LEU B 122 -23.72 21.23 28.97
C LEU B 122 -23.90 20.96 30.46
N LEU B 123 -24.21 19.72 30.82
CA LEU B 123 -24.51 19.36 32.20
C LEU B 123 -23.47 18.37 32.69
N GLY B 124 -22.74 18.74 33.74
CA GLY B 124 -21.78 17.85 34.37
C GLY B 124 -22.34 17.24 35.64
N ARG B 125 -22.20 15.92 35.77
CA ARG B 125 -22.73 15.23 36.94
C ARG B 125 -21.74 14.20 37.45
N TYR B 126 -21.24 14.42 38.67
CA TYR B 126 -20.41 13.45 39.35
C TYR B 126 -21.26 12.30 39.85
N ALA B 127 -20.83 11.08 39.57
CA ALA B 127 -21.61 9.91 39.99
C ALA B 127 -21.60 9.75 41.50
N GLY B 128 -20.40 9.79 42.10
CA GLY B 128 -20.28 9.77 43.54
C GLY B 128 -20.22 11.18 44.12
N LYS B 129 -19.27 11.42 45.02
CA LYS B 129 -19.18 12.71 45.68
C LYS B 129 -18.81 13.77 44.65
N GLY B 130 -19.22 15.02 44.92
CA GLY B 130 -18.95 16.19 44.08
C GLY B 130 -17.50 16.37 43.68
N GLY B 131 -17.16 17.52 43.12
CA GLY B 131 -15.80 17.70 42.66
C GLY B 131 -15.64 18.96 41.85
N ALA B 132 -14.43 19.15 41.33
CA ALA B 132 -14.06 20.36 40.60
C ALA B 132 -14.26 20.19 39.11
N TRP B 133 -14.53 21.31 38.44
CA TRP B 133 -14.74 21.37 37.00
C TRP B 133 -13.89 22.48 36.42
N PHE B 134 -13.59 22.35 35.13
CA PHE B 134 -12.91 23.38 34.36
C PHE B 134 -13.82 23.81 33.21
N LEU B 135 -14.01 25.11 33.06
CA LEU B 135 -14.89 25.66 32.04
C LEU B 135 -14.14 26.69 31.23
N ALA B 136 -14.26 26.61 29.91
CA ALA B 136 -13.47 27.49 29.07
C ALA B 136 -14.22 27.70 27.75
N TYR B 137 -14.05 28.88 27.17
CA TYR B 137 -14.64 29.20 25.88
C TYR B 137 -13.57 29.84 25.01
N GLY B 138 -13.35 29.27 23.84
CA GLY B 138 -12.35 29.77 22.95
C GLY B 138 -12.11 28.87 21.76
N PRO B 139 -11.03 29.12 21.02
CA PRO B 139 -10.68 28.23 19.91
C PRO B 139 -10.54 26.80 20.40
N GLU B 140 -10.85 25.87 19.51
CA GLU B 140 -11.03 24.47 19.90
C GLU B 140 -9.76 23.87 20.51
N GLU B 141 -8.60 24.15 19.92
CA GLU B 141 -7.38 23.53 20.41
C GLU B 141 -6.87 24.15 21.71
N GLU B 142 -7.09 25.45 21.91
CA GLU B 142 -6.65 26.09 23.15
C GLU B 142 -7.42 25.56 24.35
N VAL B 143 -8.76 25.47 24.25
CA VAL B 143 -9.56 25.05 25.41
C VAL B 143 -9.23 23.61 25.82
N PHE B 144 -8.88 22.74 24.85
CA PHE B 144 -8.52 21.38 25.22
C PHE B 144 -7.11 21.31 25.80
N ALA B 145 -6.18 22.10 25.27
CA ALA B 145 -4.85 22.16 25.87
C ALA B 145 -4.90 22.78 27.26
N ALA B 146 -5.77 23.80 27.46
CA ALA B 146 -5.94 24.38 28.80
C ALA B 146 -6.49 23.35 29.78
N TYR B 147 -7.45 22.53 29.33
CA TYR B 147 -7.99 21.48 30.19
C TYR B 147 -6.93 20.43 30.52
N ALA B 148 -6.06 20.11 29.57
CA ALA B 148 -5.10 19.03 29.83
C ALA B 148 -4.07 19.45 30.87
N ARG B 149 -3.68 20.73 30.88
CA ARG B 149 -2.73 21.23 31.88
C ARG B 149 -3.19 20.96 33.30
N LEU B 150 -4.50 20.99 33.54
CA LEU B 150 -5.04 20.84 34.88
C LEU B 150 -5.25 19.39 35.31
N LEU B 151 -4.82 18.42 34.52
CA LEU B 151 -4.95 17.01 34.87
C LEU B 151 -3.59 16.42 35.23
N PRO B 152 -3.55 15.25 35.85
CA PRO B 152 -2.25 14.63 36.14
C PRO B 152 -1.42 14.40 34.88
N ARG B 153 -0.10 14.50 35.03
CA ARG B 153 0.85 14.23 33.97
C ARG B 153 1.77 13.07 34.37
N ARG B 154 2.34 12.39 33.38
CA ARG B 154 3.47 11.50 33.62
C ARG B 154 4.17 11.28 32.28
N LEU B 155 5.17 12.12 32.01
CA LEU B 155 5.90 12.09 30.75
C LEU B 155 7.30 11.56 31.02
N SER B 156 7.52 10.27 30.69
CA SER B 156 8.80 9.58 30.90
C SER B 156 9.66 9.63 29.64
N GLY B 157 10.23 10.79 29.35
CA GLY B 157 11.09 10.89 28.19
C GLY B 157 10.32 10.66 26.90
N ARG B 158 10.99 10.05 25.90
CA ARG B 158 10.23 9.83 24.69
C ARG B 158 9.73 8.40 24.65
N PRO B 159 8.59 8.14 24.01
CA PRO B 159 8.02 6.79 24.02
C PRO B 159 8.92 5.82 23.29
N PRO B 160 9.05 4.59 23.77
CA PRO B 160 9.96 3.64 23.12
C PRO B 160 9.44 3.23 21.75
N ARG B 161 10.29 2.55 21.02
CA ARG B 161 9.95 1.96 19.74
C ARG B 161 9.75 0.48 19.98
N VAL B 162 8.57 -0.04 19.65
CA VAL B 162 8.18 -1.38 20.07
C VAL B 162 7.91 -2.25 18.85
N TRP B 163 8.33 -3.50 18.94
CA TRP B 163 7.79 -4.54 18.09
C TRP B 163 6.86 -5.38 18.94
N CYS B 164 5.61 -5.52 18.48
CA CYS B 164 4.51 -6.11 19.22
C CYS B 164 4.04 -7.33 18.46
N SER B 165 3.73 -8.43 19.15
CA SER B 165 3.43 -9.68 18.45
C SER B 165 1.99 -9.78 17.98
N TRP B 166 1.12 -8.83 18.34
CA TRP B 166 -0.30 -9.11 18.26
C TRP B 166 -0.83 -9.04 16.85
N TYR B 167 -0.50 -7.96 16.13
CA TYR B 167 -1.18 -7.63 14.88
C TYR B 167 -0.54 -8.32 13.69
N SER B 168 -0.05 -9.54 13.93
CA SER B 168 0.32 -10.44 12.85
C SER B 168 0.00 -11.88 13.26
N PHE B 169 0.49 -12.31 14.42
CA PHE B 169 0.25 -13.69 14.84
C PHE B 169 -0.96 -13.86 15.74
N TYR B 170 -1.43 -12.78 16.37
CA TYR B 170 -2.55 -12.84 17.31
C TYR B 170 -2.26 -13.87 18.40
N THR B 171 -3.21 -14.75 18.75
CA THR B 171 -2.96 -15.66 19.86
C THR B 171 -2.06 -16.81 19.47
N ARG B 172 -1.87 -17.05 18.18
CA ARG B 172 -1.05 -18.18 17.70
C ARG B 172 0.43 -17.80 17.73
N ILE B 173 0.92 -17.50 18.93
CA ILE B 173 2.33 -17.31 19.16
C ILE B 173 2.91 -18.53 19.85
N GLY B 174 4.22 -18.54 20.04
CA GLY B 174 4.94 -19.69 20.56
C GLY B 174 6.43 -19.43 20.64
N GLU B 175 7.07 -19.96 21.68
CA GLU B 175 8.46 -19.63 21.97
C GLU B 175 9.36 -19.86 20.77
N ASP B 176 9.14 -20.95 20.03
CA ASP B 176 9.97 -21.23 18.87
C ASP B 176 9.76 -20.17 17.78
N LEU B 177 8.51 -19.87 17.47
CA LEU B 177 8.22 -18.87 16.44
C LEU B 177 8.77 -17.50 16.82
N LEU B 178 8.60 -17.09 18.08
CA LEU B 178 9.05 -15.75 18.47
C LEU B 178 10.56 -15.66 18.55
N LEU B 179 11.25 -16.78 18.75
CA LEU B 179 12.71 -16.75 18.72
C LEU B 179 13.21 -16.40 17.33
N ARG B 180 12.64 -17.05 16.30
CA ARG B 180 13.00 -16.73 14.92
C ARG B 180 12.70 -15.26 14.61
N VAL B 181 11.48 -14.81 14.91
CA VAL B 181 11.10 -13.42 14.65
C VAL B 181 12.01 -12.46 15.40
N LEU B 182 12.41 -12.80 16.63
CA LEU B 182 13.31 -11.93 17.40
C LEU B 182 14.62 -11.71 16.66
N ASP B 183 15.09 -12.74 15.94
CA ASP B 183 16.34 -12.65 15.20
C ASP B 183 16.26 -11.60 14.09
N GLU B 184 15.19 -11.67 13.27
CA GLU B 184 15.03 -10.67 12.21
C GLU B 184 14.71 -9.29 12.79
N VAL B 185 13.97 -9.26 13.91
CA VAL B 185 13.53 -7.97 14.44
C VAL B 185 14.71 -7.19 14.98
N ALA B 186 15.68 -7.88 15.59
CA ALA B 186 16.79 -7.18 16.24
C ALA B 186 17.69 -6.44 15.25
N ALA B 187 17.56 -6.70 13.96
CA ALA B 187 18.32 -5.96 12.96
C ALA B 187 17.81 -4.53 12.78
N PHE B 188 16.60 -4.22 13.24
CA PHE B 188 16.01 -2.91 13.07
C PHE B 188 16.17 -2.10 14.36
N SER B 189 15.91 -0.80 14.25
CA SER B 189 16.08 0.11 15.39
C SER B 189 14.91 0.07 16.38
N PHE B 190 14.51 -1.12 16.84
CA PHE B 190 13.52 -1.15 17.91
C PHE B 190 14.21 -1.00 19.28
N GLU B 191 13.40 -0.67 20.29
CA GLU B 191 13.86 -0.66 21.67
C GLU B 191 13.24 -1.76 22.52
N VAL B 192 12.02 -2.22 22.22
CA VAL B 192 11.31 -3.21 23.02
C VAL B 192 10.77 -4.29 22.11
N PHE B 193 10.88 -5.54 22.54
CA PHE B 193 10.28 -6.70 21.86
C PHE B 193 9.19 -7.22 22.78
N GLN B 194 7.93 -6.89 22.47
CA GLN B 194 6.79 -7.14 23.36
C GLN B 194 6.00 -8.35 22.92
N ILE B 195 5.87 -9.33 23.82
CA ILE B 195 5.00 -10.48 23.63
C ILE B 195 3.57 -10.07 24.01
N ASP B 196 2.63 -10.29 23.09
CA ASP B 196 1.25 -9.92 23.38
C ASP B 196 0.43 -11.14 23.82
N ASP B 197 -0.89 -11.06 23.68
CA ASP B 197 -1.78 -12.16 24.05
C ASP B 197 -1.35 -13.44 23.34
N GLY B 198 -1.25 -14.52 24.10
CA GLY B 198 -1.08 -15.86 23.56
C GLY B 198 -0.07 -16.70 24.31
N TRP B 199 0.59 -16.11 25.30
CA TRP B 199 1.60 -16.83 26.04
C TRP B 199 1.08 -17.51 27.30
N GLN B 200 -0.07 -17.09 27.83
CA GLN B 200 -0.59 -17.54 29.11
C GLN B 200 -1.46 -18.79 28.98
N ARG B 201 -1.58 -19.54 30.08
CA ARG B 201 -2.46 -20.70 30.09
C ARG B 201 -3.92 -20.29 30.05
N ALA B 202 -4.30 -19.29 30.84
CA ALA B 202 -5.66 -18.78 30.81
C ALA B 202 -5.71 -17.42 31.48
N LEU B 203 -6.82 -16.71 31.30
CA LEU B 203 -7.05 -15.49 32.04
C LEU B 203 -7.04 -15.79 33.54
N GLY B 204 -6.19 -15.07 34.29
CA GLY B 204 -6.00 -15.36 35.70
C GLY B 204 -5.02 -16.47 36.02
N ASP B 205 -4.63 -17.28 35.02
CA ASP B 205 -3.54 -18.25 35.13
C ASP B 205 -2.36 -17.76 34.31
N TRP B 206 -1.69 -16.72 34.82
CA TRP B 206 -0.64 -16.00 34.07
C TRP B 206 0.70 -16.70 34.20
N GLU B 207 0.73 -17.92 33.67
CA GLU B 207 1.89 -18.78 33.59
C GLU B 207 2.00 -19.30 32.16
N PRO B 208 3.23 -19.54 31.68
CA PRO B 208 3.41 -19.93 30.27
C PRO B 208 2.70 -21.23 29.95
N ASN B 209 2.15 -21.30 28.74
CA ASN B 209 1.39 -22.46 28.29
C ASN B 209 2.30 -23.44 27.55
N ASP B 210 1.69 -24.43 26.90
CA ASP B 210 2.41 -25.56 26.32
C ASP B 210 3.45 -25.12 25.30
N ARG B 211 3.17 -24.04 24.59
CA ARG B 211 4.00 -23.57 23.50
C ARG B 211 5.12 -22.64 23.97
N PHE B 212 5.33 -22.49 25.28
CA PHE B 212 6.48 -21.77 25.82
C PHE B 212 7.18 -22.66 26.85
N PRO B 213 7.75 -23.81 26.42
CA PRO B 213 8.18 -24.83 27.41
C PRO B 213 9.31 -24.38 28.32
N ARG B 214 10.14 -23.44 27.88
CA ARG B 214 11.26 -22.96 28.68
C ARG B 214 10.92 -21.72 29.50
N GLY B 215 9.63 -21.38 29.59
CA GLY B 215 9.17 -20.32 30.48
C GLY B 215 9.46 -18.93 29.98
N MET B 216 8.97 -17.97 30.75
CA MET B 216 9.02 -16.60 30.27
C MET B 216 10.34 -15.93 30.62
N ALA B 217 10.99 -16.30 31.72
CA ALA B 217 12.25 -15.64 32.06
C ALA B 217 13.33 -15.99 31.06
N PHE B 218 13.25 -17.19 30.46
CA PHE B 218 14.16 -17.57 29.39
C PHE B 218 14.02 -16.62 28.20
N LEU B 219 12.79 -16.49 27.69
CA LEU B 219 12.55 -15.66 26.52
C LEU B 219 13.03 -14.24 26.71
N ALA B 220 12.81 -13.67 27.90
CA ALA B 220 13.17 -12.27 28.10
C ALA B 220 14.69 -12.08 28.11
N GLU B 221 15.44 -13.14 28.43
CA GLU B 221 16.89 -13.05 28.48
C GLU B 221 17.47 -13.04 27.06
N ARG B 222 16.99 -13.96 26.20
CA ARG B 222 17.34 -13.92 24.78
C ARG B 222 16.96 -12.58 24.14
N ILE B 223 15.82 -12.00 24.54
CA ILE B 223 15.44 -10.69 24.01
C ILE B 223 16.46 -9.63 24.43
N ARG B 224 16.93 -9.69 25.69
CA ARG B 224 17.91 -8.65 26.07
C ARG B 224 19.33 -9.02 25.62
N GLU B 225 19.61 -10.31 25.40
CA GLU B 225 20.86 -10.69 24.75
C GLU B 225 21.01 -10.07 23.36
N ARG B 226 19.95 -9.49 22.80
CA ARG B 226 19.99 -8.78 21.53
C ARG B 226 19.85 -7.27 21.69
N GLY B 227 20.08 -6.74 22.90
CA GLY B 227 20.06 -5.31 23.14
C GLY B 227 18.67 -4.72 23.18
N LEU B 228 17.66 -5.52 23.54
CA LEU B 228 16.27 -5.10 23.48
C LEU B 228 15.56 -5.36 24.81
N ARG B 229 14.77 -4.39 25.24
CA ARG B 229 13.91 -4.58 26.40
C ARG B 229 12.80 -5.57 26.05
N ALA B 230 12.37 -6.32 27.05
CA ALA B 230 11.36 -7.34 26.85
C ALA B 230 10.05 -6.89 27.47
N GLY B 231 8.98 -6.98 26.69
CA GLY B 231 7.67 -6.52 27.11
C GLY B 231 6.66 -7.65 27.09
N LEU B 232 5.73 -7.61 28.05
CA LEU B 232 4.77 -8.68 28.23
C LEU B 232 3.38 -8.09 28.45
N TRP B 233 2.36 -8.87 28.08
CA TRP B 233 0.97 -8.48 28.06
C TRP B 233 0.19 -9.22 29.15
N PHE B 234 -0.68 -8.49 29.86
CA PHE B 234 -1.59 -9.04 30.85
C PHE B 234 -2.95 -8.37 30.73
N ALA B 235 -4.00 -9.15 31.00
CA ALA B 235 -5.30 -8.59 31.38
C ALA B 235 -5.51 -8.88 32.85
N PRO B 236 -4.87 -8.14 33.76
CA PRO B 236 -4.79 -8.63 35.15
C PRO B 236 -6.15 -8.86 35.80
N PHE B 237 -7.12 -7.96 35.61
CA PHE B 237 -8.39 -8.08 36.30
C PHE B 237 -9.47 -8.82 35.51
N LEU B 238 -9.10 -9.63 34.53
CA LEU B 238 -10.10 -10.30 33.70
C LEU B 238 -10.08 -11.80 33.97
N VAL B 239 -11.24 -12.42 33.82
CA VAL B 239 -11.39 -13.84 34.09
C VAL B 239 -12.60 -14.36 33.30
N THR B 240 -12.56 -15.65 32.97
CA THR B 240 -13.74 -16.32 32.41
C THR B 240 -14.21 -17.42 33.36
N ALA B 241 -15.42 -17.93 33.13
CA ALA B 241 -15.92 -19.02 33.96
C ALA B 241 -14.99 -20.23 33.90
N ASP B 242 -14.31 -20.44 32.77
CA ASP B 242 -13.42 -21.59 32.62
C ASP B 242 -12.10 -21.43 33.34
N SER B 243 -11.82 -20.27 33.90
CA SER B 243 -10.50 -20.06 34.48
C SER B 243 -10.41 -20.79 35.81
N PRO B 244 -9.29 -21.47 36.07
CA PRO B 244 -9.10 -22.06 37.40
C PRO B 244 -9.33 -21.06 38.52
N LEU B 245 -8.89 -19.82 38.34
CA LEU B 245 -9.05 -18.83 39.40
C LEU B 245 -10.52 -18.56 39.71
N PHE B 246 -11.39 -18.63 38.70
CA PHE B 246 -12.79 -18.26 38.89
C PHE B 246 -13.50 -19.22 39.82
N GLN B 247 -13.07 -20.47 39.86
CA GLN B 247 -13.66 -21.46 40.76
C GLN B 247 -12.87 -21.62 42.05
N LYS B 248 -11.53 -21.57 42.00
CA LYS B 248 -10.70 -21.60 43.20
C LYS B 248 -10.91 -20.40 44.13
N ARG B 249 -11.21 -19.19 43.60
CA ARG B 249 -11.45 -18.01 44.44
C ARG B 249 -12.73 -17.30 44.04
N PRO B 250 -13.91 -17.92 44.23
CA PRO B 250 -15.16 -17.26 43.83
C PRO B 250 -15.43 -15.93 44.53
N ASP B 251 -14.85 -15.70 45.71
CA ASP B 251 -14.96 -14.44 46.43
C ASP B 251 -14.17 -13.31 45.81
N TRP B 252 -13.31 -13.60 44.82
CA TRP B 252 -12.56 -12.56 44.12
C TRP B 252 -13.35 -11.95 42.97
N VAL B 253 -14.34 -12.66 42.44
CA VAL B 253 -15.15 -12.17 41.33
C VAL B 253 -15.95 -10.95 41.76
N LEU B 254 -16.05 -9.96 40.87
CA LEU B 254 -16.85 -8.75 41.13
C LEU B 254 -18.33 -9.06 40.92
N ARG B 255 -19.13 -8.87 41.96
CA ARG B 255 -20.54 -9.27 41.98
C ARG B 255 -21.40 -8.03 42.14
N ASP B 256 -22.68 -8.11 41.74
CA ASP B 256 -23.56 -6.96 41.86
C ASP B 256 -24.26 -6.99 43.23
N GLY B 257 -25.36 -6.25 43.41
CA GLY B 257 -26.05 -6.27 44.68
C GLY B 257 -26.79 -7.58 44.99
N GLU B 258 -26.86 -8.52 44.06
CA GLU B 258 -27.46 -9.81 44.29
C GLU B 258 -26.43 -10.94 44.31
N GLY B 259 -25.15 -10.62 44.23
CA GLY B 259 -24.14 -11.65 44.20
C GLY B 259 -23.88 -12.31 42.86
N ARG B 260 -24.57 -11.89 41.80
CA ARG B 260 -24.24 -12.36 40.47
C ARG B 260 -22.95 -11.71 39.99
N PRO B 261 -22.10 -12.44 39.28
CA PRO B 261 -20.93 -11.82 38.66
C PRO B 261 -21.35 -10.69 37.73
N VAL B 262 -20.67 -9.56 37.83
CA VAL B 262 -20.88 -8.47 36.90
C VAL B 262 -20.36 -8.87 35.52
N ARG B 263 -21.19 -8.67 34.48
CA ARG B 263 -20.77 -9.02 33.13
C ARG B 263 -19.77 -8.01 32.62
N ALA B 264 -18.65 -8.50 32.09
CA ALA B 264 -17.57 -7.65 31.61
C ALA B 264 -17.35 -7.72 30.10
N GLY B 265 -18.27 -8.29 29.34
CA GLY B 265 -18.04 -8.45 27.92
C GLY B 265 -18.03 -9.87 27.36
N PHE B 266 -17.56 -10.00 26.11
CA PHE B 266 -17.60 -11.26 25.38
C PHE B 266 -16.40 -11.24 24.43
N ASN B 267 -15.46 -12.13 24.65
CA ASN B 267 -14.27 -12.15 23.81
C ASN B 267 -13.68 -13.54 23.93
N TRP B 268 -12.78 -13.88 22.99
CA TRP B 268 -12.29 -15.24 22.85
C TRP B 268 -13.45 -16.26 22.85
N GLY B 269 -14.57 -15.87 22.25
CA GLY B 269 -15.71 -16.76 22.17
C GLY B 269 -16.45 -17.02 23.47
N ARG B 270 -16.11 -16.29 24.55
CA ARG B 270 -16.63 -16.59 25.87
C ARG B 270 -17.09 -15.35 26.63
N PRO B 271 -18.13 -15.48 27.43
CA PRO B 271 -18.48 -14.41 28.38
C PRO B 271 -17.36 -14.11 29.36
N LEU B 272 -17.19 -12.83 29.62
CA LEU B 272 -16.09 -12.31 30.41
C LEU B 272 -16.60 -11.80 31.75
N TYR B 273 -15.76 -11.94 32.76
CA TYR B 273 -16.09 -11.50 34.11
C TYR B 273 -14.87 -10.77 34.68
N ALA B 274 -15.08 -10.09 35.80
CA ALA B 274 -14.08 -9.20 36.35
C ALA B 274 -13.69 -9.63 37.76
N LEU B 275 -12.41 -9.53 38.09
CA LEU B 275 -11.97 -9.65 39.46
C LEU B 275 -12.15 -8.29 40.16
N ASP B 276 -12.52 -8.35 41.44
CA ASP B 276 -12.98 -7.16 42.16
C ASP B 276 -11.76 -6.31 42.55
N ALA B 277 -11.56 -5.20 41.84
CA ALA B 277 -10.47 -4.30 42.18
C ALA B 277 -10.67 -3.56 43.49
N GLY B 278 -11.81 -3.75 44.17
CA GLY B 278 -12.01 -3.17 45.49
C GLY B 278 -11.49 -4.08 46.59
N ASN B 279 -11.33 -5.35 46.24
CA ASN B 279 -10.84 -6.37 47.17
C ASN B 279 -9.32 -6.24 47.29
N GLU B 280 -8.83 -5.96 48.51
CA GLU B 280 -7.39 -5.73 48.67
C GLU B 280 -6.59 -6.99 48.36
N GLU B 281 -7.14 -8.17 48.63
CA GLU B 281 -6.45 -9.40 48.24
C GLU B 281 -6.20 -9.41 46.74
N VAL B 282 -7.24 -9.09 45.96
CA VAL B 282 -7.16 -9.12 44.50
C VAL B 282 -6.15 -8.11 44.01
N VAL B 283 -6.24 -6.87 44.48
CA VAL B 283 -5.25 -5.86 44.07
C VAL B 283 -3.83 -6.34 44.34
N GLU B 284 -3.63 -7.20 45.37
CA GLU B 284 -2.29 -7.69 45.65
C GLU B 284 -1.87 -8.81 44.72
N TRP B 285 -2.79 -9.72 44.46
CA TRP B 285 -2.52 -10.76 43.48
C TRP B 285 -2.21 -10.14 42.12
N ALA B 286 -2.77 -8.94 41.85
CA ALA B 286 -2.53 -8.25 40.59
C ALA B 286 -1.20 -7.55 40.59
N ALA B 287 -0.89 -6.82 41.66
CA ALA B 287 0.44 -6.25 41.81
C ALA B 287 1.51 -7.34 41.79
N ASP B 288 1.18 -8.54 42.28
CA ASP B 288 2.13 -9.64 42.24
C ASP B 288 2.42 -10.10 40.82
N LEU B 289 1.45 -9.96 39.93
CA LEU B 289 1.70 -10.24 38.52
C LEU B 289 2.73 -9.28 37.95
N VAL B 290 2.64 -8.00 38.31
CA VAL B 290 3.62 -7.03 37.84
C VAL B 290 5.01 -7.44 38.29
N ARG B 291 5.17 -7.76 39.58
CA ARG B 291 6.51 -8.06 40.07
C ARG B 291 7.00 -9.42 39.60
N LYS B 292 6.09 -10.39 39.42
CA LYS B 292 6.51 -11.65 38.82
C LYS B 292 7.05 -11.47 37.40
N ALA B 293 6.48 -10.53 36.63
CA ALA B 293 7.01 -10.24 35.30
C ALA B 293 8.33 -9.49 35.39
N LEU B 294 8.46 -8.52 36.31
CA LEU B 294 9.75 -7.83 36.47
C LEU B 294 10.84 -8.81 36.87
N ALA B 295 10.55 -9.73 37.79
CA ALA B 295 11.52 -10.76 38.15
C ALA B 295 11.93 -11.58 36.95
N TRP B 296 11.00 -11.75 36.00
CA TRP B 296 11.23 -12.54 34.80
C TRP B 296 12.16 -11.85 33.81
N GLY B 297 12.38 -10.53 33.96
CA GLY B 297 13.22 -9.77 33.04
C GLY B 297 12.48 -8.72 32.23
N TYR B 298 11.14 -8.61 32.32
CA TYR B 298 10.37 -7.69 31.50
C TYR B 298 10.25 -6.35 32.20
N ASP B 299 10.57 -5.28 31.48
CA ASP B 299 10.51 -3.91 31.99
C ASP B 299 9.51 -3.06 31.21
N TYR B 300 8.73 -3.68 30.33
CA TYR B 300 7.66 -3.04 29.56
C TYR B 300 6.44 -3.93 29.73
N LEU B 301 5.34 -3.38 30.24
CA LEU B 301 4.16 -4.17 30.53
C LEU B 301 2.94 -3.58 29.83
N LYS B 302 2.22 -4.41 29.08
CA LYS B 302 0.98 -3.98 28.42
C LYS B 302 -0.19 -4.50 29.25
N LEU B 303 -0.80 -3.62 30.02
CA LEU B 303 -1.86 -3.98 30.94
C LEU B 303 -3.18 -3.70 30.23
N ASP B 304 -3.91 -4.76 29.91
CA ASP B 304 -5.03 -4.70 29.00
C ASP B 304 -6.35 -5.00 29.72
N PHE B 305 -7.44 -4.62 29.03
CA PHE B 305 -8.80 -4.78 29.50
C PHE B 305 -9.02 -4.10 30.86
N LEU B 306 -8.28 -3.00 31.08
CA LEU B 306 -8.25 -2.35 32.38
C LEU B 306 -9.61 -1.77 32.81
N TYR B 307 -10.55 -1.61 31.87
CA TYR B 307 -11.90 -1.21 32.27
C TYR B 307 -12.52 -2.21 33.27
N ALA B 308 -12.08 -3.47 33.28
CA ALA B 308 -12.68 -4.43 34.21
C ALA B 308 -12.48 -4.00 35.65
N ALA B 309 -11.34 -3.37 35.95
CA ALA B 309 -11.07 -2.86 37.29
C ALA B 309 -11.91 -1.66 37.65
N ALA B 310 -12.63 -1.05 36.71
CA ALA B 310 -13.41 0.15 36.99
C ALA B 310 -14.89 -0.04 36.74
N LEU B 311 -15.34 -1.25 36.47
CA LEU B 311 -16.77 -1.46 36.25
C LEU B 311 -17.54 -1.05 37.51
N PRO B 312 -18.75 -0.50 37.36
CA PRO B 312 -19.58 -0.37 36.16
C PRO B 312 -19.54 0.99 35.46
N GLY B 313 -18.50 1.78 35.67
CA GLY B 313 -18.32 3.01 34.91
C GLY B 313 -17.73 4.09 35.79
N ALA B 314 -18.28 5.31 35.66
CA ALA B 314 -17.88 6.43 36.51
C ALA B 314 -17.83 6.05 37.99
N GLU B 315 -18.83 5.30 38.45
CA GLU B 315 -18.93 4.87 39.85
C GLU B 315 -17.73 4.04 40.31
N GLY B 316 -17.05 3.36 39.39
CA GLY B 316 -15.95 2.50 39.77
C GLY B 316 -14.58 3.10 39.59
N GLU B 317 -14.50 4.38 39.19
CA GLU B 317 -13.19 4.95 38.88
C GLU B 317 -12.32 5.08 40.14
N ALA B 318 -12.94 5.34 41.30
CA ALA B 318 -12.15 5.50 42.54
C ALA B 318 -11.50 4.19 42.96
N ARG B 319 -12.23 3.07 42.91
CA ARG B 319 -11.56 1.78 43.10
C ARG B 319 -10.46 1.60 42.07
N TYR B 320 -10.76 1.88 40.80
CA TYR B 320 -9.77 1.68 39.73
C TYR B 320 -8.49 2.45 40.02
N ARG B 321 -8.60 3.72 40.37
CA ARG B 321 -7.42 4.53 40.63
C ARG B 321 -6.59 3.98 41.78
N LYS B 322 -7.24 3.62 42.89
CA LYS B 322 -6.53 3.01 44.00
C LYS B 322 -5.75 1.77 43.56
N ALA B 323 -6.40 0.89 42.78
CA ALA B 323 -5.80 -0.39 42.42
C ALA B 323 -4.64 -0.20 41.43
N MET B 324 -4.81 0.65 40.39
CA MET B 324 -3.70 0.94 39.48
C MET B 324 -2.63 1.77 40.13
N ALA B 325 -2.95 2.48 41.19
CA ALA B 325 -1.92 3.18 41.92
C ALA B 325 -0.94 2.18 42.54
N ARG B 326 -1.46 1.06 43.01
CA ARG B 326 -0.62 0.03 43.64
C ARG B 326 0.21 -0.69 42.59
N LEU B 327 -0.41 -1.11 41.50
CA LEU B 327 0.37 -1.68 40.41
C LEU B 327 1.44 -0.71 39.92
N ARG B 328 1.14 0.59 39.94
CA ARG B 328 2.12 1.58 39.44
C ARG B 328 3.37 1.59 40.32
N GLU B 329 3.18 1.48 41.64
CA GLU B 329 4.32 1.47 42.55
C GLU B 329 5.02 0.12 42.52
N ALA B 330 4.26 -0.96 42.39
CA ALA B 330 4.86 -2.27 42.21
C ALA B 330 5.79 -2.31 40.99
N ALA B 331 5.45 -1.57 39.94
CA ALA B 331 6.22 -1.55 38.70
C ALA B 331 7.46 -0.68 38.77
N GLY B 332 7.59 0.12 39.83
CA GLY B 332 8.74 1.00 39.90
C GLY B 332 8.77 1.92 38.71
N GLU B 333 9.86 1.89 37.95
CA GLU B 333 9.96 2.73 36.77
C GLU B 333 10.02 1.90 35.50
N ALA B 334 9.49 0.69 35.55
CA ALA B 334 9.09 -0.03 34.35
C ALA B 334 8.07 0.78 33.57
N TYR B 335 7.99 0.50 32.26
CA TYR B 335 7.03 1.16 31.38
C TYR B 335 5.70 0.43 31.47
N LEU B 336 4.63 1.19 31.70
CA LEU B 336 3.27 0.65 31.76
C LEU B 336 2.43 1.25 30.64
N LEU B 337 2.01 0.40 29.69
CA LEU B 337 1.11 0.79 28.61
C LEU B 337 -0.30 0.33 29.00
N PHE B 338 -1.20 1.30 29.23
CA PHE B 338 -2.60 1.04 29.59
C PHE B 338 -3.43 0.87 28.32
N CYS B 339 -4.21 -0.21 28.28
CA CYS B 339 -5.00 -0.54 27.12
C CYS B 339 -6.41 -0.92 27.58
N GLY B 340 -7.42 -0.55 26.80
CA GLY B 340 -8.79 -0.74 27.27
C GLY B 340 -9.05 -0.05 28.59
N ALA B 341 -8.39 1.04 28.80
CA ALA B 341 -8.30 1.70 30.08
C ALA B 341 -9.22 2.90 30.15
N PRO B 342 -9.87 3.13 31.29
CA PRO B 342 -10.55 4.42 31.52
C PRO B 342 -9.63 5.59 31.24
N VAL B 343 -9.91 6.38 30.21
CA VAL B 343 -8.86 7.25 29.66
C VAL B 343 -8.42 8.31 30.68
N LEU B 344 -9.35 9.10 31.23
CA LEU B 344 -8.92 10.20 32.08
C LEU B 344 -8.47 9.71 33.45
N ALA B 345 -9.11 8.66 33.99
CA ALA B 345 -8.67 8.20 35.30
C ALA B 345 -7.31 7.49 35.27
N SER B 346 -6.73 7.28 34.09
CA SER B 346 -5.40 6.67 34.01
C SER B 346 -4.29 7.70 34.01
N LEU B 347 -4.60 8.98 33.80
CA LEU B 347 -3.56 10.00 33.69
C LEU B 347 -2.78 10.13 34.99
N GLY B 348 -1.45 10.24 34.87
CA GLY B 348 -0.62 10.27 36.03
C GLY B 348 -0.07 8.92 36.42
N LEU B 349 -0.80 7.84 36.14
CA LEU B 349 -0.30 6.50 36.40
C LEU B 349 0.30 5.83 35.17
N ALA B 350 -0.32 5.95 34.00
CA ALA B 350 0.18 5.25 32.82
C ALA B 350 1.34 6.01 32.19
N ASP B 351 2.21 5.26 31.49
CA ASP B 351 3.31 5.85 30.72
C ASP B 351 2.92 6.07 29.27
N GLY B 352 2.35 5.05 28.64
CA GLY B 352 1.60 5.20 27.41
C GLY B 352 0.18 4.70 27.57
N LEU B 353 -0.73 5.28 26.76
CA LEU B 353 -2.17 5.02 26.84
C LEU B 353 -2.72 4.79 25.44
N ARG B 354 -3.32 3.63 25.22
CA ARG B 354 -4.09 3.44 24.00
C ARG B 354 -5.30 4.39 24.02
N VAL B 355 -5.47 5.16 22.96
CA VAL B 355 -6.54 6.17 22.92
C VAL B 355 -7.60 5.84 21.88
N GLY B 356 -7.49 4.71 21.20
CA GLY B 356 -8.53 4.31 20.30
C GLY B 356 -8.70 2.81 20.17
N PRO B 357 -9.67 2.41 19.35
CA PRO B 357 -9.84 0.99 19.04
C PRO B 357 -8.61 0.42 18.38
N ASP B 358 -8.55 -0.91 18.38
CA ASP B 358 -7.53 -1.67 17.66
C ASP B 358 -7.45 -1.25 16.21
N VAL B 359 -6.23 -0.98 15.74
CA VAL B 359 -6.05 -1.05 14.30
C VAL B 359 -6.29 -2.49 13.87
N ALA B 360 -6.47 -2.70 12.59
CA ALA B 360 -6.63 -4.04 12.05
C ALA B 360 -6.10 -4.02 10.63
N PRO B 361 -5.89 -5.18 10.03
CA PRO B 361 -5.45 -5.19 8.64
C PRO B 361 -6.59 -4.88 7.67
N TYR B 362 -7.48 -3.95 8.01
CA TYR B 362 -8.56 -3.57 7.11
C TYR B 362 -9.10 -2.23 7.59
N TRP B 363 -9.76 -1.54 6.67
CA TRP B 363 -10.25 -0.20 6.97
C TRP B 363 -11.44 -0.27 7.92
N ASP B 364 -12.45 -1.05 7.57
CA ASP B 364 -13.66 -1.06 8.36
C ASP B 364 -14.43 -2.35 8.13
N ASN B 365 -14.81 -3.03 9.20
CA ASN B 365 -15.75 -4.13 9.10
C ASN B 365 -17.15 -3.52 9.19
N GLU B 366 -17.79 -3.28 8.03
CA GLU B 366 -19.06 -2.57 8.02
C GLU B 366 -20.13 -3.34 8.74
N GLU B 367 -19.98 -4.66 8.84
CA GLU B 367 -20.95 -5.44 9.58
C GLU B 367 -20.98 -5.06 11.05
N ARG B 368 -19.81 -4.85 11.63
CA ARG B 368 -19.75 -4.45 13.03
C ARG B 368 -19.94 -2.96 13.23
N SER B 369 -19.34 -2.12 12.38
CA SER B 369 -19.46 -0.68 12.61
C SER B 369 -20.86 -0.19 12.30
N PHE B 370 -21.46 -0.66 11.20
CA PHE B 370 -22.76 -0.19 10.75
C PHE B 370 -23.93 -1.07 11.22
N TRP B 371 -23.94 -2.36 10.89
CA TRP B 371 -25.13 -3.16 11.20
C TRP B 371 -25.26 -3.41 12.69
N LEU B 372 -24.14 -3.47 13.41
CA LEU B 372 -24.18 -3.63 14.85
C LEU B 372 -23.94 -2.31 15.61
N ALA B 373 -23.71 -1.20 14.91
CA ALA B 373 -23.63 0.13 15.51
C ALA B 373 -22.58 0.19 16.63
N ASP B 374 -21.40 -0.36 16.32
CA ASP B 374 -20.32 -0.58 17.28
C ASP B 374 -19.03 0.00 16.71
N PRO B 375 -18.75 1.27 16.97
CA PRO B 375 -17.51 1.89 16.49
C PRO B 375 -16.27 1.56 17.31
N THR B 376 -16.34 0.59 18.22
CA THR B 376 -15.21 0.24 19.06
C THR B 376 -14.52 -1.03 18.61
N GLY B 377 -15.05 -1.68 17.56
CA GLY B 377 -14.42 -2.85 16.99
C GLY B 377 -13.09 -2.53 16.33
N PRO B 378 -12.27 -3.57 16.13
CA PRO B 378 -11.01 -3.36 15.43
C PRO B 378 -11.24 -2.81 14.03
N GLY B 379 -10.33 -1.93 13.61
CA GLY B 379 -10.42 -1.36 12.28
C GLY B 379 -9.70 -0.04 12.19
N LEU B 380 -8.96 0.16 11.10
CA LEU B 380 -8.11 1.35 11.03
C LEU B 380 -8.92 2.63 11.11
N ARG B 381 -10.08 2.68 10.45
CA ARG B 381 -10.92 3.89 10.55
C ARG B 381 -11.37 4.11 11.98
N ASN B 382 -11.89 3.07 12.64
CA ASN B 382 -12.34 3.20 14.03
C ASN B 382 -11.20 3.65 14.92
N ALA B 383 -10.01 3.10 14.69
CA ALA B 383 -8.82 3.50 15.43
C ALA B 383 -8.55 4.99 15.24
N LEU B 384 -8.41 5.44 13.99
CA LEU B 384 -8.08 6.83 13.71
C LEU B 384 -9.11 7.81 14.27
N ARG B 385 -10.41 7.50 14.14
CA ARG B 385 -11.45 8.45 14.54
C ARG B 385 -11.29 8.87 16.01
N SER B 386 -11.12 7.92 16.92
CA SER B 386 -11.05 8.26 18.34
C SER B 386 -9.70 8.87 18.69
N THR B 387 -8.63 8.35 18.10
CA THR B 387 -7.30 8.85 18.40
C THR B 387 -7.16 10.33 18.04
N LEU B 388 -7.71 10.73 16.89
CA LEU B 388 -7.64 12.13 16.49
C LEU B 388 -8.29 13.02 17.54
N HIS B 389 -9.33 12.52 18.19
CA HIS B 389 -10.04 13.31 19.18
C HIS B 389 -9.48 13.14 20.58
N ARG B 390 -8.34 12.48 20.71
CA ARG B 390 -7.73 12.38 22.05
C ARG B 390 -6.27 12.83 22.08
N LEU B 391 -5.78 13.44 20.99
CA LEU B 391 -4.38 13.83 20.91
C LEU B 391 -4.03 14.90 21.93
N TRP B 392 -5.02 15.66 22.39
CA TRP B 392 -4.75 16.69 23.40
C TRP B 392 -4.17 16.10 24.69
N LEU B 393 -4.08 14.78 24.80
CA LEU B 393 -3.54 14.15 25.99
C LEU B 393 -2.05 13.93 25.91
N MET B 394 -1.41 14.33 24.82
CA MET B 394 0.05 14.20 24.68
C MET B 394 0.80 14.99 25.75
N GLU B 395 0.16 16.00 26.31
CA GLU B 395 0.59 16.74 27.48
C GLU B 395 0.67 15.88 28.74
N ASN B 396 -0.06 14.77 28.78
CA ASN B 396 -0.26 14.05 30.03
C ASN B 396 0.24 12.63 30.02
N VAL B 397 0.53 12.06 28.86
CA VAL B 397 0.94 10.66 28.77
C VAL B 397 1.43 10.45 27.35
N HIS B 398 2.21 9.41 27.14
CA HIS B 398 2.49 8.99 25.79
C HIS B 398 1.22 8.42 25.17
N VAL B 399 0.78 9.05 24.08
CA VAL B 399 -0.46 8.67 23.42
C VAL B 399 -0.18 7.59 22.39
N ASP B 400 -0.78 6.41 22.57
CA ASP B 400 -0.52 5.29 21.68
C ASP B 400 -1.61 5.21 20.61
N PRO B 401 -1.31 5.52 19.36
CA PRO B 401 -2.31 5.36 18.30
C PRO B 401 -2.50 3.92 17.88
N ASP B 402 -1.69 2.98 18.42
CA ASP B 402 -1.63 1.56 18.09
C ASP B 402 -0.68 1.34 16.91
N VAL B 403 -0.46 0.08 16.52
CA VAL B 403 0.71 -0.22 15.68
C VAL B 403 0.54 0.37 14.29
N VAL B 404 1.65 0.41 13.56
CA VAL B 404 1.71 0.93 12.20
C VAL B 404 2.02 -0.24 11.28
N TYR B 405 1.30 -0.31 10.16
CA TYR B 405 1.53 -1.38 9.20
C TYR B 405 2.46 -0.85 8.12
N PHE B 406 3.37 -1.71 7.69
CA PHE B 406 4.17 -1.46 6.50
C PHE B 406 4.05 -2.57 5.48
N ARG B 407 3.69 -3.77 5.93
CA ARG B 407 3.53 -4.89 5.02
C ARG B 407 2.29 -4.72 4.14
N THR B 408 2.35 -5.32 2.97
CA THR B 408 1.16 -5.54 2.19
C THR B 408 0.76 -7.01 2.14
N ARG B 409 1.66 -7.91 2.48
CA ARG B 409 1.27 -9.30 2.66
C ARG B 409 0.49 -9.42 3.94
N PHE B 410 -0.60 -10.18 3.89
CA PHE B 410 -1.42 -10.44 5.09
C PHE B 410 -1.95 -9.14 5.67
N ASN B 411 -2.41 -8.25 4.78
CA ASN B 411 -2.95 -6.95 5.13
C ASN B 411 -3.86 -6.50 3.99
N LEU B 412 -5.09 -6.08 4.31
CA LEU B 412 -6.01 -5.54 3.31
C LEU B 412 -5.92 -4.03 3.16
N LEU B 413 -5.11 -3.36 3.96
CA LEU B 413 -5.09 -1.91 3.92
C LEU B 413 -4.40 -1.38 2.67
N SER B 414 -4.82 -0.24 2.25
CA SER B 414 -4.18 0.39 1.11
C SER B 414 -2.99 1.25 1.54
N PRO B 415 -2.00 1.43 0.67
CA PRO B 415 -0.86 2.30 1.00
C PRO B 415 -1.25 3.70 1.44
N GLU B 416 -2.27 4.29 0.82
CA GLU B 416 -2.74 5.58 1.31
C GLU B 416 -3.30 5.46 2.73
N GLU B 417 -4.08 4.40 2.99
CA GLU B 417 -4.64 4.18 4.32
C GLU B 417 -3.53 4.01 5.35
N MET B 418 -2.54 3.17 5.05
CA MET B 418 -1.42 2.96 5.94
C MET B 418 -0.67 4.26 6.28
N ARG B 419 -0.53 5.18 5.32
CA ARG B 419 0.22 6.41 5.64
C ARG B 419 -0.53 7.30 6.64
N LEU B 420 -1.86 7.23 6.66
CA LEU B 420 -2.62 7.98 7.65
C LEU B 420 -2.25 7.57 9.07
N GLN B 421 -2.05 6.26 9.29
CA GLN B 421 -1.71 5.77 10.62
C GLN B 421 -0.26 6.06 10.95
N GLU B 422 0.63 5.80 10.00
CA GLU B 422 2.03 6.16 10.14
C GLU B 422 2.19 7.61 10.56
N ALA B 423 1.37 8.51 10.00
CA ALA B 423 1.56 9.94 10.29
C ALA B 423 1.18 10.29 11.73
N LEU B 424 0.21 9.58 12.31
CA LEU B 424 -0.14 9.81 13.71
C LEU B 424 0.91 9.24 14.66
N ALA B 425 1.60 8.17 14.24
CA ALA B 425 2.68 7.67 15.06
C ALA B 425 3.84 8.65 15.11
N HIS B 426 4.15 9.29 13.98
CA HIS B 426 5.11 10.38 13.98
C HIS B 426 4.65 11.48 14.92
N PHE B 427 3.39 11.88 14.82
CA PHE B 427 2.90 13.03 15.57
C PHE B 427 2.95 12.79 17.07
N THR B 428 2.61 11.58 17.52
CA THR B 428 2.62 11.30 18.95
C THR B 428 4.00 10.89 19.45
N GLY B 429 4.90 10.47 18.55
CA GLY B 429 6.16 9.89 18.96
C GLY B 429 6.10 8.42 19.32
N PHE B 430 4.90 7.81 19.32
CA PHE B 430 4.73 6.43 19.72
C PHE B 430 4.81 5.54 18.50
N LYS B 431 5.87 4.75 18.40
CA LYS B 431 6.16 4.01 17.18
C LYS B 431 6.19 2.53 17.50
N ALA B 432 5.27 1.77 16.89
CA ALA B 432 5.22 0.33 17.07
C ALA B 432 4.77 -0.31 15.76
N THR B 433 5.11 -1.59 15.63
CA THR B 433 4.57 -2.41 14.55
C THR B 433 4.53 -3.84 15.03
N SER B 434 3.68 -4.63 14.37
CA SER B 434 3.64 -6.07 14.52
C SER B 434 4.12 -6.81 13.29
N ASP B 435 4.70 -6.09 12.31
CA ASP B 435 5.08 -6.71 11.04
C ASP B 435 6.28 -7.62 11.26
N PRO B 436 6.18 -8.92 11.02
CA PRO B 436 7.37 -9.76 10.97
C PRO B 436 8.22 -9.37 9.78
N PRO B 437 9.54 -9.18 9.96
CA PRO B 437 10.36 -8.75 8.80
C PRO B 437 10.30 -9.69 7.60
N SER B 438 10.20 -11.00 7.81
CA SER B 438 10.07 -11.91 6.68
C SER B 438 8.76 -11.76 5.91
N TRP B 439 7.80 -10.97 6.42
CA TRP B 439 6.60 -10.66 5.68
C TRP B 439 6.73 -9.37 4.87
N LEU B 440 7.84 -8.64 5.04
CA LEU B 440 8.07 -7.36 4.38
C LEU B 440 8.84 -7.55 3.07
N LEU B 441 8.36 -6.90 2.01
CA LEU B 441 9.15 -6.79 0.80
C LEU B 441 10.38 -5.92 1.05
N PRO B 442 11.43 -6.05 0.23
CA PRO B 442 12.62 -5.19 0.45
C PRO B 442 12.30 -3.69 0.49
N GLU B 443 11.50 -3.19 -0.45
CA GLU B 443 11.03 -1.81 -0.41
C GLU B 443 10.40 -1.47 0.95
N GLU B 444 9.71 -2.45 1.56
CA GLU B 444 8.96 -2.19 2.78
C GLU B 444 9.85 -2.23 4.01
N LYS B 445 10.81 -3.17 4.07
CA LYS B 445 11.84 -3.15 5.10
C LYS B 445 12.46 -1.78 5.21
N GLY B 446 12.78 -1.16 4.07
CA GLY B 446 13.43 0.13 4.11
C GLY B 446 12.56 1.24 4.65
N ARG B 447 11.26 1.20 4.35
CA ARG B 447 10.36 2.19 4.94
C ARG B 447 10.32 2.02 6.46
N LEU B 448 10.30 0.79 6.94
CA LEU B 448 10.23 0.54 8.37
C LEU B 448 11.48 1.05 9.07
N GLU B 449 12.66 0.77 8.50
CA GLU B 449 13.86 1.25 9.19
C GLU B 449 13.96 2.76 9.13
N ALA B 450 13.55 3.39 8.04
CA ALA B 450 13.59 4.86 8.02
C ALA B 450 12.58 5.43 8.99
N PHE B 451 11.48 4.72 9.22
CA PHE B 451 10.43 5.21 10.12
C PHE B 451 10.93 5.22 11.57
N LEU B 452 11.61 4.15 11.98
CA LEU B 452 12.14 4.06 13.34
C LEU B 452 13.33 4.98 13.57
N ALA B 453 14.20 5.15 12.57
CA ALA B 453 15.51 5.79 12.76
C ALA B 453 15.47 7.31 12.64
N ARG B 454 14.50 7.88 11.96
CA ARG B 454 14.42 9.33 11.80
C ARG B 454 13.27 9.88 12.61
N GLU B 455 13.50 11.01 13.26
CA GLU B 455 12.42 11.78 13.87
C GLU B 455 11.92 12.79 12.85
N VAL B 456 10.76 12.53 12.27
CA VAL B 456 10.18 13.38 11.23
C VAL B 456 9.40 14.49 11.92
N PRO B 457 9.73 15.77 11.66
CA PRO B 457 8.92 16.86 12.22
C PRO B 457 7.51 16.83 11.66
N VAL B 458 6.54 17.10 12.53
CA VAL B 458 5.13 17.07 12.17
C VAL B 458 4.44 18.19 12.92
N ARG B 459 3.46 18.80 12.26
CA ARG B 459 2.81 20.03 12.71
C ARG B 459 1.31 19.87 12.53
N ARG B 460 0.52 20.38 13.49
CA ARG B 460 -0.93 20.38 13.32
C ARG B 460 -1.38 21.73 12.76
N LEU B 461 -2.10 21.68 11.65
CA LEU B 461 -2.65 22.86 10.99
C LEU B 461 -4.08 23.14 11.39
N GLY B 462 -4.88 22.08 11.56
CA GLY B 462 -6.25 22.16 11.99
C GLY B 462 -6.65 20.87 12.68
N PRO B 463 -7.94 20.74 13.02
CA PRO B 463 -8.37 19.52 13.73
C PRO B 463 -8.12 18.23 12.97
N TYR B 464 -8.09 18.27 11.64
CA TYR B 464 -7.91 17.05 10.86
C TYR B 464 -6.80 17.17 9.82
N ARG B 465 -6.02 18.24 9.84
CA ARG B 465 -4.99 18.43 8.85
C ARG B 465 -3.64 18.54 9.53
N PHE B 466 -2.68 17.77 9.05
CA PHE B 466 -1.35 17.76 9.61
C PHE B 466 -0.34 18.01 8.49
N ARG B 467 0.83 18.49 8.89
CA ARG B 467 1.98 18.60 8.00
C ARG B 467 3.04 17.66 8.58
N VAL B 468 3.17 16.49 7.96
CA VAL B 468 4.16 15.49 8.34
C VAL B 468 5.34 15.67 7.39
N GLY B 469 6.52 15.97 7.95
CA GLY B 469 7.63 16.47 7.16
C GLY B 469 7.17 17.62 6.29
N GLU B 470 7.06 17.39 4.97
CA GLU B 470 6.54 18.38 4.05
C GLU B 470 5.25 17.96 3.34
N GLU B 471 4.83 16.70 3.49
CA GLU B 471 3.51 16.25 3.07
C GLU B 471 2.43 16.88 3.93
N GLU B 472 1.29 17.19 3.32
CA GLU B 472 0.11 17.57 4.08
C GLU B 472 -0.88 16.40 4.04
N VAL B 473 -1.26 15.94 5.23
CA VAL B 473 -2.13 14.78 5.43
C VAL B 473 -3.47 15.29 5.93
N ASP B 474 -4.57 14.92 5.27
CA ASP B 474 -5.90 15.37 5.67
C ASP B 474 -6.80 14.19 6.03
N TYR B 475 -7.39 14.26 7.23
CA TYR B 475 -8.22 13.18 7.75
C TYR B 475 -9.71 13.46 7.67
N ALA B 476 -10.12 14.67 7.29
CA ALA B 476 -11.53 15.06 7.36
C ALA B 476 -12.47 14.17 6.54
N PRO B 477 -12.12 13.68 5.32
CA PRO B 477 -13.02 12.70 4.65
C PRO B 477 -13.41 11.49 5.51
N LEU B 478 -12.47 10.99 6.33
CA LEU B 478 -12.72 9.84 7.20
C LEU B 478 -14.09 9.89 7.88
N LEU B 479 -14.41 11.00 8.55
CA LEU B 479 -15.62 11.05 9.40
C LEU B 479 -16.96 11.11 8.62
N GLY C 1 -52.20 -38.09 -0.38
CA GLY C 1 -53.10 -39.12 -0.89
C GLY C 1 -53.02 -40.50 -0.23
N SER C 2 -52.54 -41.50 -0.98
CA SER C 2 -52.61 -42.90 -0.58
C SER C 2 -51.44 -43.32 0.31
N HIS C 3 -51.70 -44.27 1.19
CA HIS C 3 -50.65 -44.80 2.03
C HIS C 3 -49.98 -45.96 1.33
N MET C 4 -48.66 -46.04 1.44
CA MET C 4 -47.89 -47.01 0.68
C MET C 4 -46.83 -47.62 1.58
N ARG C 5 -46.45 -48.85 1.24
CA ARG C 5 -45.36 -49.57 1.88
C ARG C 5 -44.32 -49.87 0.82
N LEU C 6 -43.05 -49.92 1.24
CA LEU C 6 -41.99 -50.08 0.26
C LEU C 6 -40.75 -50.70 0.88
N ASN C 7 -40.08 -51.52 0.08
CA ASN C 7 -38.72 -51.95 0.37
C ASN C 7 -37.76 -51.05 -0.42
N LEU C 8 -37.07 -50.19 0.31
CA LEU C 8 -36.07 -49.28 -0.22
C LEU C 8 -34.76 -49.58 0.49
N GLY C 9 -33.71 -49.86 -0.27
CA GLY C 9 -32.40 -50.07 0.33
C GLY C 9 -32.38 -51.12 1.42
N GLY C 10 -33.19 -52.17 1.26
CA GLY C 10 -33.23 -53.26 2.22
C GLY C 10 -33.80 -52.88 3.58
N ALA C 11 -34.62 -51.83 3.63
CA ALA C 11 -35.37 -51.46 4.82
C ALA C 11 -36.79 -51.11 4.39
N GLU C 12 -37.70 -51.12 5.36
CA GLU C 12 -39.10 -50.97 5.05
C GLU C 12 -39.52 -49.55 5.39
N VAL C 13 -39.96 -48.81 4.37
CA VAL C 13 -40.20 -47.36 4.46
C VAL C 13 -41.69 -47.10 4.23
N PHE C 14 -42.32 -46.40 5.17
CA PHE C 14 -43.71 -46.00 4.96
C PHE C 14 -43.74 -44.61 4.35
N LEU C 15 -44.65 -44.42 3.40
CA LEU C 15 -44.73 -43.16 2.67
C LEU C 15 -46.18 -42.89 2.29
N ARG C 16 -46.49 -41.61 2.11
CA ARG C 16 -47.77 -41.17 1.61
C ARG C 16 -47.54 -40.34 0.36
N ALA C 17 -48.24 -40.68 -0.75
CA ALA C 17 -48.07 -40.05 -2.06
C ALA C 17 -49.22 -40.45 -2.99
N GLU C 18 -49.40 -39.68 -4.05
CA GLU C 18 -50.46 -40.01 -4.99
C GLU C 18 -50.11 -41.14 -5.95
N GLY C 19 -48.82 -41.44 -6.15
CA GLY C 19 -48.41 -42.42 -7.13
C GLY C 19 -47.00 -42.89 -6.86
N LEU C 20 -46.66 -44.04 -7.43
CA LEU C 20 -45.33 -44.59 -7.19
C LEU C 20 -44.99 -45.54 -8.32
N GLU C 21 -43.74 -45.48 -8.79
CA GLU C 21 -43.22 -46.42 -9.76
C GLU C 21 -41.73 -46.62 -9.52
N GLU C 22 -41.13 -47.49 -10.33
CA GLU C 22 -39.72 -47.78 -10.13
C GLU C 22 -38.85 -46.71 -10.78
N ALA C 23 -37.61 -46.61 -10.28
CA ALA C 23 -36.66 -45.59 -10.73
C ALA C 23 -35.24 -46.08 -10.53
N PRO C 24 -34.31 -45.77 -11.44
CA PRO C 24 -32.90 -46.15 -11.21
C PRO C 24 -32.41 -45.61 -9.89
N GLY C 25 -32.14 -46.50 -8.95
CA GLY C 25 -31.57 -46.11 -7.67
C GLY C 25 -32.55 -45.84 -6.56
N GLY C 26 -33.86 -46.04 -6.80
CA GLY C 26 -34.91 -45.83 -5.82
C GLY C 26 -36.27 -45.84 -6.48
N VAL C 27 -37.12 -44.85 -6.20
CA VAL C 27 -38.48 -44.81 -6.73
C VAL C 27 -38.84 -43.37 -7.09
N ARG C 28 -39.82 -43.22 -7.97
CA ARG C 28 -40.44 -41.93 -8.27
C ARG C 28 -41.82 -41.86 -7.64
N LEU C 29 -42.06 -40.77 -6.92
CA LEU C 29 -43.37 -40.50 -6.36
C LEU C 29 -44.02 -39.38 -7.14
N TRP C 30 -45.33 -39.29 -7.02
CA TRP C 30 -46.09 -38.18 -7.59
C TRP C 30 -46.95 -37.58 -6.48
N GLY C 31 -47.23 -36.28 -6.61
CA GLY C 31 -48.05 -35.58 -5.64
C GLY C 31 -47.62 -34.16 -5.34
N ARG C 32 -48.59 -33.24 -5.22
CA ARG C 32 -48.26 -31.90 -4.75
C ARG C 32 -47.57 -31.94 -3.40
N GLU C 33 -48.06 -32.78 -2.47
CA GLU C 33 -47.38 -33.02 -1.20
C GLU C 33 -47.16 -34.51 -1.05
N VAL C 34 -46.00 -34.90 -0.52
CA VAL C 34 -45.70 -36.29 -0.23
C VAL C 34 -44.99 -36.36 1.13
N ARG C 35 -45.15 -37.49 1.83
CA ARG C 35 -44.58 -37.65 3.16
C ARG C 35 -43.89 -39.00 3.24
N VAL C 36 -42.72 -39.01 3.87
CA VAL C 36 -41.85 -40.17 3.90
C VAL C 36 -41.38 -40.33 5.33
N PHE C 37 -41.43 -41.57 5.83
CA PHE C 37 -41.14 -41.83 7.22
C PHE C 37 -39.87 -42.65 7.32
N PRO C 38 -38.86 -42.14 8.01
CA PRO C 38 -37.59 -42.85 8.09
C PRO C 38 -37.72 -44.11 8.94
N PRO C 39 -37.16 -45.21 8.49
CA PRO C 39 -37.05 -46.39 9.36
C PRO C 39 -35.84 -46.34 10.28
N PHE C 40 -35.57 -45.18 10.89
CA PHE C 40 -34.47 -45.04 11.83
C PHE C 40 -34.67 -43.75 12.61
N PRO C 41 -33.93 -43.56 13.73
CA PRO C 41 -33.87 -42.24 14.39
C PRO C 41 -32.93 -41.32 13.62
N ALA C 42 -33.51 -40.33 12.95
CA ALA C 42 -32.73 -39.50 12.04
C ALA C 42 -31.87 -38.51 12.83
N LYS C 43 -30.55 -38.56 12.61
CA LYS C 43 -29.62 -37.74 13.36
C LYS C 43 -29.13 -36.51 12.59
N GLY C 44 -29.51 -36.36 11.33
CA GLY C 44 -29.13 -35.17 10.59
C GLY C 44 -30.10 -34.91 9.46
N PHE C 45 -30.29 -33.63 9.16
CA PHE C 45 -31.08 -33.18 8.01
C PHE C 45 -30.16 -32.44 7.05
N PHE C 46 -30.26 -32.78 5.76
CA PHE C 46 -29.52 -32.07 4.73
C PHE C 46 -30.39 -30.89 4.27
N ARG C 47 -29.99 -29.69 4.66
CA ARG C 47 -30.76 -28.48 4.37
C ARG C 47 -30.13 -27.82 3.16
N HIS C 48 -30.83 -27.91 2.03
CA HIS C 48 -30.31 -27.43 0.77
C HIS C 48 -30.85 -26.04 0.52
N GLY C 49 -29.94 -25.06 0.44
CA GLY C 49 -30.36 -23.69 0.18
C GLY C 49 -30.85 -23.50 -1.24
N TRP C 50 -31.57 -22.39 -1.42
CA TRP C 50 -32.20 -22.11 -2.71
C TRP C 50 -31.16 -21.75 -3.78
N GLN C 51 -30.32 -20.77 -3.51
CA GLN C 51 -29.49 -20.18 -4.55
C GLN C 51 -28.02 -20.35 -4.24
N SER C 52 -27.18 -19.92 -5.20
CA SER C 52 -25.73 -20.09 -5.10
C SER C 52 -25.19 -19.77 -3.71
N TRP C 53 -25.61 -18.65 -3.13
CA TRP C 53 -25.03 -18.21 -1.86
C TRP C 53 -25.71 -18.80 -0.63
N SER C 54 -26.84 -19.49 -0.79
CA SER C 54 -27.54 -20.07 0.34
C SER C 54 -26.73 -21.16 1.02
N LEU C 55 -27.10 -21.46 2.27
CA LEU C 55 -26.43 -22.52 3.01
C LEU C 55 -26.84 -23.88 2.47
N ALA C 56 -25.85 -24.78 2.34
CA ALA C 56 -26.09 -26.18 1.98
C ALA C 56 -25.24 -27.01 2.94
N ALA C 57 -25.89 -27.60 3.94
CA ALA C 57 -25.16 -28.32 4.99
C ALA C 57 -26.08 -29.33 5.66
N TRP C 58 -25.46 -30.20 6.45
CA TRP C 58 -26.19 -31.10 7.33
C TRP C 58 -26.47 -30.37 8.64
N VAL C 59 -27.72 -30.43 9.08
CA VAL C 59 -28.11 -29.69 10.28
C VAL C 59 -28.78 -30.66 11.24
N ASP C 60 -28.72 -30.31 12.53
CA ASP C 60 -29.46 -30.93 13.61
C ASP C 60 -30.91 -30.48 13.57
N PRO C 61 -31.83 -31.34 13.12
CA PRO C 61 -33.25 -30.92 13.01
C PRO C 61 -33.90 -30.65 14.36
N ALA C 62 -33.34 -31.21 15.44
CA ALA C 62 -33.86 -31.01 16.79
C ALA C 62 -33.79 -29.54 17.21
N GLN C 63 -32.64 -28.91 17.02
CA GLN C 63 -32.45 -27.53 17.42
C GLN C 63 -32.96 -26.58 16.35
N ALA C 64 -33.64 -25.50 16.78
CA ALA C 64 -34.33 -24.58 15.89
C ALA C 64 -33.37 -23.76 15.04
N PRO C 65 -33.83 -23.28 13.88
CA PRO C 65 -32.98 -22.45 13.04
C PRO C 65 -32.93 -21.01 13.55
N THR C 66 -31.73 -20.42 13.48
CA THR C 66 -31.53 -19.05 13.98
C THR C 66 -31.96 -18.05 12.92
N PRO C 67 -32.72 -17.01 13.28
CA PRO C 67 -33.05 -15.96 12.30
C PRO C 67 -31.79 -15.36 11.71
N LEU C 68 -31.84 -15.08 10.41
CA LEU C 68 -30.77 -14.39 9.70
C LEU C 68 -31.02 -12.88 9.74
N LEU C 69 -29.97 -12.11 9.99
CA LEU C 69 -30.04 -10.66 10.11
C LEU C 69 -28.99 -10.00 9.22
N PRO C 70 -29.23 -8.74 8.80
CA PRO C 70 -30.45 -7.95 9.05
C PRO C 70 -31.60 -8.36 8.12
N GLU C 71 -32.86 -8.07 8.49
CA GLU C 71 -33.99 -8.54 7.69
C GLU C 71 -33.90 -8.11 6.24
N ALA C 72 -33.28 -6.96 5.98
CA ALA C 72 -33.25 -6.39 4.64
C ALA C 72 -32.45 -7.25 3.68
N ARG C 73 -31.52 -8.04 4.19
CA ARG C 73 -30.65 -8.88 3.38
C ARG C 73 -31.22 -10.26 3.13
N ARG C 74 -32.35 -10.60 3.74
CA ARG C 74 -32.90 -11.93 3.54
C ARG C 74 -33.21 -12.26 2.07
N PRO C 75 -33.74 -11.35 1.24
CA PRO C 75 -34.04 -11.74 -0.13
C PRO C 75 -32.81 -12.10 -0.97
N GLN C 76 -31.61 -11.63 -0.60
CA GLN C 76 -30.41 -12.00 -1.34
C GLN C 76 -29.65 -13.15 -0.69
N ALA C 77 -30.22 -13.75 0.36
CA ALA C 77 -29.55 -14.85 1.04
C ALA C 77 -30.14 -16.21 0.71
N ASP C 78 -31.43 -16.28 0.36
CA ASP C 78 -32.13 -17.54 0.28
C ASP C 78 -33.59 -17.33 -0.12
N ASP C 79 -34.33 -18.41 -0.29
CA ASP C 79 -35.78 -18.33 -0.45
C ASP C 79 -36.37 -17.65 0.80
N PRO C 80 -37.06 -16.51 0.66
CA PRO C 80 -37.62 -15.83 1.85
C PRO C 80 -38.37 -16.74 2.79
N PHE C 81 -39.08 -17.73 2.24
CA PHE C 81 -39.82 -18.69 3.04
C PHE C 81 -38.90 -19.47 3.98
N LEU C 82 -37.79 -20.00 3.45
CA LEU C 82 -36.88 -20.79 4.28
C LEU C 82 -36.32 -20.00 5.45
N LEU C 83 -36.33 -18.67 5.38
CA LEU C 83 -35.79 -17.84 6.44
C LEU C 83 -36.87 -17.31 7.39
N GLU C 84 -38.14 -17.25 6.96
CA GLU C 84 -39.23 -16.87 7.86
C GLU C 84 -39.70 -18.04 8.70
N ALA C 85 -39.66 -19.25 8.15
CA ALA C 85 -40.22 -20.40 8.84
C ALA C 85 -39.45 -20.69 10.13
N GLY C 86 -40.15 -21.26 11.10
CA GLY C 86 -39.53 -21.72 12.30
C GLY C 86 -39.13 -23.17 12.27
N ALA C 87 -39.30 -23.85 11.13
CA ALA C 87 -38.84 -25.22 10.97
C ALA C 87 -37.70 -25.25 9.96
N TRP C 88 -37.16 -26.45 9.73
CA TRP C 88 -36.09 -26.64 8.75
C TRP C 88 -36.71 -27.02 7.40
N TRP C 89 -36.80 -26.04 6.50
CA TRP C 89 -37.16 -26.29 5.12
C TRP C 89 -35.94 -26.17 4.22
N GLY C 90 -35.95 -26.95 3.14
CA GLY C 90 -34.93 -26.89 2.13
C GLY C 90 -35.56 -26.63 0.77
N SER C 91 -34.70 -26.33 -0.20
CA SER C 91 -35.14 -26.04 -1.56
C SER C 91 -34.87 -27.23 -2.47
N GLY C 92 -35.93 -27.77 -3.07
CA GLY C 92 -35.76 -28.86 -4.01
C GLY C 92 -35.49 -30.23 -3.39
N VAL C 93 -34.49 -30.35 -2.53
CA VAL C 93 -34.13 -31.67 -2.03
C VAL C 93 -33.83 -31.60 -0.55
N GLY C 94 -34.20 -32.66 0.17
CA GLY C 94 -33.75 -32.88 1.53
C GLY C 94 -33.35 -34.33 1.74
N ALA C 95 -32.65 -34.54 2.84
CA ALA C 95 -32.20 -35.89 3.15
C ALA C 95 -32.16 -36.03 4.65
N LEU C 96 -32.45 -37.24 5.12
CA LEU C 96 -32.30 -37.60 6.52
C LEU C 96 -31.21 -38.65 6.65
N ARG C 97 -30.41 -38.55 7.69
CA ARG C 97 -29.22 -39.37 7.84
C ARG C 97 -29.38 -40.35 9.00
N GLY C 98 -29.25 -41.66 8.70
CA GLY C 98 -29.36 -42.71 9.69
C GLY C 98 -28.11 -42.85 10.52
N PRO C 99 -28.19 -43.72 11.54
CA PRO C 99 -27.02 -43.95 12.41
C PRO C 99 -25.86 -44.67 11.72
N ASP C 100 -26.09 -45.24 10.53
CA ASP C 100 -25.08 -45.96 9.78
C ASP C 100 -24.47 -45.13 8.65
N GLY C 101 -24.61 -43.80 8.69
CA GLY C 101 -24.04 -42.97 7.63
C GLY C 101 -24.71 -43.11 6.28
N ARG C 102 -25.97 -43.56 6.26
CA ARG C 102 -26.74 -43.67 5.04
C ARG C 102 -27.85 -42.63 5.04
N ALA C 103 -28.31 -42.27 3.85
CA ALA C 103 -29.20 -41.13 3.70
C ALA C 103 -30.52 -41.55 3.11
N LEU C 104 -31.60 -40.96 3.60
CA LEU C 104 -32.92 -41.10 3.01
C LEU C 104 -33.18 -39.78 2.30
N LEU C 105 -33.23 -39.82 0.97
CA LEU C 105 -33.23 -38.61 0.16
C LEU C 105 -34.54 -38.48 -0.58
N LEU C 106 -35.15 -37.30 -0.50
CA LEU C 106 -36.32 -36.94 -1.28
C LEU C 106 -35.98 -35.68 -2.04
N GLY C 107 -36.16 -35.72 -3.37
CA GLY C 107 -35.79 -34.60 -4.21
C GLY C 107 -36.75 -34.38 -5.36
N ALA C 108 -37.20 -33.14 -5.54
CA ALA C 108 -38.15 -32.84 -6.59
C ALA C 108 -37.50 -32.97 -7.97
N LEU C 109 -38.31 -33.37 -8.95
CA LEU C 109 -37.88 -33.46 -10.35
C LEU C 109 -38.47 -32.36 -11.21
N ASP C 110 -39.22 -31.43 -10.61
CA ASP C 110 -39.78 -30.29 -11.32
C ASP C 110 -39.55 -29.03 -10.49
N LEU C 111 -39.95 -27.91 -11.07
CA LEU C 111 -39.72 -26.62 -10.44
C LEU C 111 -40.69 -26.38 -9.29
N GLY C 112 -40.18 -25.71 -8.25
CA GLY C 112 -41.02 -25.01 -7.30
C GLY C 112 -41.38 -25.79 -6.04
N ALA C 113 -40.44 -26.60 -5.55
CA ALA C 113 -40.68 -27.52 -4.46
C ALA C 113 -39.76 -27.25 -3.27
N ARG C 114 -40.32 -27.37 -2.07
CA ARG C 114 -39.53 -27.32 -0.85
C ARG C 114 -39.67 -28.66 -0.12
N VAL C 115 -38.72 -28.91 0.78
CA VAL C 115 -38.69 -30.14 1.54
C VAL C 115 -38.50 -29.81 3.01
N LEU C 116 -39.39 -30.31 3.86
CA LEU C 116 -39.34 -30.07 5.28
C LEU C 116 -38.68 -31.24 5.99
N GLY C 117 -37.87 -30.92 7.01
CA GLY C 117 -37.19 -31.95 7.77
C GLY C 117 -37.39 -31.89 9.27
N ARG C 118 -37.95 -32.96 9.84
CA ARG C 118 -37.89 -33.28 11.26
C ARG C 118 -37.12 -34.58 11.40
N GLU C 119 -36.76 -34.93 12.63
CA GLU C 119 -36.11 -36.22 12.80
C GLU C 119 -37.05 -37.40 12.56
N ASP C 120 -38.37 -37.17 12.46
CA ASP C 120 -39.32 -38.24 12.20
C ASP C 120 -40.01 -38.15 10.85
N LEU C 121 -39.62 -37.23 9.96
CA LEU C 121 -40.37 -37.05 8.73
C LEU C 121 -39.56 -36.29 7.68
N LEU C 122 -39.79 -36.66 6.42
CA LEU C 122 -39.41 -35.86 5.25
C LEU C 122 -40.70 -35.55 4.52
N LEU C 123 -41.02 -34.27 4.43
CA LEU C 123 -42.22 -33.83 3.75
C LEU C 123 -41.78 -32.99 2.57
N GLY C 124 -42.41 -33.20 1.42
CA GLY C 124 -42.08 -32.46 0.23
C GLY C 124 -43.31 -31.76 -0.30
N ARG C 125 -43.22 -30.46 -0.52
CA ARG C 125 -44.38 -29.67 -0.91
C ARG C 125 -44.03 -28.85 -2.14
N TYR C 126 -44.84 -28.99 -3.17
CA TYR C 126 -44.73 -28.10 -4.31
C TYR C 126 -45.49 -26.83 -3.97
N ALA C 127 -44.85 -25.68 -4.22
CA ALA C 127 -45.53 -24.42 -4.05
C ALA C 127 -46.67 -24.30 -5.06
N GLY C 128 -46.38 -24.54 -6.33
CA GLY C 128 -47.36 -24.52 -7.38
C GLY C 128 -48.06 -25.85 -7.53
N LYS C 129 -48.50 -26.13 -8.75
CA LYS C 129 -49.15 -27.41 -8.99
C LYS C 129 -48.14 -28.56 -8.89
N GLY C 130 -48.67 -29.74 -8.56
CA GLY C 130 -47.90 -30.92 -8.24
C GLY C 130 -46.83 -31.36 -9.23
N GLY C 131 -46.06 -32.38 -8.85
CA GLY C 131 -44.95 -32.83 -9.66
C GLY C 131 -44.43 -34.17 -9.16
N ALA C 132 -43.30 -34.58 -9.73
CA ALA C 132 -42.70 -35.88 -9.44
C ALA C 132 -41.53 -35.74 -8.47
N TRP C 133 -41.25 -36.83 -7.77
CA TRP C 133 -40.25 -36.88 -6.71
C TRP C 133 -39.35 -38.08 -6.92
N PHE C 134 -38.14 -38.01 -6.37
CA PHE C 134 -37.23 -39.13 -6.34
C PHE C 134 -36.91 -39.44 -4.88
N LEU C 135 -37.22 -40.68 -4.47
CA LEU C 135 -36.99 -41.18 -3.13
C LEU C 135 -36.00 -42.33 -3.21
N ALA C 136 -35.08 -42.38 -2.24
CA ALA C 136 -33.97 -43.31 -2.31
C ALA C 136 -33.29 -43.41 -0.95
N TYR C 137 -32.85 -44.62 -0.62
CA TYR C 137 -32.20 -44.91 0.65
C TYR C 137 -30.97 -45.74 0.35
N GLY C 138 -29.80 -45.26 0.76
CA GLY C 138 -28.57 -45.94 0.48
C GLY C 138 -27.41 -45.12 0.98
N PRO C 139 -26.20 -45.43 0.49
CA PRO C 139 -25.02 -44.64 0.89
C PRO C 139 -25.17 -43.19 0.44
N GLU C 140 -24.56 -42.28 1.21
CA GLU C 140 -24.81 -40.85 1.00
C GLU C 140 -24.51 -40.43 -0.43
N GLU C 141 -23.35 -40.85 -0.95
CA GLU C 141 -22.91 -40.41 -2.27
C GLU C 141 -23.79 -40.95 -3.39
N GLU C 142 -24.20 -42.22 -3.31
CA GLU C 142 -24.93 -42.79 -4.44
C GLU C 142 -26.32 -42.19 -4.59
N VAL C 143 -27.02 -41.95 -3.46
CA VAL C 143 -28.38 -41.43 -3.56
C VAL C 143 -28.39 -40.02 -4.14
N PHE C 144 -27.39 -39.20 -3.78
CA PHE C 144 -27.29 -37.87 -4.38
C PHE C 144 -26.84 -37.96 -5.83
N ALA C 145 -25.84 -38.80 -6.12
CA ALA C 145 -25.47 -39.09 -7.50
C ALA C 145 -26.67 -39.60 -8.30
N ALA C 146 -27.41 -40.56 -7.73
CA ALA C 146 -28.59 -41.08 -8.43
C ALA C 146 -29.60 -39.95 -8.68
N TYR C 147 -29.83 -39.09 -7.67
CA TYR C 147 -30.77 -37.98 -7.83
C TYR C 147 -30.32 -37.08 -8.98
N ALA C 148 -29.02 -36.80 -9.05
CA ALA C 148 -28.47 -35.93 -10.09
C ALA C 148 -28.84 -36.40 -11.50
N ARG C 149 -28.68 -37.70 -11.79
CA ARG C 149 -28.89 -38.20 -13.16
C ARG C 149 -30.32 -38.02 -13.66
N LEU C 150 -31.30 -37.77 -12.79
CA LEU C 150 -32.65 -37.51 -13.25
C LEU C 150 -32.94 -36.02 -13.47
N LEU C 151 -31.99 -35.14 -13.15
CA LEU C 151 -32.12 -33.71 -13.41
C LEU C 151 -31.40 -33.32 -14.70
N PRO C 152 -31.77 -32.20 -15.32
CA PRO C 152 -31.14 -31.79 -16.59
C PRO C 152 -29.61 -31.67 -16.53
N ARG C 153 -28.98 -31.90 -17.68
CA ARG C 153 -27.55 -31.75 -17.87
C ARG C 153 -27.27 -30.68 -18.91
N ARG C 154 -26.10 -30.07 -18.79
CA ARG C 154 -25.47 -29.31 -19.86
C ARG C 154 -23.99 -29.28 -19.46
N LEU C 155 -23.26 -30.30 -19.89
CA LEU C 155 -21.84 -30.39 -19.59
C LEU C 155 -21.09 -30.19 -20.89
N SER C 156 -20.46 -29.02 -21.00
CA SER C 156 -19.93 -28.48 -22.25
C SER C 156 -18.41 -28.68 -22.28
N GLY C 157 -17.99 -29.94 -22.43
CA GLY C 157 -16.58 -30.26 -22.36
C GLY C 157 -16.01 -29.96 -20.98
N ARG C 158 -14.79 -29.17 -20.93
CA ARG C 158 -14.04 -28.68 -19.78
C ARG C 158 -14.32 -27.19 -19.55
N PRO C 159 -14.33 -26.73 -18.30
CA PRO C 159 -14.64 -25.33 -18.04
C PRO C 159 -13.44 -24.46 -18.35
N PRO C 160 -13.66 -23.28 -18.92
CA PRO C 160 -12.54 -22.42 -19.27
C PRO C 160 -11.82 -21.94 -18.03
N ARG C 161 -10.59 -21.48 -18.26
CA ARG C 161 -9.78 -20.90 -17.21
C ARG C 161 -9.91 -19.38 -17.27
N VAL C 162 -10.34 -18.78 -16.17
CA VAL C 162 -10.78 -17.39 -16.16
C VAL C 162 -9.90 -16.53 -15.27
N TRP C 163 -9.54 -15.35 -15.75
CA TRP C 163 -9.03 -14.28 -14.90
C TRP C 163 -10.17 -13.28 -14.69
N CYS C 164 -10.57 -13.10 -13.43
CA CYS C 164 -11.77 -12.38 -13.03
C CYS C 164 -11.38 -11.10 -12.32
N SER C 165 -12.07 -9.99 -12.62
CA SER C 165 -11.59 -8.73 -12.04
C SER C 165 -12.07 -8.47 -10.61
N TRP C 166 -12.98 -9.27 -10.09
CA TRP C 166 -13.71 -8.86 -8.90
C TRP C 166 -12.88 -8.97 -7.61
N TYR C 167 -12.24 -10.10 -7.37
CA TYR C 167 -11.67 -10.35 -6.05
C TYR C 167 -10.30 -9.72 -5.88
N SER C 168 -10.08 -8.58 -6.51
CA SER C 168 -8.86 -7.79 -6.31
C SER C 168 -9.18 -6.31 -6.38
N PHE C 169 -9.88 -5.89 -7.44
CA PHE C 169 -10.22 -4.49 -7.66
C PHE C 169 -11.66 -4.15 -7.30
N TYR C 170 -12.50 -5.17 -7.06
CA TYR C 170 -13.93 -4.97 -6.75
C TYR C 170 -14.47 -3.98 -7.79
N THR C 171 -15.22 -2.97 -7.38
CA THR C 171 -15.84 -2.07 -8.35
C THR C 171 -14.89 -1.01 -8.87
N ARG C 172 -13.70 -0.86 -8.29
CA ARG C 172 -12.77 0.20 -8.70
C ARG C 172 -11.90 -0.32 -9.85
N ILE C 173 -12.56 -0.53 -10.98
CA ILE C 173 -11.93 -0.95 -12.24
C ILE C 173 -12.10 0.15 -13.27
N GLY C 174 -11.26 0.08 -14.29
CA GLY C 174 -11.31 1.04 -15.39
C GLY C 174 -10.56 0.49 -16.58
N GLU C 175 -10.86 1.10 -17.73
CA GLU C 175 -10.24 0.73 -19.00
C GLU C 175 -8.70 0.69 -18.90
N ASP C 176 -8.08 1.79 -18.47
CA ASP C 176 -6.61 1.84 -18.44
C ASP C 176 -6.04 0.80 -17.49
N LEU C 177 -6.61 0.68 -16.29
CA LEU C 177 -6.12 -0.31 -15.33
C LEU C 177 -6.20 -1.72 -15.90
N LEU C 178 -7.36 -2.10 -16.46
CA LEU C 178 -7.52 -3.48 -16.97
C LEU C 178 -6.69 -3.73 -18.23
N LEU C 179 -6.39 -2.69 -19.02
CA LEU C 179 -5.40 -2.88 -20.08
C LEU C 179 -4.02 -3.25 -19.50
N ARG C 180 -3.61 -2.59 -18.40
CA ARG C 180 -2.33 -2.92 -17.79
C ARG C 180 -2.32 -4.35 -17.26
N VAL C 181 -3.45 -4.78 -16.69
CA VAL C 181 -3.52 -6.12 -16.11
C VAL C 181 -3.65 -7.16 -17.21
N LEU C 182 -4.43 -6.84 -18.25
CA LEU C 182 -4.53 -7.75 -19.39
C LEU C 182 -3.15 -8.12 -19.92
N ASP C 183 -2.26 -7.14 -19.98
CA ASP C 183 -0.91 -7.40 -20.43
C ASP C 183 -0.21 -8.40 -19.53
N GLU C 184 -0.30 -8.21 -18.20
CA GLU C 184 0.34 -9.14 -17.26
C GLU C 184 -0.30 -10.52 -17.30
N VAL C 185 -1.64 -10.57 -17.40
CA VAL C 185 -2.33 -11.84 -17.29
C VAL C 185 -2.13 -12.68 -18.56
N ALA C 186 -2.07 -12.02 -19.70
CA ALA C 186 -1.91 -12.72 -20.97
C ALA C 186 -0.62 -13.54 -21.04
N ALA C 187 0.28 -13.42 -20.08
CA ALA C 187 1.47 -14.28 -20.01
C ALA C 187 1.23 -15.58 -19.26
N PHE C 188 0.00 -15.86 -18.82
CA PHE C 188 -0.33 -17.09 -18.12
C PHE C 188 -1.34 -17.88 -18.94
N SER C 189 -1.50 -19.16 -18.57
CA SER C 189 -2.36 -20.07 -19.35
C SER C 189 -3.83 -19.87 -19.00
N PHE C 190 -4.31 -18.64 -19.17
CA PHE C 190 -5.74 -18.36 -19.11
C PHE C 190 -6.39 -18.54 -20.48
N GLU C 191 -7.71 -18.71 -20.47
CA GLU C 191 -8.50 -18.67 -21.70
C GLU C 191 -9.53 -17.56 -21.72
N VAL C 192 -9.99 -17.09 -20.56
CA VAL C 192 -10.97 -16.01 -20.52
C VAL C 192 -10.46 -14.89 -19.64
N PHE C 193 -10.52 -13.66 -20.16
CA PHE C 193 -10.32 -12.44 -19.36
C PHE C 193 -11.69 -11.82 -19.16
N GLN C 194 -12.16 -11.84 -17.92
CA GLN C 194 -13.54 -11.48 -17.62
C GLN C 194 -13.58 -10.21 -16.74
N ILE C 195 -14.26 -9.20 -17.23
CA ILE C 195 -14.46 -7.95 -16.53
C ILE C 195 -15.70 -8.10 -15.64
N ASP C 196 -15.53 -7.92 -14.35
CA ASP C 196 -16.64 -8.17 -13.43
C ASP C 196 -17.39 -6.86 -13.17
N ASP C 197 -18.20 -6.84 -12.10
CA ASP C 197 -18.94 -5.65 -11.68
C ASP C 197 -18.02 -4.43 -11.67
N GLY C 198 -18.47 -3.35 -12.30
CA GLY C 198 -17.75 -2.08 -12.18
C GLY C 198 -17.64 -1.25 -13.45
N TRP C 199 -18.01 -1.83 -14.58
CA TRP C 199 -17.92 -1.15 -15.85
C TRP C 199 -19.18 -0.38 -16.21
N GLN C 200 -20.29 -0.69 -15.55
CA GLN C 200 -21.58 -0.19 -15.99
C GLN C 200 -21.89 1.15 -15.34
N ARG C 201 -22.82 1.89 -15.98
CA ARG C 201 -23.22 3.20 -15.48
C ARG C 201 -24.09 3.07 -14.24
N ALA C 202 -25.00 2.08 -14.25
CA ALA C 202 -25.91 1.77 -13.15
C ALA C 202 -26.54 0.43 -13.45
N LEU C 203 -27.12 -0.20 -12.41
CA LEU C 203 -27.95 -1.38 -12.64
C LEU C 203 -29.12 -1.01 -13.53
N GLY C 204 -29.32 -1.76 -14.61
CA GLY C 204 -30.31 -1.40 -15.61
C GLY C 204 -29.86 -0.36 -16.62
N ASP C 205 -28.69 0.23 -16.44
CA ASP C 205 -28.03 1.07 -17.44
C ASP C 205 -26.74 0.34 -17.78
N TRP C 206 -26.85 -0.64 -18.69
CA TRP C 206 -25.73 -1.53 -18.99
C TRP C 206 -24.97 -1.04 -20.20
N GLU C 207 -24.46 0.19 -20.06
CA GLU C 207 -23.59 0.89 -20.99
C GLU C 207 -22.37 1.39 -20.23
N PRO C 208 -21.21 1.48 -20.89
CA PRO C 208 -19.97 1.82 -20.17
C PRO C 208 -20.04 3.19 -19.50
N ASN C 209 -19.31 3.32 -18.38
CA ASN C 209 -19.28 4.53 -17.58
C ASN C 209 -18.06 5.39 -17.92
N ASP C 210 -17.84 6.45 -17.13
CA ASP C 210 -16.81 7.45 -17.42
C ASP C 210 -15.40 6.85 -17.39
N ARG C 211 -15.22 5.71 -16.73
CA ARG C 211 -13.90 5.08 -16.59
C ARG C 211 -13.65 4.04 -17.65
N PHE C 212 -14.60 3.84 -18.55
CA PHE C 212 -14.40 3.05 -19.77
C PHE C 212 -14.74 3.94 -20.96
N PRO C 213 -13.91 4.96 -21.25
CA PRO C 213 -14.28 5.95 -22.27
C PRO C 213 -14.38 5.38 -23.67
N ARG C 214 -13.47 4.49 -24.04
CA ARG C 214 -13.51 3.91 -25.36
C ARG C 214 -14.54 2.78 -25.50
N GLY C 215 -15.31 2.48 -24.46
CA GLY C 215 -16.40 1.53 -24.57
C GLY C 215 -15.97 0.08 -24.42
N MET C 216 -16.96 -0.82 -24.49
CA MET C 216 -16.73 -2.22 -24.15
C MET C 216 -16.38 -3.07 -25.36
N ALA C 217 -16.73 -2.66 -26.58
CA ALA C 217 -16.31 -3.43 -27.73
C ALA C 217 -14.81 -3.29 -27.94
N PHE C 218 -14.30 -2.06 -27.81
CA PHE C 218 -12.86 -1.82 -27.79
C PHE C 218 -12.15 -2.81 -26.86
N LEU C 219 -12.62 -2.90 -25.62
CA LEU C 219 -11.95 -3.72 -24.63
C LEU C 219 -12.00 -5.20 -24.99
N ALA C 220 -13.08 -5.64 -25.65
CA ALA C 220 -13.15 -7.04 -26.05
C ALA C 220 -12.16 -7.34 -27.17
N GLU C 221 -12.00 -6.40 -28.11
CA GLU C 221 -11.05 -6.59 -29.20
C GLU C 221 -9.61 -6.62 -28.68
N ARG C 222 -9.29 -5.74 -27.72
CA ARG C 222 -7.96 -5.80 -27.10
C ARG C 222 -7.72 -7.15 -26.44
N ILE C 223 -8.75 -7.74 -25.84
CA ILE C 223 -8.62 -9.02 -25.14
C ILE C 223 -8.43 -10.15 -26.14
N ARG C 224 -9.15 -10.11 -27.26
CA ARG C 224 -9.01 -11.15 -28.27
C ARG C 224 -7.68 -11.05 -29.02
N GLU C 225 -7.13 -9.84 -29.16
CA GLU C 225 -5.84 -9.65 -29.81
C GLU C 225 -4.69 -10.27 -29.03
N ARG C 226 -4.98 -10.86 -27.86
CA ARG C 226 -3.98 -11.64 -27.10
C ARG C 226 -4.34 -13.12 -27.04
N GLY C 227 -5.25 -13.59 -27.89
CA GLY C 227 -5.61 -14.98 -27.89
C GLY C 227 -6.49 -15.40 -26.73
N LEU C 228 -7.21 -14.46 -26.14
CA LEU C 228 -8.11 -14.70 -25.02
C LEU C 228 -9.55 -14.46 -25.48
N ARG C 229 -10.48 -15.17 -24.86
CA ARG C 229 -11.89 -14.79 -24.99
C ARG C 229 -12.23 -13.73 -23.95
N ALA C 230 -13.22 -12.91 -24.26
CA ALA C 230 -13.56 -11.77 -23.43
C ALA C 230 -14.84 -12.04 -22.65
N GLY C 231 -14.77 -11.91 -21.31
CA GLY C 231 -15.91 -12.12 -20.43
C GLY C 231 -16.49 -10.81 -19.88
N LEU C 232 -17.78 -10.83 -19.60
CA LEU C 232 -18.47 -9.65 -19.10
C LEU C 232 -19.53 -10.08 -18.08
N TRP C 233 -19.75 -9.22 -17.09
CA TRP C 233 -20.63 -9.44 -15.96
C TRP C 233 -21.88 -8.59 -16.09
N PHE C 234 -23.04 -9.21 -15.85
CA PHE C 234 -24.32 -8.49 -15.75
C PHE C 234 -25.08 -8.99 -14.53
N ALA C 235 -25.95 -8.12 -14.01
CA ALA C 235 -26.99 -8.46 -13.05
C ALA C 235 -28.31 -8.05 -13.69
N PRO C 236 -28.79 -8.83 -14.66
CA PRO C 236 -29.80 -8.30 -15.59
C PRO C 236 -31.11 -7.87 -14.94
N PHE C 237 -31.58 -8.61 -13.93
CA PHE C 237 -32.90 -8.37 -13.36
C PHE C 237 -32.86 -7.54 -12.08
N LEU C 238 -31.73 -6.95 -11.77
CA LEU C 238 -31.56 -6.17 -10.57
C LEU C 238 -31.64 -4.70 -10.93
N VAL C 239 -32.15 -3.89 -10.00
CA VAL C 239 -32.30 -2.48 -10.27
C VAL C 239 -32.39 -1.76 -8.91
N THR C 240 -31.90 -0.53 -8.88
CA THR C 240 -31.96 0.29 -7.66
C THR C 240 -32.93 1.45 -7.88
N ALA C 241 -33.31 2.10 -6.78
CA ALA C 241 -34.27 3.18 -6.87
C ALA C 241 -33.71 4.37 -7.67
N ASP C 242 -32.40 4.59 -7.61
CA ASP C 242 -31.78 5.69 -8.35
C ASP C 242 -31.37 5.29 -9.76
N SER C 243 -31.64 4.06 -10.16
CA SER C 243 -31.33 3.70 -11.53
C SER C 243 -32.28 4.43 -12.47
N PRO C 244 -31.78 4.96 -13.59
CA PRO C 244 -32.68 5.61 -14.56
C PRO C 244 -33.85 4.74 -15.00
N LEU C 245 -33.62 3.43 -15.20
CA LEU C 245 -34.67 2.56 -15.72
C LEU C 245 -35.78 2.35 -14.68
N PHE C 246 -35.45 2.39 -13.38
CA PHE C 246 -36.46 2.35 -12.33
C PHE C 246 -37.43 3.53 -12.43
N GLN C 247 -36.96 4.67 -12.92
CA GLN C 247 -37.83 5.81 -13.14
C GLN C 247 -38.49 5.78 -14.52
N LYS C 248 -37.74 5.42 -15.57
CA LYS C 248 -38.28 5.53 -16.92
C LYS C 248 -39.24 4.39 -17.28
N ARG C 249 -39.10 3.23 -16.64
CA ARG C 249 -40.01 2.10 -16.88
C ARG C 249 -40.52 1.51 -15.57
N PRO C 250 -41.26 2.29 -14.76
CA PRO C 250 -41.73 1.76 -13.47
C PRO C 250 -42.59 0.52 -13.60
N ASP C 251 -43.18 0.29 -14.78
CA ASP C 251 -43.99 -0.90 -15.04
C ASP C 251 -43.15 -2.17 -15.19
N TRP C 252 -41.83 -2.07 -15.21
CA TRP C 252 -40.98 -3.24 -15.30
C TRP C 252 -40.55 -3.73 -13.94
N VAL C 253 -40.82 -2.95 -12.89
CA VAL C 253 -40.46 -3.34 -11.53
C VAL C 253 -41.40 -4.44 -11.06
N LEU C 254 -40.84 -5.41 -10.33
CA LEU C 254 -41.60 -6.53 -9.81
C LEU C 254 -42.35 -6.10 -8.56
N ARG C 255 -43.66 -6.15 -8.63
CA ARG C 255 -44.48 -5.57 -7.58
C ARG C 255 -45.29 -6.65 -6.87
N ASP C 256 -45.60 -6.40 -5.61
CA ASP C 256 -46.45 -7.31 -4.86
C ASP C 256 -47.92 -7.03 -5.23
N GLY C 257 -48.86 -7.64 -4.51
CA GLY C 257 -50.27 -7.49 -4.82
C GLY C 257 -50.87 -6.11 -4.55
N GLU C 258 -50.15 -5.21 -3.88
CA GLU C 258 -50.63 -3.84 -3.69
C GLU C 258 -49.76 -2.83 -4.43
N GLY C 259 -49.06 -3.28 -5.47
CA GLY C 259 -48.23 -2.40 -6.26
C GLY C 259 -46.94 -1.95 -5.62
N ARG C 260 -46.57 -2.47 -4.44
CA ARG C 260 -45.27 -2.07 -3.94
C ARG C 260 -44.18 -2.88 -4.61
N PRO C 261 -43.03 -2.26 -4.94
CA PRO C 261 -41.89 -3.04 -5.45
C PRO C 261 -41.45 -4.08 -4.42
N VAL C 262 -41.28 -5.32 -4.88
CA VAL C 262 -40.81 -6.34 -3.94
C VAL C 262 -39.32 -6.11 -3.71
N ARG C 263 -38.89 -6.27 -2.47
CA ARG C 263 -37.51 -5.97 -2.13
C ARG C 263 -36.62 -7.15 -2.49
N ALA C 264 -35.48 -6.84 -3.09
CA ALA C 264 -34.50 -7.85 -3.49
C ALA C 264 -33.27 -7.84 -2.60
N GLY C 265 -33.28 -7.10 -1.50
CA GLY C 265 -32.13 -7.05 -0.61
C GLY C 265 -31.43 -5.71 -0.54
N PHE C 266 -30.17 -5.73 -0.15
CA PHE C 266 -29.44 -4.51 0.20
C PHE C 266 -27.98 -4.76 -0.15
N ASN C 267 -27.49 -4.04 -1.15
CA ASN C 267 -26.09 -4.13 -1.54
C ASN C 267 -25.69 -2.81 -2.19
N TRP C 268 -24.38 -2.60 -2.31
CA TRP C 268 -23.83 -1.30 -2.71
C TRP C 268 -24.43 -0.16 -1.88
N GLY C 269 -24.71 -0.44 -0.61
CA GLY C 269 -25.25 0.57 0.28
C GLY C 269 -26.67 1.02 0.02
N ARG C 270 -27.40 0.38 -0.90
CA ARG C 270 -28.73 0.82 -1.28
C ARG C 270 -29.70 -0.35 -1.24
N PRO C 271 -30.99 -0.09 -1.02
CA PRO C 271 -32.00 -1.15 -1.19
C PRO C 271 -32.08 -1.61 -2.63
N LEU C 272 -32.33 -2.91 -2.79
CA LEU C 272 -32.37 -3.54 -4.11
C LEU C 272 -33.81 -3.86 -4.52
N TYR C 273 -34.07 -3.75 -5.82
CA TYR C 273 -35.35 -4.10 -6.41
C TYR C 273 -35.12 -4.99 -7.64
N ALA C 274 -36.19 -5.61 -8.12
CA ALA C 274 -36.11 -6.58 -9.21
C ALA C 274 -36.91 -6.09 -10.42
N LEU C 275 -36.42 -6.38 -11.63
CA LEU C 275 -37.28 -6.25 -12.80
C LEU C 275 -38.13 -7.52 -12.94
N ASP C 276 -39.37 -7.34 -13.42
CA ASP C 276 -40.35 -8.42 -13.44
C ASP C 276 -40.01 -9.39 -14.57
N ALA C 277 -39.63 -10.63 -14.22
CA ALA C 277 -39.23 -11.64 -15.20
C ALA C 277 -40.40 -12.44 -15.75
N GLY C 278 -41.63 -12.11 -15.35
CA GLY C 278 -42.78 -12.59 -16.08
C GLY C 278 -43.31 -11.57 -17.04
N ASN C 279 -42.65 -10.42 -17.15
CA ASN C 279 -42.99 -9.37 -18.09
C ASN C 279 -42.21 -9.62 -19.37
N GLU C 280 -42.87 -10.12 -20.41
CA GLU C 280 -42.12 -10.55 -21.59
C GLU C 280 -41.30 -9.39 -22.18
N GLU C 281 -41.73 -8.15 -22.00
CA GLU C 281 -40.94 -7.02 -22.51
C GLU C 281 -39.60 -6.91 -21.77
N VAL C 282 -39.61 -7.27 -20.47
CA VAL C 282 -38.38 -7.31 -19.68
C VAL C 282 -37.48 -8.44 -20.15
N VAL C 283 -38.05 -9.62 -20.38
CA VAL C 283 -37.23 -10.77 -20.74
C VAL C 283 -36.51 -10.50 -22.05
N GLU C 284 -37.16 -9.81 -22.99
CA GLU C 284 -36.51 -9.56 -24.27
C GLU C 284 -35.49 -8.46 -24.16
N TRP C 285 -35.76 -7.46 -23.32
CA TRP C 285 -34.75 -6.46 -23.02
C TRP C 285 -33.52 -7.07 -22.37
N ALA C 286 -33.73 -8.03 -21.43
CA ALA C 286 -32.64 -8.80 -20.86
C ALA C 286 -31.99 -9.71 -21.91
N ALA C 287 -32.79 -10.34 -22.77
CA ALA C 287 -32.20 -11.10 -23.87
C ALA C 287 -31.39 -10.20 -24.79
N ASP C 288 -31.83 -8.95 -24.98
CA ASP C 288 -31.09 -8.01 -25.83
C ASP C 288 -29.73 -7.69 -25.22
N LEU C 289 -29.65 -7.59 -23.89
CA LEU C 289 -28.35 -7.38 -23.25
C LEU C 289 -27.39 -8.49 -23.63
N VAL C 290 -27.86 -9.74 -23.64
CA VAL C 290 -26.97 -10.82 -24.06
C VAL C 290 -26.52 -10.61 -25.49
N ARG C 291 -27.44 -10.22 -26.37
CA ARG C 291 -27.08 -10.04 -27.78
C ARG C 291 -26.09 -8.88 -27.94
N LYS C 292 -26.35 -7.77 -27.25
CA LYS C 292 -25.43 -6.64 -27.30
C LYS C 292 -24.03 -7.06 -26.82
N ALA C 293 -23.97 -7.87 -25.76
CA ALA C 293 -22.65 -8.29 -25.27
C ALA C 293 -21.95 -9.18 -26.28
N LEU C 294 -22.68 -10.09 -26.94
CA LEU C 294 -22.06 -10.91 -27.98
C LEU C 294 -21.60 -10.03 -29.13
N ALA C 295 -22.43 -9.07 -29.53
CA ALA C 295 -22.07 -8.17 -30.61
C ALA C 295 -20.81 -7.38 -30.26
N TRP C 296 -20.65 -7.01 -28.99
CA TRP C 296 -19.45 -6.31 -28.52
C TRP C 296 -18.21 -7.20 -28.57
N GLY C 297 -18.38 -8.51 -28.67
CA GLY C 297 -17.25 -9.43 -28.78
C GLY C 297 -17.01 -10.30 -27.57
N TYR C 298 -17.96 -10.38 -26.65
CA TYR C 298 -17.84 -11.19 -25.45
C TYR C 298 -18.55 -12.52 -25.67
N ASP C 299 -17.88 -13.62 -25.33
CA ASP C 299 -18.53 -14.91 -25.46
C ASP C 299 -18.39 -15.72 -24.16
N TYR C 300 -18.31 -15.01 -23.04
CA TYR C 300 -18.38 -15.59 -21.69
C TYR C 300 -19.13 -14.57 -20.85
N LEU C 301 -20.26 -14.98 -20.26
CA LEU C 301 -21.11 -14.04 -19.54
C LEU C 301 -21.36 -14.54 -18.14
N LYS C 302 -21.00 -13.73 -17.15
CA LYS C 302 -21.35 -13.99 -15.76
C LYS C 302 -22.63 -13.24 -15.49
N LEU C 303 -23.72 -13.97 -15.36
CA LEU C 303 -25.03 -13.40 -15.08
C LEU C 303 -25.27 -13.55 -13.58
N ASP C 304 -25.44 -12.44 -12.90
CA ASP C 304 -25.42 -12.41 -11.44
C ASP C 304 -26.75 -11.97 -10.86
N PHE C 305 -26.91 -12.25 -9.57
CA PHE C 305 -28.09 -11.85 -8.80
C PHE C 305 -29.35 -12.45 -9.40
N LEU C 306 -29.19 -13.63 -10.00
CA LEU C 306 -30.26 -14.21 -10.77
C LEU C 306 -31.46 -14.58 -9.91
N TYR C 307 -31.29 -14.69 -8.59
CA TYR C 307 -32.45 -14.89 -7.72
C TYR C 307 -33.50 -13.81 -7.94
N ALA C 308 -33.10 -12.61 -8.37
CA ALA C 308 -34.06 -11.54 -8.55
C ALA C 308 -35.10 -11.88 -9.59
N ALA C 309 -34.76 -12.78 -10.53
CA ALA C 309 -35.71 -13.21 -11.53
C ALA C 309 -36.62 -14.32 -11.01
N ALA C 310 -36.35 -14.85 -9.82
CA ALA C 310 -37.15 -15.94 -9.26
C ALA C 310 -37.84 -15.57 -7.95
N LEU C 311 -37.85 -14.29 -7.56
CA LEU C 311 -38.57 -13.90 -6.34
C LEU C 311 -40.05 -14.19 -6.54
N PRO C 312 -40.78 -14.57 -5.46
CA PRO C 312 -40.34 -14.61 -4.06
C PRO C 312 -39.85 -15.96 -3.54
N GLY C 313 -39.47 -16.88 -4.41
CA GLY C 313 -38.89 -18.13 -3.96
C GLY C 313 -39.30 -19.26 -4.89
N ALA C 314 -39.56 -20.44 -4.32
CA ALA C 314 -40.02 -21.59 -5.11
C ALA C 314 -41.16 -21.22 -6.04
N GLU C 315 -42.04 -20.30 -5.63
CA GLU C 315 -43.15 -19.83 -6.46
C GLU C 315 -42.69 -19.08 -7.71
N GLY C 316 -41.45 -18.60 -7.76
CA GLY C 316 -40.96 -17.87 -8.92
C GLY C 316 -40.17 -18.69 -9.93
N GLU C 317 -39.82 -19.93 -9.57
CA GLU C 317 -38.99 -20.77 -10.42
C GLU C 317 -39.59 -20.98 -11.82
N ALA C 318 -40.92 -21.00 -11.94
CA ALA C 318 -41.52 -21.13 -13.26
C ALA C 318 -41.20 -19.92 -14.13
N ARG C 319 -41.48 -18.71 -13.63
CA ARG C 319 -41.15 -17.49 -14.38
C ARG C 319 -39.66 -17.40 -14.63
N TYR C 320 -38.84 -17.81 -13.66
CA TYR C 320 -37.40 -17.75 -13.79
C TYR C 320 -36.91 -18.62 -14.94
N ARG C 321 -37.28 -19.90 -14.92
CA ARG C 321 -36.76 -20.88 -15.88
C ARG C 321 -37.06 -20.50 -17.31
N LYS C 322 -38.22 -19.87 -17.54
CA LYS C 322 -38.56 -19.41 -18.88
C LYS C 322 -37.72 -18.21 -19.28
N ALA C 323 -37.54 -17.26 -18.36
CA ALA C 323 -36.73 -16.08 -18.66
C ALA C 323 -35.28 -16.49 -18.92
N MET C 324 -34.73 -17.40 -18.10
CA MET C 324 -33.40 -17.92 -18.36
C MET C 324 -33.34 -18.72 -19.66
N ALA C 325 -34.46 -19.33 -20.07
CA ALA C 325 -34.50 -20.08 -21.32
C ALA C 325 -34.31 -19.15 -22.51
N ARG C 326 -34.93 -17.96 -22.48
CA ARG C 326 -34.74 -17.00 -23.55
C ARG C 326 -33.31 -16.44 -23.55
N LEU C 327 -32.74 -16.22 -22.36
CA LEU C 327 -31.33 -15.81 -22.31
C LEU C 327 -30.43 -16.91 -22.86
N ARG C 328 -30.67 -18.18 -22.45
CA ARG C 328 -29.79 -19.31 -22.82
C ARG C 328 -29.59 -19.38 -24.30
N GLU C 329 -30.45 -18.74 -25.04
CA GLU C 329 -30.45 -18.90 -26.47
C GLU C 329 -30.10 -17.65 -27.25
N ALA C 330 -30.46 -16.44 -26.75
CA ALA C 330 -29.81 -15.27 -27.30
C ALA C 330 -28.31 -15.38 -27.18
N ALA C 331 -27.83 -16.20 -26.22
CA ALA C 331 -26.42 -16.45 -26.03
C ALA C 331 -25.84 -17.46 -27.02
N GLY C 332 -26.70 -18.21 -27.70
CA GLY C 332 -26.20 -19.22 -28.61
C GLY C 332 -25.36 -20.23 -27.86
N GLU C 333 -24.08 -20.32 -28.24
CA GLU C 333 -23.13 -21.21 -27.61
C GLU C 333 -22.11 -20.46 -26.76
N ALA C 334 -22.40 -19.20 -26.43
CA ALA C 334 -21.58 -18.52 -25.44
C ALA C 334 -21.63 -19.27 -24.11
N TYR C 335 -20.68 -18.95 -23.26
CA TYR C 335 -20.61 -19.59 -21.96
C TYR C 335 -21.37 -18.72 -20.96
N LEU C 336 -22.31 -19.33 -20.25
CA LEU C 336 -23.12 -18.63 -19.28
C LEU C 336 -22.73 -19.15 -17.91
N LEU C 337 -22.19 -18.27 -17.06
CA LEU C 337 -21.90 -18.59 -15.66
C LEU C 337 -23.01 -17.99 -14.80
N PHE C 338 -23.74 -18.84 -14.08
CA PHE C 338 -24.88 -18.39 -13.28
C PHE C 338 -24.43 -18.11 -11.85
N CYS C 339 -24.74 -16.92 -11.37
CA CYS C 339 -24.27 -16.51 -10.05
C CYS C 339 -25.45 -15.95 -9.25
N GLY C 340 -25.48 -16.27 -7.96
CA GLY C 340 -26.58 -15.84 -7.11
C GLY C 340 -27.89 -16.41 -7.59
N ALA C 341 -27.85 -17.62 -8.13
CA ALA C 341 -28.90 -18.19 -8.95
C ALA C 341 -29.60 -19.32 -8.21
N PRO C 342 -30.90 -19.49 -8.42
CA PRO C 342 -31.57 -20.72 -7.98
C PRO C 342 -30.86 -21.95 -8.52
N VAL C 343 -30.33 -22.77 -7.61
CA VAL C 343 -29.38 -23.82 -8.00
C VAL C 343 -30.05 -24.83 -8.93
N LEU C 344 -31.05 -25.57 -8.43
CA LEU C 344 -31.57 -26.68 -9.23
C LEU C 344 -32.37 -26.20 -10.43
N ALA C 345 -33.07 -25.04 -10.33
CA ALA C 345 -33.83 -24.60 -11.50
C ALA C 345 -32.94 -24.02 -12.61
N SER C 346 -31.64 -23.93 -12.39
CA SER C 346 -30.72 -23.49 -13.42
C SER C 346 -30.18 -24.63 -14.27
N LEU C 347 -30.25 -25.87 -13.76
CA LEU C 347 -29.61 -26.99 -14.43
C LEU C 347 -30.16 -27.18 -15.83
N GLY C 348 -29.25 -27.53 -16.76
CA GLY C 348 -29.56 -27.64 -18.17
C GLY C 348 -29.58 -26.33 -18.90
N LEU C 349 -29.59 -25.20 -18.18
CA LEU C 349 -29.49 -23.87 -18.77
C LEU C 349 -28.10 -23.25 -18.59
N ALA C 350 -27.46 -23.46 -17.46
CA ALA C 350 -26.15 -22.87 -17.25
C ALA C 350 -25.07 -23.80 -17.80
N ASP C 351 -23.98 -23.21 -18.24
CA ASP C 351 -22.75 -23.97 -18.43
C ASP C 351 -21.97 -24.02 -17.12
N GLY C 352 -21.95 -22.90 -16.41
CA GLY C 352 -21.35 -22.86 -15.09
C GLY C 352 -22.31 -22.31 -14.05
N LEU C 353 -22.10 -22.75 -12.82
CA LEU C 353 -22.97 -22.44 -11.69
C LEU C 353 -22.11 -22.21 -10.45
N ARG C 354 -22.17 -21.01 -9.90
CA ARG C 354 -21.69 -20.79 -8.54
C ARG C 354 -22.58 -21.57 -7.58
N VAL C 355 -21.96 -22.25 -6.61
CA VAL C 355 -22.68 -23.13 -5.69
C VAL C 355 -22.39 -22.80 -4.24
N GLY C 356 -21.71 -21.68 -4.00
CA GLY C 356 -21.41 -21.29 -2.65
C GLY C 356 -21.34 -19.78 -2.57
N PRO C 357 -21.30 -19.26 -1.35
CA PRO C 357 -21.06 -17.82 -1.18
C PRO C 357 -19.74 -17.39 -1.82
N ASP C 358 -19.59 -16.08 -1.97
CA ASP C 358 -18.32 -15.50 -2.39
C ASP C 358 -17.17 -15.96 -1.50
N VAL C 359 -16.03 -16.21 -2.11
CA VAL C 359 -14.79 -16.27 -1.35
C VAL C 359 -14.43 -14.84 -0.97
N ALA C 360 -13.45 -14.69 -0.10
CA ALA C 360 -13.02 -13.37 0.31
C ALA C 360 -11.57 -13.50 0.75
N PRO C 361 -10.86 -12.38 0.86
CA PRO C 361 -9.48 -12.49 1.34
C PRO C 361 -9.39 -12.69 2.85
N TYR C 362 -10.24 -13.56 3.39
CA TYR C 362 -10.24 -13.83 4.81
C TYR C 362 -11.10 -15.07 5.05
N TRP C 363 -10.80 -15.77 6.14
CA TRP C 363 -11.48 -17.02 6.46
C TRP C 363 -12.96 -16.80 6.78
N ASP C 364 -13.25 -15.93 7.75
CA ASP C 364 -14.63 -15.71 8.15
C ASP C 364 -14.76 -14.34 8.79
N ASN C 365 -15.86 -13.67 8.50
CA ASN C 365 -16.21 -12.41 9.17
C ASN C 365 -17.21 -12.79 10.26
N GLU C 366 -16.68 -12.99 11.47
CA GLU C 366 -17.48 -13.53 12.56
C GLU C 366 -18.68 -12.63 12.89
N GLU C 367 -18.59 -11.34 12.57
CA GLU C 367 -19.69 -10.44 12.84
C GLU C 367 -20.90 -10.75 11.97
N ARG C 368 -20.67 -11.08 10.71
CA ARG C 368 -21.80 -11.47 9.87
C ARG C 368 -22.15 -12.96 10.04
N SER C 369 -21.16 -13.85 10.14
CA SER C 369 -21.47 -15.27 10.26
C SER C 369 -22.17 -15.61 11.56
N PHE C 370 -21.60 -15.16 12.70
CA PHE C 370 -22.10 -15.50 14.04
C PHE C 370 -23.16 -14.51 14.50
N TRP C 371 -22.77 -13.24 14.71
CA TRP C 371 -23.67 -12.29 15.37
C TRP C 371 -24.86 -11.90 14.50
N LEU C 372 -24.71 -11.86 13.18
CA LEU C 372 -25.86 -11.66 12.30
C LEU C 372 -26.39 -12.96 11.75
N ALA C 373 -25.79 -14.09 12.13
CA ALA C 373 -26.29 -15.43 11.78
C ALA C 373 -26.54 -15.52 10.27
N ASP C 374 -25.58 -15.03 9.50
CA ASP C 374 -25.68 -14.96 8.04
C ASP C 374 -24.53 -15.74 7.42
N PRO C 375 -24.69 -17.03 7.14
CA PRO C 375 -23.62 -17.78 6.50
C PRO C 375 -23.52 -17.55 5.00
N THR C 376 -24.30 -16.65 4.42
CA THR C 376 -24.21 -16.37 3.00
C THR C 376 -23.28 -15.20 2.67
N GLY C 377 -22.69 -14.59 3.69
CA GLY C 377 -21.76 -13.52 3.46
C GLY C 377 -20.47 -14.02 2.85
N PRO C 378 -19.71 -13.10 2.27
CA PRO C 378 -18.40 -13.47 1.70
C PRO C 378 -17.46 -13.99 2.80
N GLY C 379 -16.68 -14.99 2.44
CA GLY C 379 -15.75 -15.64 3.33
C GLY C 379 -15.34 -17.00 2.78
N LEU C 380 -14.07 -17.37 2.92
CA LEU C 380 -13.65 -18.66 2.38
C LEU C 380 -14.33 -19.81 3.11
N ARG C 381 -14.44 -19.72 4.44
CA ARG C 381 -15.15 -20.78 5.15
C ARG C 381 -16.58 -20.91 4.64
N ASN C 382 -17.32 -19.80 4.54
CA ASN C 382 -18.69 -19.89 4.04
C ASN C 382 -18.72 -20.52 2.64
N ALA C 383 -17.73 -20.18 1.81
CA ALA C 383 -17.74 -20.64 0.43
C ALA C 383 -17.52 -22.15 0.35
N LEU C 384 -16.47 -22.66 1.02
CA LEU C 384 -16.22 -24.09 1.01
C LEU C 384 -17.44 -24.90 1.49
N ARG C 385 -18.14 -24.41 2.52
CA ARG C 385 -19.17 -25.22 3.17
C ARG C 385 -20.34 -25.52 2.23
N SER C 386 -20.84 -24.51 1.54
CA SER C 386 -21.90 -24.81 0.59
C SER C 386 -21.36 -25.50 -0.66
N THR C 387 -20.08 -25.29 -0.99
CA THR C 387 -19.56 -25.93 -2.20
C THR C 387 -19.42 -27.44 -2.00
N LEU C 388 -18.92 -27.86 -0.84
CA LEU C 388 -18.71 -29.27 -0.58
C LEU C 388 -20.03 -30.04 -0.61
N HIS C 389 -21.12 -29.41 -0.24
CA HIS C 389 -22.41 -30.07 -0.22
C HIS C 389 -23.18 -29.92 -1.50
N ARG C 390 -22.54 -29.43 -2.57
CA ARG C 390 -23.18 -29.39 -3.88
C ARG C 390 -22.26 -29.91 -4.98
N LEU C 391 -21.15 -30.58 -4.62
CA LEU C 391 -20.30 -31.19 -5.63
C LEU C 391 -21.05 -32.24 -6.43
N TRP C 392 -22.06 -32.87 -5.83
CA TRP C 392 -22.83 -33.90 -6.51
C TRP C 392 -23.49 -33.39 -7.78
N LEU C 393 -23.42 -32.10 -8.05
CA LEU C 393 -24.00 -31.55 -9.27
C LEU C 393 -23.02 -31.56 -10.45
N MET C 394 -21.82 -32.11 -10.27
CA MET C 394 -20.76 -31.98 -11.27
C MET C 394 -21.07 -32.69 -12.58
N GLU C 395 -22.07 -33.58 -12.61
CA GLU C 395 -22.44 -34.22 -13.86
C GLU C 395 -23.62 -33.52 -14.52
N ASN C 396 -24.05 -32.38 -13.98
CA ASN C 396 -25.14 -31.61 -14.53
C ASN C 396 -24.70 -30.24 -15.05
N VAL C 397 -23.59 -29.72 -14.53
CA VAL C 397 -23.15 -28.37 -14.82
C VAL C 397 -21.69 -28.31 -14.39
N HIS C 398 -20.96 -27.32 -14.91
CA HIS C 398 -19.67 -26.98 -14.35
C HIS C 398 -19.90 -26.33 -12.99
N VAL C 399 -19.32 -26.91 -11.96
CA VAL C 399 -19.55 -26.45 -10.60
C VAL C 399 -18.46 -25.44 -10.24
N ASP C 400 -18.83 -24.16 -10.11
CA ASP C 400 -17.87 -23.12 -9.79
C ASP C 400 -17.73 -22.95 -8.28
N PRO C 401 -16.58 -23.28 -7.69
CA PRO C 401 -16.37 -23.04 -6.26
C PRO C 401 -15.93 -21.62 -5.92
N ASP C 402 -15.99 -20.71 -6.91
CA ASP C 402 -15.42 -19.34 -6.91
C ASP C 402 -13.91 -19.34 -7.11
N VAL C 403 -13.32 -18.13 -7.21
CA VAL C 403 -11.92 -17.99 -7.61
C VAL C 403 -10.99 -18.58 -6.56
N VAL C 404 -9.75 -18.84 -6.98
CA VAL C 404 -8.70 -19.33 -6.10
C VAL C 404 -7.71 -18.20 -5.89
N TYR C 405 -7.23 -18.06 -4.65
CA TYR C 405 -6.21 -17.08 -4.30
C TYR C 405 -4.84 -17.74 -4.33
N PHE C 406 -3.88 -17.03 -4.91
CA PHE C 406 -2.46 -17.35 -4.81
C PHE C 406 -1.65 -16.23 -4.17
N ARG C 407 -2.12 -14.99 -4.26
CA ARG C 407 -1.39 -13.90 -3.63
C ARG C 407 -1.47 -14.02 -2.10
N THR C 408 -0.42 -13.54 -1.44
CA THR C 408 -0.48 -13.20 -0.03
C THR C 408 -0.53 -11.70 0.21
N ARG C 409 -0.11 -10.89 -0.76
CA ARG C 409 -0.35 -9.47 -0.67
C ARG C 409 -1.86 -9.21 -0.76
N PHE C 410 -2.34 -8.25 0.03
CA PHE C 410 -3.73 -7.82 0.00
C PHE C 410 -4.66 -9.01 0.17
N ASN C 411 -4.33 -9.85 1.16
CA ASN C 411 -5.06 -11.08 1.42
C ASN C 411 -4.71 -11.55 2.83
N LEU C 412 -5.73 -11.90 3.62
CA LEU C 412 -5.56 -12.33 5.02
C LEU C 412 -5.57 -13.85 5.18
N LEU C 413 -5.89 -14.59 4.13
CA LEU C 413 -5.88 -16.04 4.21
C LEU C 413 -4.48 -16.56 4.52
N SER C 414 -4.43 -17.63 5.30
CA SER C 414 -3.18 -18.36 5.48
C SER C 414 -2.90 -19.21 4.26
N PRO C 415 -1.65 -19.65 4.09
CA PRO C 415 -1.37 -20.64 3.04
C PRO C 415 -2.16 -21.94 3.18
N GLU C 416 -2.32 -22.47 4.39
CA GLU C 416 -3.09 -23.69 4.53
C GLU C 416 -4.51 -23.48 4.02
N GLU C 417 -5.11 -22.32 4.35
CA GLU C 417 -6.48 -22.03 3.93
C GLU C 417 -6.57 -21.90 2.41
N MET C 418 -5.58 -21.27 1.80
CA MET C 418 -5.61 -21.08 0.35
C MET C 418 -5.62 -22.42 -0.39
N ARG C 419 -4.94 -23.44 0.16
CA ARG C 419 -4.81 -24.68 -0.58
C ARG C 419 -6.05 -25.54 -0.46
N LEU C 420 -6.90 -25.27 0.53
CA LEU C 420 -8.23 -25.86 0.50
C LEU C 420 -9.00 -25.43 -0.74
N GLN C 421 -8.95 -24.15 -1.05
CA GLN C 421 -9.76 -23.62 -2.15
C GLN C 421 -9.18 -24.05 -3.49
N GLU C 422 -7.85 -24.01 -3.61
CA GLU C 422 -7.17 -24.60 -4.77
C GLU C 422 -7.61 -26.04 -5.01
N ALA C 423 -7.57 -26.89 -3.98
CA ALA C 423 -7.99 -28.28 -4.11
C ALA C 423 -9.38 -28.40 -4.75
N LEU C 424 -10.36 -27.65 -4.25
CA LEU C 424 -11.71 -27.77 -4.79
C LEU C 424 -11.79 -27.31 -6.24
N ALA C 425 -10.89 -26.40 -6.64
CA ALA C 425 -10.88 -25.99 -8.03
C ALA C 425 -10.37 -27.12 -8.92
N HIS C 426 -9.28 -27.80 -8.50
CA HIS C 426 -8.82 -29.01 -9.18
C HIS C 426 -9.94 -30.03 -9.27
N PHE C 427 -10.66 -30.25 -8.16
CA PHE C 427 -11.68 -31.30 -8.13
C PHE C 427 -12.80 -31.01 -9.12
N THR C 428 -13.38 -29.82 -9.04
CA THR C 428 -14.41 -29.46 -10.02
C THR C 428 -13.82 -29.18 -11.38
N GLY C 429 -12.56 -28.77 -11.45
CA GLY C 429 -11.95 -28.40 -12.71
C GLY C 429 -12.30 -27.02 -13.21
N PHE C 430 -12.98 -26.22 -12.40
CA PHE C 430 -13.32 -24.83 -12.71
C PHE C 430 -12.22 -23.94 -12.12
N LYS C 431 -11.34 -23.41 -12.97
CA LYS C 431 -10.13 -22.74 -12.52
C LYS C 431 -10.23 -21.24 -12.80
N ALA C 432 -10.20 -20.43 -11.76
CA ALA C 432 -10.33 -19.00 -11.92
C ALA C 432 -9.55 -18.31 -10.84
N THR C 433 -9.06 -17.11 -11.14
CA THR C 433 -8.44 -16.28 -10.12
C THR C 433 -8.70 -14.81 -10.42
N SER C 434 -8.38 -13.98 -9.44
CA SER C 434 -8.49 -12.54 -9.59
C SER C 434 -7.19 -11.84 -9.28
N ASP C 435 -6.11 -12.58 -9.04
CA ASP C 435 -4.86 -12.00 -8.60
C ASP C 435 -4.21 -11.24 -9.75
N PRO C 436 -3.99 -9.92 -9.63
CA PRO C 436 -3.15 -9.26 -10.60
C PRO C 436 -1.74 -9.78 -10.46
N PRO C 437 -1.12 -10.24 -11.55
CA PRO C 437 0.22 -10.84 -11.43
C PRO C 437 1.25 -9.90 -10.83
N SER C 438 1.11 -8.59 -11.03
CA SER C 438 2.06 -7.67 -10.41
C SER C 438 1.99 -7.74 -8.89
N TRP C 439 0.85 -8.13 -8.33
CA TRP C 439 0.73 -8.33 -6.89
C TRP C 439 1.41 -9.60 -6.41
N LEU C 440 1.76 -10.51 -7.31
CA LEU C 440 2.30 -11.83 -6.95
C LEU C 440 3.82 -11.81 -6.77
N LEU C 441 4.29 -12.58 -5.76
CA LEU C 441 5.69 -12.95 -5.55
C LEU C 441 6.12 -14.01 -6.56
N PRO C 442 7.41 -14.09 -6.87
CA PRO C 442 7.87 -15.08 -7.87
C PRO C 442 7.44 -16.51 -7.55
N GLU C 443 7.52 -16.93 -6.30
CA GLU C 443 6.94 -18.20 -5.86
C GLU C 443 5.51 -18.35 -6.35
N GLU C 444 4.67 -17.33 -6.10
CA GLU C 444 3.23 -17.46 -6.29
C GLU C 444 2.89 -17.42 -7.77
N LYS C 445 3.62 -16.62 -8.56
CA LYS C 445 3.49 -16.65 -10.02
C LYS C 445 3.69 -18.05 -10.56
N GLY C 446 4.60 -18.82 -9.94
CA GLY C 446 4.83 -20.18 -10.40
C GLY C 446 3.68 -21.12 -10.07
N ARG C 447 3.23 -21.12 -8.81
CA ARG C 447 2.10 -21.97 -8.44
C ARG C 447 0.84 -21.64 -9.23
N LEU C 448 0.63 -20.35 -9.56
CA LEU C 448 -0.52 -20.00 -10.39
C LEU C 448 -0.42 -20.68 -11.75
N GLU C 449 0.74 -20.63 -12.38
CA GLU C 449 0.85 -21.24 -13.71
C GLU C 449 0.84 -22.75 -13.61
N ALA C 450 1.47 -23.31 -12.57
CA ALA C 450 1.38 -24.75 -12.35
C ALA C 450 -0.06 -25.19 -12.24
N PHE C 451 -0.88 -24.37 -11.58
CA PHE C 451 -2.29 -24.65 -11.32
C PHE C 451 -3.13 -24.60 -12.60
N LEU C 452 -2.90 -23.59 -13.43
CA LEU C 452 -3.72 -23.44 -14.63
C LEU C 452 -3.44 -24.49 -15.69
N ALA C 453 -2.23 -25.01 -15.77
CA ALA C 453 -1.81 -25.47 -17.08
C ALA C 453 -1.53 -26.96 -17.18
N ARG C 454 -1.71 -27.70 -16.09
CA ARG C 454 -1.82 -29.15 -16.17
C ARG C 454 -2.97 -29.59 -15.28
N GLU C 455 -3.64 -30.65 -15.72
CA GLU C 455 -4.82 -31.22 -15.09
C GLU C 455 -4.41 -32.20 -13.98
N VAL C 456 -4.55 -31.80 -12.73
CA VAL C 456 -4.16 -32.65 -11.60
C VAL C 456 -5.25 -33.71 -11.39
N PRO C 457 -4.90 -35.01 -11.28
CA PRO C 457 -5.94 -36.02 -11.00
C PRO C 457 -6.36 -35.95 -9.54
N VAL C 458 -7.66 -36.18 -9.31
CA VAL C 458 -8.27 -35.85 -8.02
C VAL C 458 -9.38 -36.85 -7.70
N ARG C 459 -9.40 -37.32 -6.44
CA ARG C 459 -10.30 -38.38 -6.00
C ARG C 459 -11.02 -38.00 -4.72
N ARG C 460 -12.31 -38.35 -4.66
CA ARG C 460 -13.12 -38.24 -3.45
C ARG C 460 -13.13 -39.57 -2.72
N LEU C 461 -12.66 -39.59 -1.47
CA LEU C 461 -12.72 -40.79 -0.63
C LEU C 461 -13.72 -40.68 0.50
N GLY C 462 -14.00 -39.48 0.99
CA GLY C 462 -15.06 -39.25 1.94
C GLY C 462 -15.98 -38.13 1.48
N PRO C 463 -17.03 -37.81 2.28
CA PRO C 463 -17.79 -36.56 2.02
C PRO C 463 -16.93 -35.31 2.13
N TYR C 464 -15.95 -35.30 3.06
CA TYR C 464 -15.03 -34.17 3.23
C TYR C 464 -13.56 -34.61 3.24
N ARG C 465 -13.24 -35.78 2.66
CA ARG C 465 -11.86 -36.20 2.41
C ARG C 465 -11.65 -36.33 0.91
N PHE C 466 -10.52 -35.81 0.42
CA PHE C 466 -10.20 -35.73 -1.00
C PHE C 466 -8.75 -36.11 -1.21
N ARG C 467 -8.45 -36.82 -2.32
CA ARG C 467 -7.08 -37.03 -2.80
C ARG C 467 -6.92 -36.25 -4.11
N VAL C 468 -6.29 -35.07 -4.04
CA VAL C 468 -5.95 -34.27 -5.21
C VAL C 468 -4.45 -34.47 -5.49
N GLY C 469 -4.13 -34.90 -6.72
CA GLY C 469 -2.82 -35.48 -7.01
C GLY C 469 -2.54 -36.66 -6.09
N GLU C 470 -1.85 -36.40 -4.98
CA GLU C 470 -1.78 -37.34 -3.86
C GLU C 470 -2.19 -36.74 -2.52
N GLU C 471 -2.23 -35.41 -2.38
CA GLU C 471 -2.65 -34.73 -1.15
C GLU C 471 -4.01 -35.25 -0.66
N GLU C 472 -4.10 -35.66 0.61
CA GLU C 472 -5.37 -36.12 1.19
C GLU C 472 -5.99 -34.96 1.97
N VAL C 473 -6.67 -34.08 1.24
CA VAL C 473 -7.29 -32.90 1.85
C VAL C 473 -8.54 -33.33 2.61
N ASP C 474 -8.60 -32.96 3.89
CA ASP C 474 -9.70 -33.27 4.80
C ASP C 474 -10.36 -31.96 5.23
N TYR C 475 -11.63 -31.80 4.88
CA TYR C 475 -12.45 -30.63 5.17
C TYR C 475 -13.35 -30.82 6.40
N ALA C 476 -13.20 -31.93 7.12
CA ALA C 476 -14.05 -32.18 8.29
C ALA C 476 -13.89 -31.16 9.42
N PRO C 477 -12.67 -30.64 9.73
CA PRO C 477 -12.57 -29.61 10.79
C PRO C 477 -13.49 -28.39 10.64
N LEU C 478 -13.67 -27.86 9.41
CA LEU C 478 -14.29 -26.54 9.24
C LEU C 478 -15.76 -26.52 9.70
N LEU C 479 -16.56 -27.52 9.32
CA LEU C 479 -17.99 -27.54 9.69
C LEU C 479 -18.22 -27.60 11.20
C6 9PG D . 18.47 17.24 -19.50
C5 9PG D . 19.70 16.61 -20.11
C4 9PG D . 20.23 15.47 -19.23
C3 9PG D . 21.62 15.02 -19.66
C2 9PG D . 22.56 16.20 -19.92
C1 9PG D . 21.99 17.13 -20.96
O8 9PG D . 24.17 17.07 -27.97
N 9PG D . 23.66 18.09 -27.05
O7 9PG D . 23.75 19.28 -27.32
C9 9PG D . 23.10 17.68 -25.79
C14 9PG D . 23.95 16.99 -24.95
C13 9PG D . 23.47 16.58 -23.72
C12 9PG D . 22.12 16.86 -23.32
C11 9PG D . 21.25 17.55 -24.23
C10 9PG D . 21.74 17.97 -25.45
O1 9PG D . 21.66 16.39 -22.04
O2 9PG D . 23.78 15.70 -20.33
O3 9PG D . 22.24 14.17 -18.68
O4 9PG D . 20.28 15.89 -17.86
O5 9PG D . 20.72 17.70 -20.38
O6 9PG D . 17.68 17.95 -20.54
C6 9PG E . -5.03 -9.00 22.80
C5 9PG E . -5.59 -7.74 22.21
C4 9PG E . -4.44 -6.79 21.87
C3 9PG E . -4.96 -5.44 21.45
C2 9PG E . -5.90 -4.90 22.53
C1 9PG E . -7.13 -5.80 22.68
O8 9PG E . -13.87 -4.93 19.91
N 9PG E . -13.36 -5.58 21.13
O7 9PG E . -14.12 -5.87 22.04
C9 9PG E . -11.95 -5.77 21.25
C14 9PG E . -11.17 -4.67 20.95
C13 9PG E . -9.79 -4.78 21.03
C12 9PG E . -9.18 -5.99 21.42
C11 9PG E . -10.00 -7.13 21.70
C10 9PG E . -11.36 -7.02 21.61
O1 9PG E . -7.73 -6.05 21.49
O2 9PG E . -6.21 -3.57 22.21
O3 9PG E . -3.87 -4.52 21.19
O4 9PG E . -3.59 -6.63 23.01
O5 9PG E . -6.63 -7.14 23.16
O6 9PG E . -6.15 -9.95 23.09
C6 9PG F . -20.33 -8.23 -8.02
C5 9PG F . -20.26 -9.45 -7.14
C4 9PG F . -19.28 -10.48 -7.71
C3 9PG F . -19.41 -11.76 -6.94
C2 9PG F . -20.88 -12.21 -6.84
C1 9PG F . -21.65 -11.19 -6.04
O8 9PG F . -23.93 -11.95 0.77
N 9PG F . -24.13 -10.84 -0.19
O7 9PG F . -25.06 -10.07 -0.05
C9 9PG F . -23.32 -10.72 -1.38
C14 9PG F . -22.77 -11.91 -1.84
C13 9PG F . -22.01 -11.90 -2.99
C12 9PG F . -21.79 -10.71 -3.72
C11 9PG F . -22.34 -9.48 -3.23
C10 9PG F . -23.11 -9.49 -2.09
O1 9PG F . -20.98 -10.83 -4.92
O2 9PG F . -21.03 -13.48 -6.29
O3 9PG F . -18.57 -12.71 -7.60
O4 9PG F . -19.45 -10.76 -9.12
O5 9PG F . -21.67 -10.02 -6.97
O6 9PG F . -20.97 -7.14 -7.26
#